data_4MHB
#
_entry.id   4MHB
#
_cell.length_a   128.746
_cell.length_b   128.746
_cell.length_c   277.614
_cell.angle_alpha   90
_cell.angle_beta   90
_cell.angle_gamma   90
#
_symmetry.space_group_name_H-M   'P 43 21 2'
#
loop_
_entity.id
_entity.type
_entity.pdbx_description
1 polymer 'Putative aldo/keto reductase'
2 non-polymer 'SULFATE ION'
3 water water
#
_entity_poly.entity_id   1
_entity_poly.type   'polypeptide(L)'
_entity_poly.pdbx_seq_one_letter_code
;(MSE)RYAFPTQQLKDNV(MSE)QTVKLNNGIA(MSE)PLLGFGVFQ(MSE)TNTAECERAVIDAIETGYRLIDTAASYQ
NETQVGNALKLSGIARDELFITTKLWLQDTYYEGAKAQFERSLNRLQLDYVDLYLIHQPYGDVHGAWRA(MSE)EELHQA
GKIRAIGVSNFHPDRLADL(MSE)AFNKIIPAVNQIEVNPFNQQLHAVPW(MSE)QSRGIQPEAWAPFAEGRNGLFQNPV
LTAIGEKYGKSVGQVVLRWIFQRGIVSLAKSVRKGR(MSE)EENINILDFELSAED(MSE)LQIAALDTATSAFFSHRDP
A(MSE)VEWLTGRKLDV
;
_entity_poly.pdbx_strand_id   A,B,C,D,E,F
#
# COMPACT_ATOMS: atom_id res chain seq x y z
N GLN A 16 2.17 19.85 32.53
CA GLN A 16 2.39 20.77 31.43
C GLN A 16 3.83 20.57 30.96
N THR A 17 4.01 20.56 29.65
CA THR A 17 5.36 20.42 29.09
C THR A 17 5.58 21.54 28.11
N VAL A 18 6.83 21.72 27.69
CA VAL A 18 7.12 22.54 26.54
C VAL A 18 7.86 21.70 25.50
N LYS A 19 7.64 22.01 24.24
CA LYS A 19 8.41 21.36 23.16
C LYS A 19 9.72 22.09 22.91
N LEU A 20 10.82 21.36 22.99
CA LEU A 20 12.11 21.95 22.70
C LEU A 20 12.32 22.13 21.20
N ASN A 21 13.42 22.81 20.85
CA ASN A 21 13.68 23.08 19.45
C ASN A 21 13.94 21.86 18.56
N ASN A 22 14.23 20.71 19.16
CA ASN A 22 14.34 19.45 18.39
C ASN A 22 13.10 18.57 18.50
N GLY A 23 12.03 19.11 19.06
CA GLY A 23 10.76 18.39 19.08
C GLY A 23 10.47 17.61 20.35
N ILE A 24 11.47 17.41 21.21
CA ILE A 24 11.17 16.58 22.41
C ILE A 24 10.43 17.37 23.49
N ALA A 25 9.57 16.69 24.25
CA ALA A 25 8.77 17.38 25.28
C ALA A 25 9.50 17.34 26.60
N PRO A 27 9.09 18.46 30.80
CA PRO A 27 8.17 19.01 31.81
C PRO A 27 8.52 20.45 32.22
N LEU A 28 7.49 21.25 32.51
CA LEU A 28 7.74 22.61 32.97
C LEU A 28 8.13 22.70 34.46
N LEU A 29 7.75 21.67 35.24
CA LEU A 29 8.09 21.69 36.67
C LEU A 29 9.03 20.51 36.98
N GLY A 30 10.21 20.84 37.48
CA GLY A 30 11.23 19.84 37.79
C GLY A 30 11.76 19.95 39.20
N PHE A 31 12.48 18.90 39.60
CA PHE A 31 13.04 18.77 40.93
C PHE A 31 14.55 18.70 40.75
N GLY A 32 15.29 19.51 41.47
CA GLY A 32 16.75 19.45 41.39
C GLY A 32 17.39 18.96 42.67
N VAL A 33 18.45 18.16 42.56
CA VAL A 33 19.18 17.73 43.71
C VAL A 33 20.43 18.59 43.79
N PHE A 34 21.14 18.52 44.88
CA PHE A 34 22.39 19.32 44.87
C PHE A 34 23.39 18.59 45.70
N GLN A 35 24.54 19.19 45.97
CA GLN A 35 25.52 18.48 46.77
C GLN A 35 24.94 18.26 48.16
N THR A 37 25.63 16.27 52.10
CA THR A 37 26.52 15.56 53.00
C THR A 37 26.13 14.09 53.07
N ASN A 38 24.83 13.83 53.12
CA ASN A 38 24.37 12.46 53.24
C ASN A 38 23.75 11.92 51.95
N THR A 39 24.29 10.80 51.49
CA THR A 39 23.82 10.13 50.29
C THR A 39 22.38 9.66 50.46
N ALA A 40 22.05 9.16 51.65
CA ALA A 40 20.74 8.61 51.89
C ALA A 40 19.66 9.67 51.72
N GLU A 41 19.94 10.87 52.21
CA GLU A 41 18.95 11.95 52.13
C GLU A 41 18.70 12.31 50.66
N CYS A 42 19.75 12.30 49.86
CA CYS A 42 19.67 12.62 48.43
C CYS A 42 18.80 11.56 47.72
N GLU A 43 19.10 10.29 47.99
CA GLU A 43 18.36 9.24 47.32
C GLU A 43 16.87 9.25 47.75
N ARG A 44 16.60 9.41 49.04
CA ARG A 44 15.21 9.45 49.52
C ARG A 44 14.47 10.67 48.94
N ALA A 45 15.15 11.79 48.82
CA ALA A 45 14.50 12.96 48.23
C ALA A 45 14.04 12.72 46.79
N VAL A 46 14.85 12.05 45.98
CA VAL A 46 14.46 11.81 44.61
C VAL A 46 13.28 10.82 44.58
N ILE A 47 13.31 9.78 45.43
CA ILE A 47 12.14 8.90 45.55
C ILE A 47 10.87 9.70 45.90
N ASP A 48 10.97 10.57 46.91
CA ASP A 48 9.83 11.36 47.36
C ASP A 48 9.36 12.32 46.22
N ALA A 49 10.31 12.89 45.51
CA ALA A 49 9.95 13.82 44.42
C ALA A 49 9.17 13.09 43.31
N ILE A 50 9.63 11.89 42.93
CA ILE A 50 8.91 11.10 41.95
C ILE A 50 7.51 10.69 42.43
N GLU A 51 7.44 10.27 43.70
CA GLU A 51 6.17 9.92 44.31
C GLU A 51 5.22 11.13 44.31
N THR A 52 5.78 12.32 44.52
CA THR A 52 4.99 13.56 44.53
C THR A 52 4.42 13.93 43.14
N GLY A 53 5.05 13.46 42.06
CA GLY A 53 4.56 13.73 40.72
C GLY A 53 5.62 14.30 39.79
N TYR A 54 6.81 14.60 40.30
CA TYR A 54 7.89 15.10 39.44
C TYR A 54 8.38 14.01 38.48
N ARG A 55 8.58 14.39 37.22
CA ARG A 55 9.13 13.48 36.22
C ARG A 55 10.42 14.07 35.60
N LEU A 56 10.58 15.39 35.69
CA LEU A 56 11.88 16.00 35.37
C LEU A 56 12.80 16.01 36.65
N ILE A 57 13.93 15.31 36.57
CA ILE A 57 14.84 15.19 37.67
C ILE A 57 16.23 15.68 37.17
N ASP A 58 16.85 16.59 37.92
CA ASP A 58 18.08 17.30 37.46
C ASP A 58 19.22 17.03 38.46
N THR A 59 20.33 16.55 37.91
CA THR A 59 21.55 16.46 38.67
C THR A 59 22.74 16.98 37.85
N ALA A 60 23.97 16.73 38.31
CA ALA A 60 25.18 17.16 37.56
C ALA A 60 26.31 16.27 38.05
N ALA A 61 27.29 16.01 37.21
CA ALA A 61 28.44 15.21 37.61
C ALA A 61 29.11 15.84 38.84
N SER A 62 29.18 17.17 38.86
CA SER A 62 29.94 17.83 39.95
C SER A 62 29.23 17.76 41.30
N TYR A 63 27.94 17.42 41.33
CA TYR A 63 27.25 17.28 42.63
C TYR A 63 27.66 16.02 43.34
N GLN A 64 28.34 15.11 42.61
CA GLN A 64 28.81 13.85 43.19
C GLN A 64 27.71 12.98 43.80
N ASN A 65 26.53 13.04 43.22
CA ASN A 65 25.41 12.25 43.71
C ASN A 65 24.72 11.49 42.60
N GLU A 66 25.33 11.39 41.41
CA GLU A 66 24.65 10.68 40.34
C GLU A 66 24.30 9.23 40.69
N THR A 67 25.16 8.57 41.45
CA THR A 67 24.89 7.20 41.84
C THR A 67 23.60 7.13 42.68
N GLN A 68 23.45 8.06 43.62
CA GLN A 68 22.24 8.11 44.46
C GLN A 68 20.99 8.42 43.63
N VAL A 69 21.13 9.31 42.65
CA VAL A 69 20.00 9.62 41.77
C VAL A 69 19.60 8.34 40.99
N GLY A 70 20.59 7.64 40.44
CA GLY A 70 20.33 6.43 39.69
C GLY A 70 19.65 5.35 40.56
N ASN A 71 20.11 5.21 41.78
CA ASN A 71 19.49 4.23 42.71
C ASN A 71 18.04 4.59 42.97
N ALA A 72 17.78 5.89 43.16
CA ALA A 72 16.41 6.33 43.44
C ALA A 72 15.51 6.05 42.25
N LEU A 73 15.99 6.25 41.02
CA LEU A 73 15.14 5.92 39.88
C LEU A 73 14.74 4.43 39.89
N LYS A 74 15.70 3.56 40.21
CA LYS A 74 15.42 2.11 40.28
C LYS A 74 14.35 1.81 41.34
N LEU A 75 14.38 2.57 42.44
CA LEU A 75 13.41 2.38 43.54
C LEU A 75 12.02 3.02 43.30
N SER A 76 11.91 3.84 42.25
CA SER A 76 10.69 4.64 42.08
C SER A 76 9.51 3.87 41.52
N GLY A 77 9.80 2.81 40.79
CA GLY A 77 8.76 2.06 40.13
C GLY A 77 8.17 2.74 38.90
N ILE A 78 8.80 3.82 38.44
CA ILE A 78 8.34 4.47 37.24
C ILE A 78 9.14 4.05 36.00
N ALA A 79 8.46 3.82 34.89
CA ALA A 79 9.11 3.35 33.66
C ALA A 79 10.11 4.39 33.17
N ARG A 80 11.23 3.93 32.61
CA ARG A 80 12.28 4.83 32.08
C ARG A 80 11.74 5.88 31.10
N ASP A 81 10.83 5.47 30.24
CA ASP A 81 10.30 6.37 29.22
C ASP A 81 9.35 7.45 29.74
N GLU A 82 9.05 7.38 31.02
CA GLU A 82 8.21 8.43 31.63
C GLU A 82 9.05 9.42 32.41
N LEU A 83 10.35 9.18 32.50
CA LEU A 83 11.23 10.07 33.29
C LEU A 83 12.08 10.96 32.37
N PHE A 84 12.34 12.20 32.77
CA PHE A 84 13.17 13.10 31.96
C PHE A 84 14.38 13.44 32.85
N ILE A 85 15.51 12.82 32.55
CA ILE A 85 16.67 12.93 33.43
C ILE A 85 17.69 13.88 32.80
N THR A 86 18.16 14.86 33.58
CA THR A 86 19.22 15.78 33.11
C THR A 86 20.48 15.60 33.96
N THR A 87 21.65 15.53 33.31
CA THR A 87 22.87 15.73 34.04
C THR A 87 23.81 16.67 33.26
N LYS A 88 24.99 16.94 33.82
CA LYS A 88 25.81 18.01 33.31
C LYS A 88 27.28 17.66 33.40
N LEU A 89 27.98 18.02 32.35
CA LEU A 89 29.44 17.80 32.22
C LEU A 89 30.21 18.79 33.09
N TRP A 90 31.11 18.27 33.92
CA TRP A 90 31.90 19.08 34.82
C TRP A 90 33.23 19.46 34.08
N LEU A 91 33.72 20.69 34.29
CA LEU A 91 34.74 21.32 33.45
C LEU A 91 36.10 20.65 33.34
N GLN A 92 36.44 19.74 34.24
CA GLN A 92 37.73 19.06 34.03
C GLN A 92 37.75 18.25 32.78
N ASP A 93 36.56 17.96 32.24
CA ASP A 93 36.44 17.22 30.97
C ASP A 93 35.73 18.01 29.83
N THR A 94 35.71 19.32 29.96
CA THR A 94 35.15 20.17 28.88
C THR A 94 36.19 20.31 27.77
N TYR A 95 36.23 19.26 26.94
CA TYR A 95 36.98 19.21 25.66
C TYR A 95 36.50 17.95 24.97
N TYR A 96 36.94 17.70 23.75
CA TYR A 96 36.31 16.66 22.93
C TYR A 96 36.40 15.26 23.54
N GLU A 97 37.62 14.77 23.82
CA GLU A 97 37.74 13.38 24.28
C GLU A 97 37.21 13.25 25.71
N GLY A 98 37.48 14.26 26.51
CA GLY A 98 37.02 14.26 27.91
C GLY A 98 35.51 14.21 28.04
N ALA A 99 34.79 14.93 27.16
CA ALA A 99 33.34 15.00 27.31
C ALA A 99 32.78 13.60 27.12
N LYS A 100 33.31 12.87 26.15
CA LYS A 100 32.79 11.52 25.91
C LYS A 100 33.12 10.60 27.10
N ALA A 101 34.33 10.71 27.64
CA ALA A 101 34.70 9.86 28.79
C ALA A 101 33.87 10.14 30.02
N GLN A 102 33.74 11.41 30.38
CA GLN A 102 32.96 11.72 31.58
C GLN A 102 31.48 11.40 31.37
N PHE A 103 30.96 11.66 30.17
CA PHE A 103 29.57 11.31 29.89
C PHE A 103 29.29 9.81 30.11
N GLU A 104 30.18 8.95 29.65
CA GLU A 104 30.00 7.52 29.90
C GLU A 104 30.10 7.17 31.38
N ARG A 105 30.97 7.85 32.13
CA ARG A 105 31.01 7.66 33.59
C ARG A 105 29.68 8.07 34.26
N SER A 106 29.11 9.16 33.82
CA SER A 106 27.81 9.64 34.32
C SER A 106 26.71 8.60 34.02
N LEU A 107 26.68 8.06 32.80
CA LEU A 107 25.65 7.06 32.48
C LEU A 107 25.79 5.87 33.40
N ASN A 108 27.03 5.45 33.62
CA ASN A 108 27.27 4.27 34.46
C ASN A 108 26.80 4.51 35.89
N ARG A 109 27.15 5.67 36.44
CA ARG A 109 26.68 6.04 37.79
C ARG A 109 25.14 6.11 37.88
N LEU A 110 24.53 6.71 36.86
CA LEU A 110 23.06 6.86 36.80
C LEU A 110 22.35 5.53 36.49
N GLN A 111 23.11 4.51 36.07
CA GLN A 111 22.50 3.26 35.63
C GLN A 111 21.51 3.44 34.49
N LEU A 112 21.87 4.29 33.52
CA LEU A 112 21.01 4.56 32.38
C LEU A 112 21.75 4.23 31.06
N ASP A 113 20.96 3.99 30.03
CA ASP A 113 21.50 3.82 28.66
C ASP A 113 21.51 5.11 27.88
N TYR A 114 20.69 6.07 28.32
CA TYR A 114 20.65 7.40 27.66
C TYR A 114 20.21 8.41 28.69
N VAL A 115 20.49 9.69 28.43
CA VAL A 115 19.89 10.74 29.26
C VAL A 115 19.02 11.63 28.36
N ASP A 116 18.02 12.26 28.94
CA ASP A 116 17.14 13.10 28.15
C ASP A 116 17.77 14.43 27.79
N LEU A 117 18.57 14.97 28.71
CA LEU A 117 19.18 16.29 28.48
C LEU A 117 20.56 16.27 29.12
N TYR A 118 21.59 16.66 28.36
CA TYR A 118 22.95 16.76 28.89
C TYR A 118 23.44 18.17 28.64
N LEU A 119 23.93 18.83 29.69
CA LEU A 119 24.35 20.22 29.61
C LEU A 119 25.82 20.39 29.89
N ILE A 120 26.46 21.34 29.19
CA ILE A 120 27.74 21.85 29.68
C ILE A 120 27.44 22.68 30.94
N HIS A 121 28.04 22.33 32.08
CA HIS A 121 27.61 22.93 33.35
C HIS A 121 28.06 24.41 33.48
N GLN A 122 29.26 24.71 32.97
CA GLN A 122 29.84 26.08 33.15
C GLN A 122 30.41 26.56 31.83
N PRO A 123 30.45 27.90 31.66
CA PRO A 123 30.99 28.47 30.42
C PRO A 123 32.54 28.55 30.40
N TYR A 124 33.22 27.47 30.84
CA TYR A 124 34.68 27.48 30.94
C TYR A 124 35.25 26.27 30.23
N GLY A 125 36.50 26.40 29.81
CA GLY A 125 37.15 25.29 29.10
C GLY A 125 36.84 25.25 27.62
N ASP A 126 37.16 24.11 27.00
CA ASP A 126 37.09 24.01 25.52
C ASP A 126 35.65 23.66 25.18
N VAL A 127 34.82 24.70 25.22
CA VAL A 127 33.39 24.49 25.10
C VAL A 127 33.04 24.02 23.71
N HIS A 128 33.71 24.56 22.68
CA HIS A 128 33.41 24.11 21.34
C HIS A 128 33.78 22.61 21.13
N GLY A 129 34.94 22.20 21.62
CA GLY A 129 35.34 20.78 21.50
C GLY A 129 34.37 19.87 22.25
N ALA A 130 34.00 20.27 23.47
CA ALA A 130 32.98 19.48 24.22
C ALA A 130 31.64 19.41 23.45
N TRP A 131 31.23 20.53 22.87
CA TRP A 131 29.97 20.54 22.11
C TRP A 131 30.01 19.60 20.88
N ARG A 132 31.10 19.59 20.14
CA ARG A 132 31.21 18.67 18.99
C ARG A 132 31.05 17.22 19.47
N ALA A 133 31.66 16.90 20.62
CA ALA A 133 31.51 15.55 21.21
C ALA A 133 30.05 15.28 21.58
N GLU A 135 27.33 16.76 20.31
CA GLU A 135 26.56 16.55 19.09
C GLU A 135 26.69 15.08 18.62
N GLU A 136 27.90 14.54 18.67
CA GLU A 136 28.11 13.13 18.23
C GLU A 136 27.39 12.14 19.15
N LEU A 137 27.42 12.42 20.45
CA LEU A 137 26.74 11.52 21.41
C LEU A 137 25.25 11.56 21.20
N HIS A 138 24.71 12.75 20.87
CA HIS A 138 23.29 12.89 20.55
C HIS A 138 23.00 12.09 19.29
N GLN A 139 23.85 12.23 18.28
CA GLN A 139 23.62 11.54 16.98
C GLN A 139 23.80 10.01 17.11
N ALA A 140 24.45 9.58 18.19
CA ALA A 140 24.63 8.16 18.51
C ALA A 140 23.44 7.58 19.32
N GLY A 141 22.45 8.43 19.63
CA GLY A 141 21.24 8.02 20.32
C GLY A 141 21.37 7.95 21.84
N LYS A 142 22.45 8.53 22.36
CA LYS A 142 22.70 8.44 23.83
C LYS A 142 22.17 9.63 24.60
N ILE A 143 21.75 10.68 23.90
CA ILE A 143 21.28 11.91 24.54
C ILE A 143 20.14 12.46 23.71
N ARG A 144 18.97 12.65 24.33
CA ARG A 144 17.84 13.14 23.54
C ARG A 144 17.94 14.63 23.17
N ALA A 145 18.57 15.45 24.03
CA ALA A 145 18.70 16.88 23.73
C ALA A 145 19.98 17.37 24.42
N ILE A 146 20.71 18.28 23.78
CA ILE A 146 21.90 18.83 24.40
C ILE A 146 21.74 20.33 24.64
N GLY A 147 22.38 20.81 25.70
CA GLY A 147 22.27 22.23 26.03
C GLY A 147 23.41 22.66 26.94
N VAL A 148 23.23 23.83 27.54
CA VAL A 148 24.30 24.42 28.35
C VAL A 148 23.68 25.04 29.62
N SER A 149 24.55 25.56 30.48
CA SER A 149 24.12 26.14 31.75
C SER A 149 25.03 27.38 32.02
N ASN A 150 24.46 28.47 32.56
CA ASN A 150 25.25 29.64 32.95
C ASN A 150 25.93 30.31 31.76
N PHE A 151 25.33 30.20 30.55
CA PHE A 151 25.86 30.94 29.38
C PHE A 151 25.09 32.25 29.22
N HIS A 152 25.81 33.38 29.18
CA HIS A 152 25.18 34.65 28.78
C HIS A 152 24.85 34.62 27.27
N PRO A 153 23.97 35.53 26.80
CA PRO A 153 23.61 35.54 25.38
C PRO A 153 24.82 35.61 24.44
N ASP A 154 25.85 36.40 24.79
CA ASP A 154 27.05 36.41 23.91
C ASP A 154 27.63 35.01 23.70
N ARG A 155 27.70 34.23 24.78
CA ARG A 155 28.29 32.87 24.70
C ARG A 155 27.36 31.93 23.93
N LEU A 156 26.05 32.11 24.08
CA LEU A 156 25.09 31.31 23.29
C LEU A 156 25.24 31.64 21.79
N ALA A 157 25.27 32.92 21.47
CA ALA A 157 25.40 33.33 20.06
C ALA A 157 26.70 32.77 19.45
N ASP A 158 27.80 32.82 20.22
CA ASP A 158 29.08 32.28 19.79
C ASP A 158 28.95 30.78 19.52
N LEU A 159 28.40 30.03 20.46
CA LEU A 159 28.30 28.58 20.28
C LEU A 159 27.44 28.24 19.04
N ALA A 161 27.00 30.14 16.35
CA ALA A 161 27.55 30.62 15.09
C ALA A 161 28.45 29.55 14.47
N PHE A 162 29.11 28.73 15.29
CA PHE A 162 30.16 27.87 14.77
C PHE A 162 29.76 26.40 14.73
N ASN A 163 28.59 26.06 15.24
CA ASN A 163 28.24 24.63 15.36
C ASN A 163 26.95 24.22 14.68
N LYS A 164 26.70 22.91 14.67
CA LYS A 164 25.57 22.40 13.94
C LYS A 164 24.25 22.44 14.69
N ILE A 165 24.28 22.07 15.97
CA ILE A 165 23.08 21.98 16.74
C ILE A 165 22.96 23.19 17.69
N ILE A 166 21.82 23.86 17.67
CA ILE A 166 21.60 24.98 18.59
C ILE A 166 21.19 24.39 19.96
N PRO A 167 21.77 24.92 21.06
CA PRO A 167 21.45 24.34 22.37
C PRO A 167 19.94 24.35 22.62
N ALA A 168 19.42 23.24 23.12
CA ALA A 168 17.99 23.12 23.35
C ALA A 168 17.55 23.86 24.62
N VAL A 169 18.45 23.90 25.61
CA VAL A 169 18.12 24.46 26.92
C VAL A 169 19.35 25.25 27.42
N ASN A 170 19.12 26.34 28.11
CA ASN A 170 20.21 27.00 28.85
C ASN A 170 19.69 27.18 30.28
N GLN A 171 20.36 26.52 31.24
CA GLN A 171 19.87 26.55 32.62
C GLN A 171 20.61 27.65 33.35
N ILE A 172 19.90 28.67 33.79
CA ILE A 172 20.50 29.83 34.43
C ILE A 172 19.76 30.23 35.69
N GLU A 173 20.40 31.01 36.55
CA GLU A 173 19.72 31.47 37.76
C GLU A 173 18.56 32.40 37.35
N VAL A 174 17.37 32.11 37.88
CA VAL A 174 16.20 33.02 37.65
C VAL A 174 15.47 33.10 38.99
N ASN A 175 15.43 34.30 39.60
CA ASN A 175 14.65 34.49 40.81
C ASN A 175 14.21 35.96 40.86
N PRO A 176 13.42 36.35 41.87
CA PRO A 176 12.92 37.73 41.81
C PRO A 176 13.97 38.86 41.89
N PHE A 177 15.17 38.59 42.37
CA PHE A 177 16.24 39.62 42.34
C PHE A 177 17.17 39.51 41.15
N ASN A 178 17.08 38.41 40.40
CA ASN A 178 17.93 38.24 39.22
C ASN A 178 17.06 37.65 38.12
N GLN A 179 16.32 38.53 37.44
CA GLN A 179 15.17 38.04 36.68
C GLN A 179 15.46 37.67 35.24
N GLN A 180 16.66 37.99 34.77
CA GLN A 180 17.04 37.74 33.37
C GLN A 180 16.03 38.39 32.40
N LEU A 181 15.71 39.69 32.66
CA LEU A 181 14.64 40.37 31.94
C LEU A 181 14.91 40.45 30.43
N HIS A 182 16.20 40.58 30.06
CA HIS A 182 16.57 40.52 28.63
C HIS A 182 17.01 39.13 28.18
N ALA A 183 17.78 38.44 29.00
CA ALA A 183 18.38 37.18 28.53
C ALA A 183 17.29 36.13 28.24
N VAL A 184 16.23 36.09 29.05
CA VAL A 184 15.15 35.14 28.79
C VAL A 184 14.47 35.36 27.42
N PRO A 185 13.94 36.57 27.14
CA PRO A 185 13.43 36.82 25.78
C PRO A 185 14.49 36.59 24.69
N TRP A 186 15.75 36.92 24.93
CA TRP A 186 16.77 36.71 23.89
C TRP A 186 16.85 35.18 23.61
N GLN A 188 14.57 32.86 24.12
CA GLN A 188 13.32 32.37 23.52
C GLN A 188 13.21 32.79 22.09
N SER A 189 13.72 33.97 21.79
CA SER A 189 13.67 34.48 20.41
C SER A 189 14.55 33.67 19.45
N ARG A 190 15.53 32.95 20.00
CA ARG A 190 16.44 32.12 19.24
C ARG A 190 16.06 30.62 19.32
N GLY A 191 14.96 30.34 20.00
CA GLY A 191 14.43 28.97 20.13
C GLY A 191 15.14 28.17 21.20
N ILE A 192 15.85 28.83 22.09
CA ILE A 192 16.49 28.16 23.25
C ILE A 192 15.58 28.22 24.47
N GLN A 193 15.34 27.09 25.12
CA GLN A 193 14.41 27.05 26.25
C GLN A 193 15.14 27.41 27.54
N PRO A 194 14.70 28.47 28.22
CA PRO A 194 15.35 28.79 29.50
C PRO A 194 14.87 27.86 30.60
N GLU A 195 15.77 27.57 31.52
CA GLU A 195 15.39 26.72 32.65
C GLU A 195 15.97 27.37 33.89
N ALA A 196 15.15 27.58 34.93
CA ALA A 196 15.60 28.34 36.09
C ALA A 196 16.22 27.47 37.18
N TRP A 197 17.41 27.86 37.64
CA TRP A 197 17.87 27.32 38.94
C TRP A 197 17.87 28.40 40.02
N ALA A 198 17.89 27.94 41.27
CA ALA A 198 17.73 28.82 42.44
C ALA A 198 16.56 29.81 42.33
N PRO A 199 15.34 29.30 42.12
CA PRO A 199 14.19 30.21 41.96
C PRO A 199 13.92 31.03 43.22
N PHE A 200 14.32 30.52 44.39
CA PHE A 200 14.10 31.24 45.66
C PHE A 200 15.35 31.98 46.15
N ALA A 201 16.39 32.06 45.30
CA ALA A 201 17.66 32.70 45.66
C ALA A 201 18.20 32.07 46.94
N GLU A 202 17.96 30.77 47.08
CA GLU A 202 18.24 30.01 48.31
C GLU A 202 17.88 30.77 49.59
N GLY A 203 16.80 31.56 49.54
CA GLY A 203 16.28 32.28 50.68
C GLY A 203 17.04 33.57 50.97
N ARG A 204 18.06 33.83 50.17
CA ARG A 204 18.92 34.97 50.42
C ARG A 204 18.13 36.28 50.34
N ASN A 205 18.67 37.36 50.90
CA ASN A 205 18.05 38.70 50.85
C ASN A 205 16.58 38.78 51.29
N GLY A 206 16.23 37.96 52.27
CA GLY A 206 14.89 37.95 52.85
C GLY A 206 13.75 37.71 51.88
N LEU A 207 13.98 36.86 50.89
CA LEU A 207 12.99 36.64 49.84
C LEU A 207 11.69 36.04 50.36
N PHE A 208 11.81 35.10 51.29
CA PHE A 208 10.64 34.39 51.82
C PHE A 208 9.68 35.29 52.58
N GLN A 209 10.21 36.35 53.18
CA GLN A 209 9.39 37.32 53.88
C GLN A 209 9.09 38.60 53.04
N ASN A 210 9.51 38.62 51.78
CA ASN A 210 9.28 39.82 50.95
C ASN A 210 7.81 40.25 50.93
N PRO A 211 7.55 41.51 51.29
CA PRO A 211 6.15 41.92 51.49
C PRO A 211 5.30 41.86 50.24
N VAL A 212 5.91 42.14 49.08
CA VAL A 212 5.18 42.10 47.82
C VAL A 212 4.76 40.66 47.48
N LEU A 213 5.71 39.74 47.59
CA LEU A 213 5.43 38.34 47.28
C LEU A 213 4.42 37.72 48.27
N THR A 214 4.58 38.09 49.55
CA THR A 214 3.69 37.62 50.58
C THR A 214 2.26 38.09 50.32
N ALA A 215 2.11 39.36 49.96
CA ALA A 215 0.77 39.91 49.71
C ALA A 215 0.10 39.25 48.51
N ILE A 216 0.88 38.98 47.45
CA ILE A 216 0.32 38.32 46.27
C ILE A 216 -0.13 36.91 46.64
N GLY A 217 0.70 36.23 47.42
CA GLY A 217 0.35 34.88 47.85
C GLY A 217 -0.95 34.85 48.66
N GLU A 218 -1.12 35.82 49.55
CA GLU A 218 -2.34 35.86 50.38
C GLU A 218 -3.61 36.03 49.53
N LYS A 219 -3.48 36.64 48.35
CA LYS A 219 -4.61 36.74 47.44
C LYS A 219 -5.15 35.39 47.02
N TYR A 220 -4.28 34.38 46.96
CA TYR A 220 -4.64 33.11 46.34
C TYR A 220 -4.56 31.95 47.33
N GLY A 221 -4.19 32.25 48.57
CA GLY A 221 -3.92 31.20 49.55
C GLY A 221 -2.72 30.33 49.15
N LYS A 222 -1.69 30.97 48.58
CA LYS A 222 -0.47 30.29 48.13
C LYS A 222 0.72 30.90 48.87
N SER A 223 1.78 30.12 49.02
CA SER A 223 2.98 30.57 49.71
C SER A 223 3.80 31.47 48.80
N VAL A 224 4.77 32.17 49.38
CA VAL A 224 5.73 32.93 48.54
C VAL A 224 6.39 32.04 47.52
N GLY A 225 6.80 30.84 47.93
CA GLY A 225 7.46 29.95 46.99
C GLY A 225 6.58 29.56 45.82
N GLN A 226 5.31 29.28 46.11
CA GLN A 226 4.35 28.95 45.03
C GLN A 226 4.16 30.14 44.09
N VAL A 227 4.08 31.34 44.66
CA VAL A 227 3.97 32.57 43.82
C VAL A 227 5.19 32.68 42.87
N VAL A 228 6.38 32.48 43.42
CA VAL A 228 7.59 32.60 42.61
C VAL A 228 7.59 31.55 41.53
N LEU A 229 7.27 30.28 41.85
CA LEU A 229 7.30 29.26 40.79
C LEU A 229 6.23 29.54 39.70
N ARG A 230 5.08 30.06 40.13
CA ARG A 230 4.02 30.39 39.18
C ARG A 230 4.48 31.52 38.26
N TRP A 231 5.19 32.49 38.82
CA TRP A 231 5.71 33.63 38.03
C TRP A 231 6.68 33.11 36.95
N ILE A 232 7.57 32.20 37.36
CA ILE A 232 8.53 31.58 36.42
C ILE A 232 7.78 30.83 35.31
N PHE A 233 6.78 30.05 35.72
CA PHE A 233 5.94 29.30 34.77
C PHE A 233 5.27 30.22 33.75
N GLN A 234 4.71 31.33 34.22
CA GLN A 234 3.99 32.23 33.34
C GLN A 234 4.90 32.95 32.36
N ARG A 235 6.21 33.00 32.66
CA ARG A 235 7.17 33.54 31.71
C ARG A 235 7.62 32.49 30.71
N GLY A 236 7.11 31.27 30.84
CA GLY A 236 7.44 30.25 29.84
C GLY A 236 8.81 29.62 30.12
N ILE A 237 9.20 29.64 31.39
CA ILE A 237 10.53 29.16 31.80
C ILE A 237 10.31 27.83 32.62
N VAL A 238 11.10 26.82 32.34
CA VAL A 238 11.05 25.53 33.10
C VAL A 238 11.68 25.81 34.47
N SER A 239 11.16 25.27 35.60
CA SER A 239 11.81 25.61 36.88
C SER A 239 12.36 24.36 37.56
N LEU A 240 13.42 24.53 38.36
CA LEU A 240 13.90 23.45 39.23
C LEU A 240 13.76 23.91 40.69
N ALA A 241 13.00 23.16 41.48
CA ALA A 241 12.82 23.48 42.87
C ALA A 241 13.37 22.34 43.69
N LYS A 242 14.14 22.67 44.73
CA LYS A 242 14.68 21.61 45.60
C LYS A 242 14.14 21.67 47.01
N SER A 243 13.91 20.52 47.63
CA SER A 243 13.62 20.44 49.04
C SER A 243 13.96 19.02 49.41
N VAL A 244 14.22 18.77 50.69
CA VAL A 244 14.34 17.40 51.15
C VAL A 244 13.13 17.01 51.99
N ARG A 245 12.16 17.91 52.07
CA ARG A 245 10.93 17.64 52.80
C ARG A 245 9.77 17.43 51.84
N LYS A 246 9.14 16.27 51.94
CA LYS A 246 8.10 15.87 51.00
C LYS A 246 6.93 16.85 50.98
N GLY A 247 6.57 17.38 52.14
CA GLY A 247 5.45 18.31 52.21
C GLY A 247 5.73 19.60 51.43
N ARG A 248 6.98 20.06 51.45
CA ARG A 248 7.34 21.22 50.61
C ARG A 248 7.28 20.87 49.13
N GLU A 250 5.31 18.85 47.77
CA GLU A 250 3.89 18.78 47.44
C GLU A 250 3.36 20.20 47.20
N GLU A 251 3.82 21.14 48.03
CA GLU A 251 3.49 22.55 47.83
C GLU A 251 4.04 23.12 46.51
N ASN A 252 5.32 22.86 46.26
CA ASN A 252 6.01 23.43 45.08
C ASN A 252 5.39 22.96 43.76
N ILE A 253 4.93 21.72 43.71
CA ILE A 253 4.37 21.23 42.46
C ILE A 253 2.91 21.67 42.26
N ASN A 254 2.26 22.07 43.36
CA ASN A 254 0.83 22.42 43.33
C ASN A 254 0.64 23.89 42.95
N ILE A 255 0.97 24.22 41.71
CA ILE A 255 0.86 25.60 41.25
C ILE A 255 0.07 25.70 39.95
N LEU A 256 -0.57 24.61 39.56
CA LEU A 256 -1.34 24.60 38.32
C LEU A 256 -2.84 24.91 38.57
N ASP A 257 -3.18 25.33 39.79
CA ASP A 257 -4.57 25.58 40.19
C ASP A 257 -4.88 27.07 40.45
N PHE A 258 -3.94 27.95 40.08
CA PHE A 258 -4.16 29.37 40.23
C PHE A 258 -3.36 30.09 39.17
N GLU A 259 -3.60 31.38 39.02
CA GLU A 259 -2.81 32.17 38.10
C GLU A 259 -2.56 33.57 38.63
N LEU A 260 -1.42 34.13 38.25
CA LEU A 260 -1.04 35.49 38.63
C LEU A 260 -1.58 36.47 37.59
N SER A 261 -2.15 37.57 38.05
CA SER A 261 -2.63 38.61 37.11
C SER A 261 -1.51 39.45 36.47
N ALA A 262 -1.87 40.22 35.43
CA ALA A 262 -0.97 41.21 34.85
C ALA A 262 -0.42 42.13 35.93
N GLU A 263 -1.29 42.57 36.83
CA GLU A 263 -0.84 43.45 37.90
C GLU A 263 0.18 42.74 38.82
N ASP A 264 -0.09 41.48 39.14
CA ASP A 264 0.82 40.66 39.96
C ASP A 264 2.19 40.59 39.27
N LEU A 266 3.53 42.50 37.03
CA LEU A 266 4.18 43.79 37.10
C LEU A 266 4.88 44.09 38.46
N GLN A 267 4.16 43.86 39.53
CA GLN A 267 4.72 44.07 40.87
C GLN A 267 5.96 43.19 41.10
N ILE A 268 5.93 41.97 40.58
CA ILE A 268 7.10 41.10 40.70
C ILE A 268 8.28 41.62 39.85
N ALA A 269 8.01 42.01 38.58
CA ALA A 269 9.11 42.52 37.74
C ALA A 269 9.86 43.67 38.44
N ALA A 270 9.11 44.50 39.18
CA ALA A 270 9.68 45.67 39.84
C ALA A 270 10.74 45.30 40.88
N LEU A 271 10.72 44.04 41.35
CA LEU A 271 11.74 43.59 42.34
C LEU A 271 13.14 43.38 41.78
N ASP A 272 13.25 43.25 40.45
CA ASP A 272 14.55 42.89 39.85
C ASP A 272 15.73 43.85 40.14
N THR A 273 16.89 43.30 40.49
CA THR A 273 18.16 44.08 40.56
C THR A 273 19.21 43.56 39.59
N ALA A 274 18.89 42.50 38.85
CA ALA A 274 19.78 41.92 37.86
C ALA A 274 21.10 41.55 38.54
N THR A 275 20.97 41.10 39.75
CA THR A 275 22.11 40.71 40.58
C THR A 275 22.05 39.26 41.04
N SER A 276 23.02 38.46 40.63
CA SER A 276 23.04 37.06 41.14
C SER A 276 23.06 37.02 42.63
N ALA A 277 22.39 36.02 43.19
CA ALA A 277 22.46 35.79 44.63
C ALA A 277 23.80 35.12 45.06
N PHE A 278 24.62 34.74 44.08
CA PHE A 278 25.77 33.85 44.31
C PHE A 278 27.04 34.54 43.85
N PHE A 279 27.17 34.74 42.55
CA PHE A 279 28.38 35.38 42.00
C PHE A 279 28.22 35.55 40.51
N SER A 280 29.15 36.29 39.87
CA SER A 280 29.13 36.44 38.41
C SER A 280 30.10 35.47 37.74
N HIS A 281 29.61 34.85 36.68
CA HIS A 281 30.45 33.92 35.94
C HIS A 281 31.47 34.72 35.09
N ARG A 282 31.31 36.05 35.02
CA ARG A 282 32.28 36.93 34.32
C ARG A 282 33.36 37.49 35.28
N ASP A 283 33.30 37.11 36.57
CA ASP A 283 34.29 37.59 37.56
C ASP A 283 35.53 36.66 37.44
N PRO A 284 36.72 37.20 37.04
CA PRO A 284 37.87 36.30 36.83
C PRO A 284 38.26 35.54 38.11
N ALA A 285 37.96 36.08 39.29
CA ALA A 285 38.26 35.30 40.54
C ALA A 285 37.39 34.04 40.62
N VAL A 287 36.21 32.48 37.91
CA VAL A 287 36.81 31.58 36.92
C VAL A 287 38.00 30.83 37.53
N GLU A 288 38.88 31.58 38.18
CA GLU A 288 40.08 31.01 38.75
C GLU A 288 39.70 29.96 39.81
N TRP A 289 38.71 30.29 40.64
CA TRP A 289 38.27 29.37 41.70
C TRP A 289 37.64 28.07 41.13
N LEU A 290 36.65 28.20 40.26
CA LEU A 290 35.93 27.01 39.74
C LEU A 290 36.83 26.12 38.89
N THR A 291 37.64 26.72 38.02
CA THR A 291 38.51 25.93 37.15
C THR A 291 39.67 25.25 37.92
N GLY A 292 39.92 25.66 39.17
CA GLY A 292 40.92 24.98 40.01
C GLY A 292 40.40 23.81 40.82
N ARG A 293 39.08 23.61 40.83
CA ARG A 293 38.53 22.50 41.62
C ARG A 293 38.83 21.13 41.01
N LYS A 294 39.19 20.15 41.85
CA LYS A 294 39.54 18.81 41.36
C LYS A 294 38.53 17.81 41.97
N LEU A 295 37.70 17.20 41.12
CA LEU A 295 36.64 16.27 41.58
C LEU A 295 36.85 14.88 40.99
N ASP A 296 36.53 13.85 41.75
CA ASP A 296 36.65 12.49 41.27
C ASP A 296 35.34 12.06 40.64
N VAL A 297 35.04 12.61 39.46
CA VAL A 297 33.84 12.28 38.72
C VAL A 297 34.16 12.09 37.23
N GLN B 16 -25.76 20.98 14.00
CA GLN B 16 -25.47 21.44 12.68
C GLN B 16 -25.94 20.38 11.68
N THR B 17 -26.61 20.81 10.60
CA THR B 17 -27.06 19.89 9.57
C THR B 17 -26.59 20.41 8.22
N VAL B 18 -26.59 19.55 7.21
CA VAL B 18 -26.43 19.97 5.86
C VAL B 18 -27.69 19.60 5.07
N LYS B 19 -28.01 20.39 4.06
CA LYS B 19 -29.16 20.09 3.20
C LYS B 19 -28.70 19.24 2.02
N LEU B 20 -29.29 18.06 1.83
CA LEU B 20 -28.86 17.22 0.73
C LEU B 20 -29.45 17.71 -0.60
N ASN B 21 -29.07 17.08 -1.70
CA ASN B 21 -29.50 17.56 -3.02
C ASN B 21 -31.02 17.44 -3.28
N ASN B 22 -31.71 16.63 -2.50
CA ASN B 22 -33.19 16.53 -2.60
C ASN B 22 -33.93 17.37 -1.56
N GLY B 23 -33.17 18.22 -0.86
CA GLY B 23 -33.76 19.14 0.11
C GLY B 23 -33.82 18.67 1.57
N ILE B 24 -33.58 17.40 1.85
CA ILE B 24 -33.73 16.98 3.25
C ILE B 24 -32.50 17.32 4.09
N ALA B 25 -32.70 17.52 5.38
CA ALA B 25 -31.61 17.91 6.27
C ALA B 25 -30.98 16.66 6.90
N PRO B 27 -27.97 15.44 9.81
CA PRO B 27 -26.98 15.91 10.80
C PRO B 27 -25.54 15.77 10.33
N LEU B 28 -24.68 16.73 10.69
CA LEU B 28 -23.27 16.64 10.34
C LEU B 28 -22.47 15.67 11.23
N LEU B 29 -22.97 15.40 12.44
CA LEU B 29 -22.28 14.47 13.33
C LEU B 29 -23.15 13.25 13.58
N GLY B 30 -22.63 12.08 13.20
CA GLY B 30 -23.33 10.83 13.34
C GLY B 30 -22.60 9.77 14.16
N PHE B 31 -23.36 8.75 14.55
CA PHE B 31 -22.83 7.61 15.30
C PHE B 31 -22.96 6.36 14.45
N GLY B 32 -21.88 5.60 14.35
CA GLY B 32 -21.90 4.39 13.57
C GLY B 32 -21.73 3.14 14.37
N VAL B 33 -22.57 2.15 14.08
CA VAL B 33 -22.43 0.82 14.64
C VAL B 33 -21.78 -0.08 13.61
N PHE B 34 -20.96 -1.00 14.08
CA PHE B 34 -20.27 -1.93 13.20
C PHE B 34 -20.39 -3.32 13.80
N GLN B 35 -20.12 -4.36 13.02
CA GLN B 35 -20.46 -5.70 13.45
C GLN B 35 -19.83 -5.98 14.79
N THR B 37 -19.61 -8.81 18.19
CA THR B 37 -19.87 -10.15 18.67
C THR B 37 -21.06 -10.12 19.63
N ASN B 38 -21.10 -9.09 20.48
CA ASN B 38 -22.13 -9.03 21.49
C ASN B 38 -23.27 -8.09 21.11
N THR B 39 -24.46 -8.67 20.95
CA THR B 39 -25.68 -7.95 20.64
C THR B 39 -26.09 -6.93 21.71
N ALA B 40 -25.93 -7.26 22.97
CA ALA B 40 -26.31 -6.33 24.01
C ALA B 40 -25.46 -5.05 23.95
N GLU B 41 -24.17 -5.21 23.70
CA GLU B 41 -23.28 -4.06 23.63
C GLU B 41 -23.67 -3.14 22.50
N CYS B 42 -24.03 -3.71 21.38
CA CYS B 42 -24.45 -2.91 20.26
C CYS B 42 -25.73 -2.13 20.58
N GLU B 43 -26.70 -2.82 21.19
CA GLU B 43 -27.93 -2.17 21.54
C GLU B 43 -27.71 -1.06 22.57
N ARG B 44 -26.91 -1.34 23.60
CA ARG B 44 -26.67 -0.33 24.62
C ARG B 44 -25.90 0.87 24.03
N ALA B 45 -24.97 0.61 23.13
CA ALA B 45 -24.19 1.68 22.56
C ALA B 45 -25.09 2.65 21.79
N VAL B 46 -26.08 2.13 21.06
CA VAL B 46 -26.99 3.01 20.35
C VAL B 46 -27.84 3.82 21.34
N ILE B 47 -28.36 3.16 22.36
CA ILE B 47 -29.07 3.88 23.42
C ILE B 47 -28.21 5.00 23.97
N ASP B 48 -26.96 4.68 24.30
CA ASP B 48 -26.02 5.67 24.87
C ASP B 48 -25.72 6.83 23.88
N ALA B 49 -25.57 6.47 22.62
CA ALA B 49 -25.33 7.48 21.58
C ALA B 49 -26.49 8.47 21.50
N ILE B 50 -27.73 7.97 21.51
CA ILE B 50 -28.87 8.87 21.44
C ILE B 50 -29.01 9.75 22.69
N GLU B 51 -28.78 9.14 23.85
CA GLU B 51 -28.78 9.89 25.09
C GLU B 51 -27.74 11.01 25.05
N THR B 52 -26.58 10.72 24.45
CA THR B 52 -25.49 11.68 24.32
C THR B 52 -25.82 12.85 23.39
N GLY B 53 -26.80 12.65 22.51
CA GLY B 53 -27.28 13.69 21.63
C GLY B 53 -27.21 13.36 20.14
N TYR B 54 -26.69 12.18 19.77
CA TYR B 54 -26.67 11.81 18.36
C TYR B 54 -28.09 11.53 17.85
N ARG B 55 -28.34 11.95 16.60
CA ARG B 55 -29.63 11.74 15.99
C ARG B 55 -29.46 11.07 14.62
N LEU B 56 -28.26 11.17 14.05
CA LEU B 56 -27.84 10.36 12.89
C LEU B 56 -27.24 9.03 13.38
N ILE B 57 -27.91 7.91 13.08
CA ILE B 57 -27.47 6.58 13.48
C ILE B 57 -27.29 5.75 12.20
N ASP B 58 -26.13 5.14 12.05
CA ASP B 58 -25.74 4.41 10.82
C ASP B 58 -25.51 2.93 11.11
N THR B 59 -26.18 2.09 10.34
CA THR B 59 -25.91 0.68 10.34
C THR B 59 -25.85 0.13 8.91
N ALA B 60 -25.86 -1.19 8.74
CA ALA B 60 -25.87 -1.80 7.39
C ALA B 60 -26.39 -3.21 7.53
N ALA B 61 -27.06 -3.73 6.50
CA ALA B 61 -27.57 -5.09 6.59
C ALA B 61 -26.43 -6.08 6.91
N SER B 62 -25.25 -5.85 6.31
CA SER B 62 -24.14 -6.79 6.46
C SER B 62 -23.51 -6.79 7.88
N TYR B 63 -23.84 -5.80 8.72
CA TYR B 63 -23.30 -5.78 10.08
C TYR B 63 -24.04 -6.78 10.97
N GLN B 64 -25.17 -7.29 10.49
CA GLN B 64 -25.99 -8.28 11.19
C GLN B 64 -26.46 -7.83 12.57
N ASN B 65 -26.71 -6.53 12.69
CA ASN B 65 -27.17 -5.96 13.94
C ASN B 65 -28.36 -5.04 13.79
N GLU B 66 -29.01 -5.02 12.62
CA GLU B 66 -30.20 -4.17 12.47
C GLU B 66 -31.26 -4.39 13.54
N THR B 67 -31.44 -5.63 13.99
CA THR B 67 -32.48 -5.87 14.98
C THR B 67 -32.12 -5.14 16.31
N GLN B 68 -30.85 -5.18 16.66
CA GLN B 68 -30.40 -4.53 17.90
C GLN B 68 -30.52 -3.03 17.76
N VAL B 69 -30.21 -2.52 16.56
CA VAL B 69 -30.35 -1.09 16.34
C VAL B 69 -31.83 -0.70 16.47
N GLY B 70 -32.73 -1.50 15.89
CA GLY B 70 -34.16 -1.21 15.98
C GLY B 70 -34.66 -1.24 17.42
N ASN B 71 -34.21 -2.25 18.16
CA ASN B 71 -34.55 -2.36 19.59
C ASN B 71 -34.11 -1.11 20.35
N ALA B 72 -32.88 -0.67 20.10
CA ALA B 72 -32.36 0.51 20.79
C ALA B 72 -33.20 1.74 20.48
N LEU B 73 -33.65 1.91 19.24
CA LEU B 73 -34.52 3.05 18.94
C LEU B 73 -35.79 3.03 19.76
N LYS B 74 -36.36 1.85 19.94
CA LYS B 74 -37.58 1.71 20.76
C LYS B 74 -37.31 2.15 22.21
N LEU B 75 -36.11 1.84 22.71
CA LEU B 75 -35.76 2.14 24.12
C LEU B 75 -35.33 3.59 24.35
N SER B 76 -35.12 4.34 23.27
CA SER B 76 -34.46 5.64 23.38
C SER B 76 -35.39 6.73 23.88
N GLY B 77 -36.69 6.55 23.65
CA GLY B 77 -37.67 7.56 24.02
C GLY B 77 -37.69 8.78 23.10
N ILE B 78 -37.06 8.67 21.92
CA ILE B 78 -37.02 9.78 20.98
C ILE B 78 -38.00 9.53 19.82
N ALA B 79 -38.78 10.53 19.43
CA ALA B 79 -39.77 10.36 18.37
C ALA B 79 -39.09 10.05 17.04
N ARG B 80 -39.78 9.23 16.24
CA ARG B 80 -39.23 8.76 14.96
C ARG B 80 -38.80 9.91 14.07
N ASP B 81 -39.58 10.98 14.05
CA ASP B 81 -39.29 12.08 13.14
C ASP B 81 -38.11 12.93 13.56
N GLU B 82 -37.56 12.62 14.72
CA GLU B 82 -36.35 13.30 15.18
C GLU B 82 -35.08 12.50 14.93
N LEU B 83 -35.22 11.29 14.42
CA LEU B 83 -34.07 10.42 14.20
C LEU B 83 -33.77 10.31 12.71
N PHE B 84 -32.49 10.22 12.35
CA PHE B 84 -32.08 10.03 10.97
C PHE B 84 -31.37 8.68 10.87
N ILE B 85 -32.08 7.67 10.35
CA ILE B 85 -31.55 6.32 10.33
C ILE B 85 -31.03 5.96 8.94
N THR B 86 -29.79 5.47 8.88
CA THR B 86 -29.23 4.97 7.61
C THR B 86 -29.00 3.46 7.71
N THR B 87 -29.33 2.72 6.65
CA THR B 87 -28.80 1.38 6.49
C THR B 87 -28.37 1.16 5.05
N LYS B 88 -27.91 -0.06 4.74
CA LYS B 88 -27.17 -0.28 3.52
C LYS B 88 -27.45 -1.67 2.94
N LEU B 89 -27.65 -1.71 1.64
CA LEU B 89 -27.92 -2.94 0.91
C LEU B 89 -26.65 -3.77 0.75
N TRP B 90 -26.72 -5.02 1.19
CA TRP B 90 -25.61 -5.98 1.10
C TRP B 90 -25.64 -6.70 -0.25
N LEU B 91 -24.46 -6.91 -0.87
CA LEU B 91 -24.32 -7.25 -2.28
C LEU B 91 -24.95 -8.54 -2.77
N GLN B 92 -25.37 -9.43 -1.89
CA GLN B 92 -26.01 -10.63 -2.39
C GLN B 92 -27.35 -10.29 -2.99
N ASP B 93 -27.86 -9.09 -2.65
CA ASP B 93 -29.10 -8.61 -3.25
C ASP B 93 -28.98 -7.31 -4.09
N THR B 94 -27.77 -7.05 -4.57
CA THR B 94 -27.55 -5.90 -5.47
C THR B 94 -27.99 -6.23 -6.88
N TYR B 95 -29.32 -6.14 -7.10
CA TYR B 95 -29.96 -6.27 -8.40
C TYR B 95 -31.39 -5.85 -8.13
N TYR B 96 -32.23 -5.78 -9.17
CA TYR B 96 -33.51 -5.09 -9.03
C TYR B 96 -34.48 -5.74 -8.02
N GLU B 97 -34.79 -7.02 -8.23
CA GLU B 97 -35.73 -7.69 -7.35
C GLU B 97 -35.13 -7.89 -5.98
N GLY B 98 -33.83 -8.18 -5.92
CA GLY B 98 -33.19 -8.43 -4.63
C GLY B 98 -33.16 -7.20 -3.74
N ALA B 99 -33.00 -6.02 -4.34
CA ALA B 99 -32.86 -4.82 -3.55
C ALA B 99 -34.17 -4.60 -2.80
N LYS B 100 -35.29 -4.82 -3.47
CA LYS B 100 -36.58 -4.63 -2.82
C LYS B 100 -36.80 -5.65 -1.71
N ALA B 101 -36.44 -6.91 -1.98
CA ALA B 101 -36.56 -7.98 -0.94
C ALA B 101 -35.73 -7.68 0.31
N GLN B 102 -34.44 -7.38 0.12
CA GLN B 102 -33.59 -7.20 1.27
C GLN B 102 -33.96 -5.89 1.98
N PHE B 103 -34.35 -4.87 1.21
CA PHE B 103 -34.76 -3.62 1.86
C PHE B 103 -35.92 -3.84 2.86
N GLU B 104 -36.92 -4.56 2.40
CA GLU B 104 -38.06 -4.89 3.28
C GLU B 104 -37.65 -5.71 4.50
N ARG B 105 -36.69 -6.64 4.33
CA ARG B 105 -36.16 -7.39 5.48
C ARG B 105 -35.46 -6.46 6.47
N SER B 106 -34.74 -5.48 5.93
CA SER B 106 -34.07 -4.50 6.76
C SER B 106 -35.08 -3.65 7.54
N LEU B 107 -36.16 -3.22 6.86
CA LEU B 107 -37.19 -2.44 7.56
C LEU B 107 -37.77 -3.23 8.70
N ASN B 108 -38.02 -4.51 8.43
CA ASN B 108 -38.62 -5.38 9.45
C ASN B 108 -37.71 -5.53 10.66
N ARG B 109 -36.44 -5.82 10.41
CA ARG B 109 -35.46 -5.89 11.50
C ARG B 109 -35.36 -4.57 12.30
N LEU B 110 -35.33 -3.45 11.59
CA LEU B 110 -35.21 -2.13 12.24
C LEU B 110 -36.48 -1.69 12.93
N GLN B 111 -37.58 -2.41 12.67
CA GLN B 111 -38.91 -2.03 13.12
C GLN B 111 -39.31 -0.63 12.70
N LEU B 112 -39.06 -0.28 11.44
CA LEU B 112 -39.39 1.03 10.92
C LEU B 112 -40.31 0.91 9.71
N ASP B 113 -41.02 2.00 9.41
CA ASP B 113 -41.85 2.09 8.23
C ASP B 113 -41.11 2.72 7.06
N TYR B 114 -40.03 3.44 7.37
CA TYR B 114 -39.18 4.07 6.35
C TYR B 114 -37.78 4.23 6.91
N VAL B 115 -36.81 4.47 6.03
CA VAL B 115 -35.51 4.87 6.53
C VAL B 115 -35.16 6.22 5.92
N ASP B 116 -34.34 6.99 6.61
CA ASP B 116 -33.97 8.31 6.09
C ASP B 116 -32.99 8.22 4.94
N LEU B 117 -32.03 7.30 5.04
CA LEU B 117 -31.02 7.17 4.00
C LEU B 117 -30.73 5.69 3.74
N TYR B 118 -30.82 5.27 2.49
CA TYR B 118 -30.46 3.89 2.11
C TYR B 118 -29.35 3.91 1.10
N LEU B 119 -28.28 3.15 1.38
CA LEU B 119 -27.10 3.18 0.52
C LEU B 119 -26.81 1.82 -0.11
N ILE B 120 -26.32 1.82 -1.34
CA ILE B 120 -25.65 0.63 -1.86
C ILE B 120 -24.30 0.51 -1.13
N HIS B 121 -24.08 -0.58 -0.41
CA HIS B 121 -22.93 -0.63 0.52
C HIS B 121 -21.62 -0.73 -0.24
N GLN B 122 -21.61 -1.49 -1.34
CA GLN B 122 -20.34 -1.76 -2.09
C GLN B 122 -20.53 -1.57 -3.58
N PRO B 123 -19.43 -1.22 -4.27
CA PRO B 123 -19.54 -0.97 -5.71
C PRO B 123 -19.46 -2.27 -6.56
N TYR B 124 -20.18 -3.30 -6.12
CA TYR B 124 -20.14 -4.59 -6.80
C TYR B 124 -21.53 -5.06 -7.11
N GLY B 125 -21.65 -5.93 -8.13
CA GLY B 125 -22.94 -6.47 -8.51
C GLY B 125 -23.73 -5.53 -9.42
N ASP B 126 -25.03 -5.81 -9.55
CA ASP B 126 -25.85 -5.15 -10.59
C ASP B 126 -26.31 -3.83 -9.98
N VAL B 127 -25.39 -2.87 -9.97
CA VAL B 127 -25.64 -1.66 -9.22
C VAL B 127 -26.73 -0.81 -9.90
N HIS B 128 -26.73 -0.77 -11.24
CA HIS B 128 -27.82 -0.11 -11.92
C HIS B 128 -29.22 -0.69 -11.66
N GLY B 129 -29.35 -2.02 -11.65
CA GLY B 129 -30.67 -2.63 -11.35
C GLY B 129 -31.10 -2.30 -9.91
N ALA B 130 -30.16 -2.38 -8.96
CA ALA B 130 -30.47 -2.03 -7.57
C ALA B 130 -30.89 -0.57 -7.48
N TRP B 131 -30.20 0.29 -8.21
CA TRP B 131 -30.49 1.73 -8.18
C TRP B 131 -31.89 2.01 -8.71
N ARG B 132 -32.29 1.34 -9.77
CA ARG B 132 -33.65 1.54 -10.28
C ARG B 132 -34.70 1.18 -9.24
N ALA B 133 -34.45 0.07 -8.51
CA ALA B 133 -35.38 -0.39 -7.47
C ALA B 133 -35.44 0.65 -6.34
N GLU B 135 -34.73 3.84 -6.56
CA GLU B 135 -35.45 5.05 -7.03
C GLU B 135 -36.97 4.90 -6.83
N GLU B 136 -37.47 3.71 -7.09
CA GLU B 136 -38.90 3.44 -6.95
C GLU B 136 -39.32 3.41 -5.49
N LEU B 137 -38.46 2.83 -4.65
CA LEU B 137 -38.73 2.81 -3.20
C LEU B 137 -38.74 4.22 -2.62
N HIS B 138 -37.83 5.06 -3.11
CA HIS B 138 -37.74 6.46 -2.70
C HIS B 138 -39.01 7.19 -3.13
N GLN B 139 -39.39 6.98 -4.38
CA GLN B 139 -40.62 7.58 -4.92
C GLN B 139 -41.84 7.14 -4.15
N ALA B 140 -41.85 5.89 -3.67
CA ALA B 140 -42.98 5.38 -2.89
C ALA B 140 -43.01 5.85 -1.42
N GLY B 141 -42.04 6.68 -1.03
CA GLY B 141 -42.04 7.20 0.32
C GLY B 141 -41.40 6.34 1.40
N LYS B 142 -40.75 5.24 1.01
CA LYS B 142 -40.14 4.34 2.00
C LYS B 142 -38.70 4.72 2.35
N ILE B 143 -38.09 5.57 1.53
CA ILE B 143 -36.72 6.04 1.75
C ILE B 143 -36.68 7.53 1.47
N ARG B 144 -36.23 8.34 2.45
CA ARG B 144 -36.14 9.80 2.23
C ARG B 144 -35.01 10.26 1.28
N ALA B 145 -33.90 9.51 1.19
CA ALA B 145 -32.76 9.85 0.33
C ALA B 145 -32.03 8.56 -0.01
N ILE B 146 -31.67 8.39 -1.27
CA ILE B 146 -30.84 7.25 -1.64
C ILE B 146 -29.41 7.64 -1.98
N GLY B 147 -28.46 6.74 -1.69
CA GLY B 147 -27.05 7.00 -2.00
C GLY B 147 -26.24 5.74 -2.12
N VAL B 148 -24.93 5.88 -2.05
CA VAL B 148 -24.03 4.75 -2.27
C VAL B 148 -22.90 4.87 -1.24
N SER B 149 -22.02 3.88 -1.22
CA SER B 149 -20.87 3.85 -0.31
C SER B 149 -19.70 3.22 -1.07
N ASN B 150 -18.49 3.73 -0.82
CA ASN B 150 -17.28 3.17 -1.43
C ASN B 150 -17.24 3.27 -2.96
N PHE B 151 -17.92 4.27 -3.55
CA PHE B 151 -17.84 4.49 -4.99
C PHE B 151 -16.78 5.55 -5.27
N HIS B 152 -15.80 5.23 -6.11
CA HIS B 152 -14.90 6.26 -6.64
C HIS B 152 -15.66 7.20 -7.61
N PRO B 153 -15.10 8.39 -7.92
CA PRO B 153 -15.76 9.31 -8.83
C PRO B 153 -16.17 8.69 -10.18
N ASP B 154 -15.34 7.80 -10.73
CA ASP B 154 -15.72 7.18 -12.01
C ASP B 154 -17.06 6.43 -11.88
N ARG B 155 -17.23 5.72 -10.77
CA ARG B 155 -18.44 4.91 -10.54
C ARG B 155 -19.61 5.84 -10.25
N LEU B 156 -19.38 6.96 -9.55
CA LEU B 156 -20.45 7.93 -9.35
C LEU B 156 -20.90 8.54 -10.70
N ALA B 157 -19.93 8.92 -11.53
CA ALA B 157 -20.27 9.53 -12.82
C ALA B 157 -21.03 8.57 -13.70
N ASP B 158 -20.64 7.30 -13.67
CA ASP B 158 -21.34 6.28 -14.43
C ASP B 158 -22.79 6.11 -13.95
N LEU B 159 -22.99 6.00 -12.65
CA LEU B 159 -24.34 5.82 -12.10
C LEU B 159 -25.24 7.01 -12.49
N ALA B 161 -24.88 9.03 -15.07
CA ALA B 161 -25.05 9.23 -16.51
C ALA B 161 -26.28 8.49 -16.99
N PHE B 162 -26.64 7.39 -16.31
CA PHE B 162 -27.64 6.47 -16.86
C PHE B 162 -28.96 6.44 -16.08
N ASN B 163 -29.02 7.18 -14.97
CA ASN B 163 -30.20 7.15 -14.11
C ASN B 163 -30.80 8.49 -13.83
N LYS B 164 -31.96 8.46 -13.19
CA LYS B 164 -32.71 9.67 -12.89
C LYS B 164 -32.25 10.39 -11.65
N ILE B 165 -32.03 9.65 -10.56
CA ILE B 165 -31.72 10.32 -9.29
C ILE B 165 -30.23 10.32 -9.03
N ILE B 166 -29.69 11.50 -8.74
CA ILE B 166 -28.25 11.60 -8.43
C ILE B 166 -28.09 11.19 -6.93
N PRO B 167 -27.11 10.29 -6.64
CA PRO B 167 -26.96 9.88 -5.23
C PRO B 167 -26.87 11.06 -4.29
N ALA B 168 -27.59 11.00 -3.18
CA ALA B 168 -27.58 12.11 -2.23
C ALA B 168 -26.32 12.10 -1.39
N VAL B 169 -25.79 10.90 -1.13
CA VAL B 169 -24.66 10.73 -0.23
C VAL B 169 -23.77 9.64 -0.82
N ASN B 170 -22.45 9.80 -0.64
CA ASN B 170 -21.52 8.71 -0.90
C ASN B 170 -20.68 8.57 0.36
N GLN B 171 -20.82 7.42 1.03
CA GLN B 171 -20.12 7.20 2.27
C GLN B 171 -18.79 6.51 2.02
N ILE B 172 -17.69 7.19 2.33
CA ILE B 172 -16.33 6.70 1.99
C ILE B 172 -15.36 6.88 3.16
N GLU B 173 -14.28 6.11 3.14
CA GLU B 173 -13.26 6.26 4.20
C GLU B 173 -12.63 7.66 4.09
N VAL B 174 -12.66 8.40 5.19
CA VAL B 174 -11.95 9.71 5.21
C VAL B 174 -11.21 9.77 6.54
N ASN B 175 -9.88 9.84 6.52
CA ASN B 175 -9.12 10.03 7.74
C ASN B 175 -7.81 10.72 7.36
N PRO B 176 -6.98 11.08 8.36
CA PRO B 176 -5.79 11.88 7.97
C PRO B 176 -4.78 11.17 7.06
N PHE B 177 -4.81 9.84 6.94
CA PHE B 177 -3.93 9.19 5.92
C PHE B 177 -4.59 8.88 4.59
N ASN B 178 -5.91 9.02 4.52
CA ASN B 178 -6.64 8.77 3.27
C ASN B 178 -7.68 9.88 3.14
N GLN B 179 -7.25 11.04 2.65
CA GLN B 179 -8.03 12.24 2.88
C GLN B 179 -9.05 12.53 1.78
N GLN B 180 -9.00 11.78 0.67
CA GLN B 180 -9.91 12.02 -0.45
C GLN B 180 -9.81 13.45 -0.95
N LEU B 181 -8.55 13.91 -1.13
CA LEU B 181 -8.30 15.33 -1.47
C LEU B 181 -8.99 15.75 -2.78
N HIS B 182 -9.03 14.85 -3.77
CA HIS B 182 -9.78 15.11 -4.99
C HIS B 182 -11.25 14.64 -4.94
N ALA B 183 -11.49 13.46 -4.40
CA ALA B 183 -12.80 12.85 -4.51
C ALA B 183 -13.85 13.66 -3.75
N VAL B 184 -13.48 14.19 -2.58
CA VAL B 184 -14.42 15.01 -1.83
C VAL B 184 -14.88 16.26 -2.64
N PRO B 185 -13.95 17.10 -3.13
CA PRO B 185 -14.45 18.22 -3.96
C PRO B 185 -15.17 17.79 -5.21
N TRP B 186 -14.74 16.68 -5.82
CA TRP B 186 -15.46 16.16 -7.00
C TRP B 186 -16.93 15.86 -6.61
N GLN B 188 -18.65 17.06 -4.08
CA GLN B 188 -19.37 18.24 -3.68
C GLN B 188 -19.73 19.04 -4.93
N SER B 189 -18.83 19.04 -5.90
CA SER B 189 -19.08 19.84 -7.09
C SER B 189 -20.28 19.33 -7.91
N ARG B 190 -20.65 18.06 -7.68
CA ARG B 190 -21.75 17.43 -8.34
C ARG B 190 -22.99 17.42 -7.44
N GLY B 191 -22.89 17.99 -6.24
CA GLY B 191 -24.02 18.01 -5.30
C GLY B 191 -24.24 16.72 -4.50
N ILE B 192 -23.24 15.85 -4.51
CA ILE B 192 -23.24 14.61 -3.70
C ILE B 192 -22.60 14.91 -2.34
N GLN B 193 -23.27 14.58 -1.23
CA GLN B 193 -22.73 14.92 0.09
C GLN B 193 -21.78 13.80 0.51
N PRO B 194 -20.52 14.13 0.79
CA PRO B 194 -19.63 13.07 1.29
C PRO B 194 -19.91 12.79 2.76
N GLU B 195 -19.71 11.54 3.13
CA GLU B 195 -19.88 11.14 4.52
C GLU B 195 -18.72 10.22 4.88
N ALA B 196 -18.02 10.53 5.97
CA ALA B 196 -16.79 9.80 6.32
C ALA B 196 -17.00 8.59 7.20
N TRP B 197 -16.48 7.43 6.77
CA TRP B 197 -16.32 6.33 7.72
C TRP B 197 -14.85 6.15 8.11
N ALA B 198 -14.62 5.49 9.25
CA ALA B 198 -13.26 5.32 9.83
C ALA B 198 -12.43 6.60 9.92
N PRO B 199 -12.98 7.64 10.56
CA PRO B 199 -12.27 8.91 10.64
C PRO B 199 -10.95 8.79 11.38
N PHE B 200 -10.84 7.79 12.27
CA PHE B 200 -9.61 7.56 13.05
C PHE B 200 -8.72 6.48 12.49
N ALA B 201 -9.06 5.98 11.27
CA ALA B 201 -8.31 4.90 10.63
C ALA B 201 -8.22 3.68 11.57
N GLU B 202 -9.26 3.50 12.39
CA GLU B 202 -9.29 2.56 13.52
C GLU B 202 -8.00 2.46 14.35
N GLY B 203 -7.35 3.60 14.55
CA GLY B 203 -6.15 3.69 15.37
C GLY B 203 -4.88 3.29 14.66
N ARG B 204 -5.03 2.77 13.44
CA ARG B 204 -3.92 2.18 12.70
C ARG B 204 -2.87 3.26 12.45
N ASN B 205 -1.64 2.83 12.15
CA ASN B 205 -0.52 3.74 11.87
C ASN B 205 -0.23 4.82 12.92
N GLY B 206 -0.45 4.52 14.19
CA GLY B 206 -0.12 5.48 15.25
C GLY B 206 -0.91 6.79 15.24
N LEU B 207 -2.07 6.80 14.62
CA LEU B 207 -2.90 8.03 14.53
C LEU B 207 -3.09 8.74 15.86
N PHE B 208 -3.45 7.98 16.90
CA PHE B 208 -3.82 8.64 18.15
C PHE B 208 -2.62 9.24 18.88
N GLN B 209 -1.42 8.91 18.42
CA GLN B 209 -0.23 9.51 18.99
C GLN B 209 0.50 10.41 17.98
N ASN B 210 -0.11 10.66 16.83
CA ASN B 210 0.52 11.53 15.83
C ASN B 210 0.91 12.90 16.39
N PRO B 211 2.19 13.29 16.24
CA PRO B 211 2.67 14.52 16.87
C PRO B 211 1.99 15.79 16.35
N VAL B 212 1.65 15.83 15.07
CA VAL B 212 0.98 17.01 14.54
C VAL B 212 -0.43 17.17 15.12
N LEU B 213 -1.20 16.07 15.13
CA LEU B 213 -2.55 16.09 15.63
C LEU B 213 -2.54 16.36 17.13
N THR B 214 -1.58 15.78 17.85
CA THR B 214 -1.55 15.99 19.29
C THR B 214 -1.24 17.44 19.62
N ALA B 215 -0.30 18.03 18.88
CA ALA B 215 0.07 19.43 19.12
C ALA B 215 -1.10 20.37 18.86
N ILE B 216 -1.89 20.09 17.83
CA ILE B 216 -3.04 20.93 17.47
C ILE B 216 -4.09 20.81 18.55
N GLY B 217 -4.31 19.59 18.99
CA GLY B 217 -5.23 19.35 20.08
C GLY B 217 -4.87 20.13 21.34
N GLU B 218 -3.57 20.19 21.66
CA GLU B 218 -3.16 20.90 22.89
C GLU B 218 -3.45 22.39 22.83
N LYS B 219 -3.44 22.95 21.62
CA LYS B 219 -3.82 24.35 21.43
C LYS B 219 -5.22 24.66 21.97
N TYR B 220 -6.12 23.69 21.91
CA TYR B 220 -7.53 23.97 22.16
C TYR B 220 -8.06 23.20 23.36
N GLY B 221 -7.20 22.40 23.98
CA GLY B 221 -7.65 21.49 25.03
C GLY B 221 -8.61 20.41 24.53
N LYS B 222 -8.33 19.90 23.34
CA LYS B 222 -9.17 18.92 22.67
C LYS B 222 -8.34 17.68 22.34
N SER B 223 -8.96 16.52 22.27
CA SER B 223 -8.21 15.30 21.99
C SER B 223 -7.84 15.18 20.52
N VAL B 224 -6.95 14.26 20.19
CA VAL B 224 -6.70 13.97 18.77
C VAL B 224 -7.98 13.63 18.00
N GLY B 225 -8.84 12.81 18.61
CA GLY B 225 -10.09 12.43 17.96
C GLY B 225 -10.94 13.65 17.66
N GLN B 226 -11.00 14.57 18.61
CA GLN B 226 -11.82 15.77 18.45
C GLN B 226 -11.24 16.65 17.35
N VAL B 227 -9.91 16.76 17.28
CA VAL B 227 -9.27 17.48 16.16
C VAL B 227 -9.62 16.88 14.79
N VAL B 228 -9.54 15.56 14.69
CA VAL B 228 -9.83 14.92 13.42
C VAL B 228 -11.28 15.13 13.06
N LEU B 229 -12.20 14.96 14.00
CA LEU B 229 -13.61 15.14 13.60
C LEU B 229 -13.90 16.63 13.20
N ARG B 230 -13.24 17.56 13.88
CA ARG B 230 -13.40 18.98 13.57
C ARG B 230 -12.87 19.28 12.17
N TRP B 231 -11.76 18.66 11.80
CA TRP B 231 -11.17 18.81 10.47
C TRP B 231 -12.13 18.30 9.41
N ILE B 232 -12.73 17.14 9.68
CA ILE B 232 -13.74 16.59 8.76
C ILE B 232 -14.94 17.54 8.59
N PHE B 233 -15.42 18.04 9.72
CA PHE B 233 -16.54 18.99 9.76
C PHE B 233 -16.22 20.22 8.91
N GLN B 234 -15.02 20.80 9.10
CA GLN B 234 -14.67 22.05 8.40
C GLN B 234 -14.52 21.85 6.89
N ARG B 235 -14.31 20.59 6.45
CA ARG B 235 -14.26 20.30 5.02
C ARG B 235 -15.68 20.10 4.45
N GLY B 236 -16.68 20.26 5.32
CA GLY B 236 -18.08 20.10 4.88
C GLY B 236 -18.50 18.64 4.68
N ILE B 237 -17.88 17.74 5.44
CA ILE B 237 -18.14 16.29 5.30
C ILE B 237 -18.91 15.81 6.54
N VAL B 238 -19.93 14.96 6.34
CA VAL B 238 -20.64 14.38 7.48
C VAL B 238 -19.73 13.30 8.10
N SER B 239 -19.66 13.17 9.44
CA SER B 239 -18.78 12.10 10.00
C SER B 239 -19.54 11.03 10.76
N LEU B 240 -19.01 9.81 10.73
CA LEU B 240 -19.51 8.74 11.61
C LEU B 240 -18.40 8.31 12.58
N ALA B 241 -18.66 8.43 13.87
CA ALA B 241 -17.69 8.04 14.86
C ALA B 241 -18.29 6.94 15.71
N LYS B 242 -17.51 5.90 15.96
CA LYS B 242 -17.96 4.79 16.83
C LYS B 242 -17.21 4.65 18.14
N SER B 243 -17.93 4.32 19.21
CA SER B 243 -17.32 3.92 20.47
C SER B 243 -18.37 3.09 21.16
N VAL B 244 -17.96 2.22 22.08
CA VAL B 244 -18.96 1.59 22.93
C VAL B 244 -18.90 2.21 24.30
N ARG B 245 -18.10 3.26 24.43
CA ARG B 245 -17.90 3.92 25.72
C ARG B 245 -18.55 5.33 25.72
N LYS B 246 -19.52 5.52 26.62
CA LYS B 246 -20.34 6.74 26.61
C LYS B 246 -19.49 7.99 26.78
N GLY B 247 -18.47 7.92 27.63
CA GLY B 247 -17.57 9.06 27.83
C GLY B 247 -16.87 9.49 26.55
N ARG B 248 -16.50 8.53 25.72
CA ARG B 248 -15.88 8.89 24.43
C ARG B 248 -16.88 9.50 23.47
N GLU B 250 -19.39 11.33 24.34
CA GLU B 250 -19.54 12.71 24.81
C GLU B 250 -18.42 13.60 24.27
N GLU B 251 -17.20 13.06 24.29
CA GLU B 251 -16.05 13.75 23.69
C GLU B 251 -16.19 13.96 22.18
N ASN B 252 -16.61 12.91 21.48
CA ASN B 252 -16.64 12.94 20.00
C ASN B 252 -17.67 13.98 19.52
N ILE B 253 -18.79 14.10 20.24
CA ILE B 253 -19.82 15.03 19.80
C ILE B 253 -19.52 16.49 20.19
N ASN B 254 -18.64 16.65 21.19
CA ASN B 254 -18.34 17.99 21.71
C ASN B 254 -17.25 18.68 20.89
N ILE B 255 -17.56 18.99 19.64
CA ILE B 255 -16.59 19.62 18.77
C ILE B 255 -17.12 20.90 18.14
N LEU B 256 -18.21 21.44 18.67
CA LEU B 256 -18.85 22.62 18.08
C LEU B 256 -18.50 23.87 18.89
N ASP B 257 -17.52 23.74 19.79
CA ASP B 257 -17.09 24.81 20.70
C ASP B 257 -15.66 25.34 20.39
N PHE B 258 -15.06 24.88 19.29
CA PHE B 258 -13.74 25.35 18.89
C PHE B 258 -13.66 25.29 17.38
N GLU B 259 -12.60 25.88 16.81
CA GLU B 259 -12.40 25.76 15.38
C GLU B 259 -10.92 25.64 15.07
N LEU B 260 -10.61 24.91 14.00
CA LEU B 260 -9.23 24.82 13.53
C LEU B 260 -8.88 25.98 12.59
N SER B 261 -7.67 26.51 12.72
CA SER B 261 -7.22 27.60 11.86
C SER B 261 -6.80 27.13 10.46
N ALA B 262 -6.58 28.10 9.56
CA ALA B 262 -6.05 27.77 8.24
C ALA B 262 -4.70 27.07 8.37
N GLU B 263 -3.86 27.52 9.28
CA GLU B 263 -2.58 26.84 9.50
C GLU B 263 -2.78 25.40 9.98
N ASP B 264 -3.75 25.18 10.87
CA ASP B 264 -4.04 23.85 11.38
C ASP B 264 -4.48 22.94 10.23
N LEU B 266 -3.88 23.20 7.11
CA LEU B 266 -2.75 22.95 6.23
C LEU B 266 -1.83 21.85 6.78
N GLN B 267 -1.51 21.95 8.05
CA GLN B 267 -0.70 20.89 8.68
C GLN B 267 -1.32 19.51 8.61
N ILE B 268 -2.64 19.46 8.69
CA ILE B 268 -3.33 18.17 8.63
C ILE B 268 -3.29 17.65 7.17
N ALA B 269 -3.55 18.52 6.19
CA ALA B 269 -3.57 18.06 4.80
C ALA B 269 -2.21 17.41 4.43
N ALA B 270 -1.12 17.94 4.99
CA ALA B 270 0.21 17.41 4.71
C ALA B 270 0.39 15.95 5.13
N LEU B 271 -0.48 15.45 6.02
CA LEU B 271 -0.40 14.06 6.45
C LEU B 271 -0.89 13.03 5.42
N ASP B 272 -1.63 13.49 4.40
CA ASP B 272 -2.28 12.58 3.46
C ASP B 272 -1.30 11.65 2.72
N THR B 273 -1.67 10.37 2.61
CA THR B 273 -0.98 9.43 1.71
C THR B 273 -1.94 8.82 0.67
N ALA B 274 -3.22 9.17 0.73
CA ALA B 274 -4.20 8.67 -0.23
C ALA B 274 -4.17 7.14 -0.20
N THR B 275 -3.95 6.58 0.97
CA THR B 275 -3.91 5.12 1.13
C THR B 275 -4.91 4.64 2.15
N SER B 276 -5.84 3.77 1.74
CA SER B 276 -6.79 3.19 2.69
C SER B 276 -6.07 2.52 3.84
N ALA B 277 -6.63 2.61 5.02
CA ALA B 277 -6.10 1.87 6.17
C ALA B 277 -6.51 0.39 6.14
N PHE B 278 -7.33 0.02 5.15
CA PHE B 278 -8.00 -1.27 5.12
C PHE B 278 -7.65 -2.02 3.84
N PHE B 279 -8.12 -1.52 2.70
CA PHE B 279 -7.85 -2.15 1.41
C PHE B 279 -8.42 -1.29 0.31
N SER B 280 -8.12 -1.68 -0.94
CA SER B 280 -8.67 -0.99 -2.10
C SER B 280 -9.84 -1.77 -2.69
N HIS B 281 -10.92 -1.06 -2.95
CA HIS B 281 -12.05 -1.68 -3.59
C HIS B 281 -11.78 -1.95 -5.08
N ARG B 282 -10.65 -1.47 -5.61
CA ARG B 282 -10.19 -1.83 -6.96
C ARG B 282 -9.23 -3.03 -7.01
N ASP B 283 -8.95 -3.67 -5.86
CA ASP B 283 -8.04 -4.80 -5.84
C ASP B 283 -8.90 -6.02 -6.13
N PRO B 284 -8.61 -6.78 -7.21
CA PRO B 284 -9.53 -7.88 -7.60
C PRO B 284 -9.59 -8.98 -6.55
N ALA B 285 -8.56 -9.10 -5.70
CA ALA B 285 -8.63 -10.06 -4.60
C ALA B 285 -9.69 -9.67 -3.57
N VAL B 287 -12.35 -7.86 -4.35
CA VAL B 287 -13.62 -8.14 -5.04
C VAL B 287 -13.97 -9.62 -4.88
N GLU B 288 -13.00 -10.48 -5.16
CA GLU B 288 -13.25 -11.91 -5.07
C GLU B 288 -13.64 -12.29 -3.64
N TRP B 289 -12.97 -11.70 -2.64
CA TRP B 289 -13.26 -12.03 -1.25
C TRP B 289 -14.65 -11.53 -0.80
N LEU B 290 -14.97 -10.25 -1.03
CA LEU B 290 -16.27 -9.73 -0.57
C LEU B 290 -17.46 -10.37 -1.28
N THR B 291 -17.37 -10.52 -2.60
CA THR B 291 -18.51 -11.07 -3.36
C THR B 291 -18.75 -12.56 -3.08
N GLY B 292 -17.81 -13.23 -2.42
CA GLY B 292 -17.97 -14.63 -2.03
C GLY B 292 -18.57 -14.85 -0.65
N ARG B 293 -18.75 -13.78 0.12
CA ARG B 293 -19.31 -13.92 1.45
C ARG B 293 -20.82 -14.25 1.37
N LYS B 294 -21.25 -15.17 2.22
CA LYS B 294 -22.66 -15.55 2.30
C LYS B 294 -23.23 -15.14 3.67
N LEU B 295 -24.16 -14.19 3.69
CA LEU B 295 -24.76 -13.72 4.95
C LEU B 295 -26.26 -13.99 5.03
N ASP B 296 -26.73 -14.33 6.23
CA ASP B 296 -28.16 -14.54 6.43
C ASP B 296 -28.89 -13.24 6.76
N VAL B 297 -28.98 -12.35 5.76
CA VAL B 297 -29.63 -11.04 5.94
C VAL B 297 -30.49 -10.66 4.72
N GLN C 16 -1.60 -19.41 -36.45
CA GLN C 16 -1.60 -19.77 -35.06
C GLN C 16 -2.88 -19.26 -34.41
N THR C 17 -3.48 -20.06 -33.54
CA THR C 17 -4.72 -19.68 -32.86
C THR C 17 -4.54 -19.99 -31.41
N VAL C 18 -5.44 -19.49 -30.57
CA VAL C 18 -5.50 -19.89 -29.19
C VAL C 18 -6.93 -20.40 -28.94
N LYS C 19 -7.07 -21.36 -28.04
CA LYS C 19 -8.39 -21.84 -27.65
C LYS C 19 -8.94 -20.99 -26.50
N LEU C 20 -10.14 -20.46 -26.67
CA LEU C 20 -10.76 -19.68 -25.62
C LEU C 20 -11.31 -20.60 -24.54
N ASN C 21 -11.76 -20.00 -23.44
CA ASN C 21 -12.28 -20.77 -22.33
C ASN C 21 -13.54 -21.59 -22.62
N ASN C 22 -14.25 -21.25 -23.69
CA ASN C 22 -15.37 -22.10 -24.16
C ASN C 22 -15.03 -23.04 -25.30
N GLY C 23 -13.75 -23.15 -25.63
CA GLY C 23 -13.31 -24.12 -26.61
C GLY C 23 -13.09 -23.61 -28.03
N ILE C 24 -13.64 -22.44 -28.36
CA ILE C 24 -13.53 -21.98 -29.76
C ILE C 24 -12.14 -21.43 -30.07
N ALA C 25 -11.67 -21.61 -31.31
CA ALA C 25 -10.32 -21.16 -31.66
C ALA C 25 -10.38 -19.74 -32.20
N PRO C 27 -7.88 -16.60 -33.95
CA PRO C 27 -6.53 -16.34 -34.49
C PRO C 27 -5.72 -15.42 -33.55
N LEU C 28 -4.42 -15.62 -33.48
CA LEU C 28 -3.56 -14.77 -32.67
C LEU C 28 -3.26 -13.41 -33.34
N LEU C 29 -3.37 -13.35 -34.66
CA LEU C 29 -3.06 -12.11 -35.39
C LEU C 29 -4.31 -11.59 -36.08
N GLY C 30 -4.75 -10.41 -35.70
CA GLY C 30 -5.98 -9.86 -36.28
C GLY C 30 -5.80 -8.49 -36.88
N PHE C 31 -6.79 -8.07 -37.64
CA PHE C 31 -6.80 -6.78 -38.30
C PHE C 31 -7.95 -5.97 -37.70
N GLY C 32 -7.69 -4.74 -37.31
CA GLY C 32 -8.73 -3.91 -36.72
C GLY C 32 -9.04 -2.72 -37.61
N VAL C 33 -10.31 -2.38 -37.69
CA VAL C 33 -10.75 -1.15 -38.33
C VAL C 33 -10.99 -0.14 -37.22
N PHE C 34 -10.97 1.12 -37.63
CA PHE C 34 -11.23 2.27 -36.76
C PHE C 34 -12.12 3.20 -37.56
N GLN C 35 -12.83 4.10 -36.89
CA GLN C 35 -13.75 4.99 -37.60
C GLN C 35 -12.96 5.81 -38.61
N THR C 37 -13.13 8.69 -42.09
CA THR C 37 -13.86 9.70 -42.84
C THR C 37 -14.47 9.11 -44.11
N ASN C 38 -13.72 8.25 -44.79
CA ASN C 38 -14.19 7.66 -46.03
C ASN C 38 -14.56 6.19 -45.91
N THR C 39 -15.78 5.87 -46.28
CA THR C 39 -16.31 4.51 -46.22
C THR C 39 -15.55 3.57 -47.15
N ALA C 40 -15.19 4.07 -48.33
CA ALA C 40 -14.52 3.26 -49.33
C ALA C 40 -13.16 2.76 -48.85
N GLU C 41 -12.43 3.61 -48.13
CA GLU C 41 -11.11 3.23 -47.67
C GLU C 41 -11.19 2.06 -46.67
N CYS C 42 -12.23 2.14 -45.83
CA CYS C 42 -12.50 1.16 -44.80
C CYS C 42 -12.81 -0.19 -45.45
N GLU C 43 -13.70 -0.16 -46.43
CA GLU C 43 -14.09 -1.40 -47.06
C GLU C 43 -12.91 -2.02 -47.83
N ARG C 44 -12.19 -1.20 -48.59
CA ARG C 44 -11.02 -1.73 -49.32
C ARG C 44 -9.94 -2.24 -48.33
N ALA C 45 -9.77 -1.59 -47.20
CA ALA C 45 -8.75 -2.08 -46.26
C ALA C 45 -9.11 -3.49 -45.75
N VAL C 46 -10.39 -3.74 -45.48
CA VAL C 46 -10.79 -5.07 -45.04
C VAL C 46 -10.58 -6.12 -46.13
N ILE C 47 -10.91 -5.77 -47.37
CA ILE C 47 -10.66 -6.68 -48.49
C ILE C 47 -9.15 -6.99 -48.58
N ASP C 48 -8.34 -5.95 -48.47
CA ASP C 48 -6.89 -6.10 -48.57
C ASP C 48 -6.37 -6.94 -47.39
N ALA C 49 -6.94 -6.73 -46.20
CA ALA C 49 -6.48 -7.48 -45.02
C ALA C 49 -6.77 -8.97 -45.18
N ILE C 50 -7.97 -9.28 -45.65
CA ILE C 50 -8.31 -10.68 -45.90
C ILE C 50 -7.43 -11.32 -46.99
N GLU C 51 -7.18 -10.56 -48.05
CA GLU C 51 -6.32 -11.05 -49.13
C GLU C 51 -4.89 -11.32 -48.57
N THR C 52 -4.47 -10.48 -47.64
CA THR C 52 -3.13 -10.62 -47.04
C THR C 52 -3.02 -11.87 -46.16
N GLY C 53 -4.16 -12.37 -45.67
CA GLY C 53 -4.16 -13.57 -44.87
C GLY C 53 -4.82 -13.42 -43.51
N TYR C 54 -5.25 -12.22 -43.15
CA TYR C 54 -5.99 -12.04 -41.89
C TYR C 54 -7.38 -12.72 -41.96
N ARG C 55 -7.74 -13.38 -40.87
CA ARG C 55 -9.05 -14.03 -40.76
C ARG C 55 -9.82 -13.53 -39.51
N LEU C 56 -9.09 -12.99 -38.52
CA LEU C 56 -9.71 -12.25 -37.43
C LEU C 56 -9.88 -10.77 -37.88
N ILE C 57 -11.13 -10.29 -37.93
CA ILE C 57 -11.47 -8.93 -38.32
C ILE C 57 -12.29 -8.28 -37.21
N ASP C 58 -11.86 -7.11 -36.75
CA ASP C 58 -12.43 -6.49 -35.55
C ASP C 58 -13.03 -5.12 -35.91
N THR C 59 -14.30 -4.94 -35.54
CA THR C 59 -14.93 -3.64 -35.61
C THR C 59 -15.74 -3.36 -34.35
N ALA C 60 -16.63 -2.38 -34.38
CA ALA C 60 -17.43 -2.00 -33.19
C ALA C 60 -18.59 -1.16 -33.71
N ALA C 61 -19.74 -1.24 -33.05
CA ALA C 61 -20.89 -0.44 -33.44
C ALA C 61 -20.52 1.04 -33.46
N SER C 62 -19.74 1.48 -32.47
CA SER C 62 -19.39 2.89 -32.37
C SER C 62 -18.44 3.41 -33.47
N TYR C 63 -17.77 2.52 -34.21
CA TYR C 63 -16.88 3.00 -35.27
C TYR C 63 -17.72 3.45 -36.48
N GLN C 64 -18.99 3.08 -36.50
CA GLN C 64 -19.91 3.47 -37.59
C GLN C 64 -19.49 2.98 -38.98
N ASN C 65 -18.84 1.83 -39.01
CA ASN C 65 -18.40 1.23 -40.26
C ASN C 65 -18.77 -0.23 -40.43
N GLU C 66 -19.68 -0.75 -39.60
CA GLU C 66 -20.07 -2.15 -39.72
C GLU C 66 -20.59 -2.52 -41.11
N THR C 67 -21.36 -1.60 -41.72
CA THR C 67 -21.89 -1.86 -43.07
C THR C 67 -20.74 -2.08 -44.06
N GLN C 68 -19.70 -1.25 -43.96
CA GLN C 68 -18.53 -1.37 -44.84
C GLN C 68 -17.74 -2.66 -44.58
N VAL C 69 -17.62 -3.03 -43.30
CA VAL C 69 -17.00 -4.31 -42.98
C VAL C 69 -17.80 -5.46 -43.61
N GLY C 70 -19.11 -5.44 -43.42
CA GLY C 70 -19.98 -6.45 -43.98
C GLY C 70 -19.88 -6.55 -45.50
N ASN C 71 -19.86 -5.39 -46.15
CA ASN C 71 -19.70 -5.38 -47.63
C ASN C 71 -18.38 -6.04 -48.04
N ALA C 72 -17.31 -5.72 -47.32
CA ALA C 72 -16.00 -6.27 -47.66
C ALA C 72 -15.95 -7.77 -47.48
N LEU C 73 -16.64 -8.33 -46.47
CA LEU C 73 -16.61 -9.76 -46.31
C LEU C 73 -17.25 -10.42 -47.53
N LYS C 74 -18.31 -9.80 -48.06
CA LYS C 74 -19.00 -10.34 -49.23
C LYS C 74 -18.11 -10.32 -50.47
N LEU C 75 -17.25 -9.30 -50.54
CA LEU C 75 -16.32 -9.15 -51.67
C LEU C 75 -15.05 -10.00 -51.56
N SER C 76 -14.81 -10.62 -50.39
CA SER C 76 -13.52 -11.24 -50.11
C SER C 76 -13.38 -12.59 -50.78
N GLY C 77 -14.50 -13.24 -51.05
CA GLY C 77 -14.49 -14.61 -51.54
C GLY C 77 -14.11 -15.69 -50.53
N ILE C 78 -14.04 -15.35 -49.24
CA ILE C 78 -13.70 -16.33 -48.23
C ILE C 78 -14.96 -16.85 -47.55
N ALA C 79 -15.02 -18.15 -47.31
CA ALA C 79 -16.17 -18.77 -46.65
C ALA C 79 -16.42 -18.19 -45.24
N ARG C 80 -17.70 -18.01 -44.88
CA ARG C 80 -18.09 -17.50 -43.54
C ARG C 80 -17.44 -18.27 -42.41
N ASP C 81 -17.38 -19.59 -42.54
CA ASP C 81 -16.84 -20.42 -41.46
C ASP C 81 -15.32 -20.32 -41.30
N GLU C 82 -14.66 -19.60 -42.20
CA GLU C 82 -13.22 -19.41 -42.07
C GLU C 82 -12.90 -18.02 -41.54
N LEU C 83 -13.92 -17.20 -41.33
CA LEU C 83 -13.71 -15.83 -40.83
C LEU C 83 -14.08 -15.74 -39.35
N PHE C 84 -13.35 -14.92 -38.58
CA PHE C 84 -13.60 -14.71 -37.14
C PHE C 84 -13.92 -13.24 -36.97
N ILE C 85 -15.20 -12.91 -36.87
CA ILE C 85 -15.64 -11.50 -36.88
C ILE C 85 -15.97 -11.05 -35.46
N THR C 86 -15.41 -9.93 -35.00
CA THR C 86 -15.73 -9.37 -33.68
C THR C 86 -16.42 -8.02 -33.88
N THR C 87 -17.51 -7.78 -33.17
CA THR C 87 -17.99 -6.41 -33.00
C THR C 87 -18.30 -6.12 -31.53
N LYS C 88 -18.77 -4.90 -31.22
CA LYS C 88 -18.83 -4.46 -29.84
C LYS C 88 -20.05 -3.55 -29.60
N LEU C 89 -20.70 -3.80 -28.47
CA LEU C 89 -21.87 -3.03 -28.02
C LEU C 89 -21.50 -1.64 -27.55
N TRP C 90 -22.15 -0.64 -28.13
CA TRP C 90 -21.91 0.76 -27.79
C TRP C 90 -22.85 1.16 -26.63
N LEU C 91 -22.37 1.99 -25.69
CA LEU C 91 -22.94 2.17 -24.38
C LEU C 91 -24.35 2.77 -24.29
N GLN C 92 -24.85 3.39 -25.38
CA GLN C 92 -26.22 3.89 -25.30
C GLN C 92 -27.17 2.75 -25.11
N ASP C 93 -26.72 1.55 -25.49
CA ASP C 93 -27.53 0.34 -25.30
C ASP C 93 -26.96 -0.70 -24.33
N THR C 94 -26.10 -0.28 -23.41
CA THR C 94 -25.61 -1.21 -22.39
C THR C 94 -26.64 -1.31 -21.25
N TYR C 95 -27.64 -2.14 -21.51
CA TYR C 95 -28.64 -2.60 -20.55
C TYR C 95 -29.34 -3.76 -21.25
N TYR C 96 -30.28 -4.40 -20.58
CA TYR C 96 -30.75 -5.73 -21.06
C TYR C 96 -31.46 -5.63 -22.42
N GLU C 97 -32.53 -4.84 -22.49
CA GLU C 97 -33.31 -4.76 -23.73
C GLU C 97 -32.48 -4.12 -24.85
N GLY C 98 -31.75 -3.07 -24.50
CA GLY C 98 -30.96 -2.36 -25.48
C GLY C 98 -29.88 -3.22 -26.13
N ALA C 99 -29.26 -4.11 -25.36
CA ALA C 99 -28.14 -4.89 -25.93
C ALA C 99 -28.66 -5.78 -27.04
N LYS C 100 -29.83 -6.39 -26.81
CA LYS C 100 -30.42 -7.23 -27.83
C LYS C 100 -30.80 -6.41 -29.06
N ALA C 101 -31.38 -5.23 -28.86
CA ALA C 101 -31.76 -4.38 -30.01
C ALA C 101 -30.55 -3.96 -30.84
N GLN C 102 -29.51 -3.49 -30.17
CA GLN C 102 -28.36 -2.99 -30.92
C GLN C 102 -27.60 -4.15 -31.55
N PHE C 103 -27.54 -5.30 -30.86
CA PHE C 103 -26.88 -6.48 -31.44
C PHE C 103 -27.53 -6.86 -32.77
N GLU C 104 -28.85 -6.87 -32.79
CA GLU C 104 -29.54 -7.17 -34.04
C GLU C 104 -29.27 -6.13 -35.13
N ARG C 105 -29.14 -4.87 -34.74
CA ARG C 105 -28.81 -3.85 -35.78
C ARG C 105 -27.39 -4.08 -36.35
N SER C 106 -26.48 -4.45 -35.46
CA SER C 106 -25.10 -4.82 -35.87
C SER C 106 -25.10 -5.99 -36.83
N LEU C 107 -25.88 -7.04 -36.53
CA LEU C 107 -25.92 -8.21 -37.43
C LEU C 107 -26.41 -7.78 -38.80
N ASN C 108 -27.44 -6.93 -38.79
CA ASN C 108 -28.03 -6.51 -40.07
C ASN C 108 -27.03 -5.71 -40.90
N ARG C 109 -26.31 -4.78 -40.25
CA ARG C 109 -25.30 -3.99 -40.95
C ARG C 109 -24.19 -4.88 -41.48
N LEU C 110 -23.74 -5.83 -40.64
CA LEU C 110 -22.64 -6.75 -40.99
C LEU C 110 -23.09 -7.78 -42.04
N GLN C 111 -24.40 -7.86 -42.28
CA GLN C 111 -24.98 -8.90 -43.13
C GLN C 111 -24.55 -10.31 -42.70
N LEU C 112 -24.62 -10.59 -41.39
CA LEU C 112 -24.23 -11.88 -40.85
C LEU C 112 -25.42 -12.50 -40.07
N ASP C 113 -25.40 -13.82 -39.92
CA ASP C 113 -26.36 -14.52 -39.07
C ASP C 113 -25.85 -14.71 -37.64
N TYR C 114 -24.53 -14.66 -37.46
CA TYR C 114 -23.94 -14.77 -36.13
C TYR C 114 -22.61 -14.04 -36.13
N VAL C 115 -22.15 -13.63 -34.95
CA VAL C 115 -20.79 -13.11 -34.86
C VAL C 115 -19.95 -14.08 -34.04
N ASP C 116 -18.64 -14.13 -34.32
CA ASP C 116 -17.78 -15.00 -33.52
C ASP C 116 -17.53 -14.49 -32.09
N LEU C 117 -17.42 -13.17 -31.94
CA LEU C 117 -17.08 -12.60 -30.65
C LEU C 117 -17.83 -11.28 -30.55
N TYR C 118 -18.56 -11.09 -29.44
CA TYR C 118 -19.24 -9.80 -29.17
C TYR C 118 -18.80 -9.28 -27.84
N LEU C 119 -18.32 -8.03 -27.81
CA LEU C 119 -17.79 -7.43 -26.60
C LEU C 119 -18.60 -6.23 -26.10
N ILE C 120 -18.74 -6.08 -24.79
CA ILE C 120 -19.12 -4.79 -24.21
C ILE C 120 -17.93 -3.86 -24.43
N HIS C 121 -18.14 -2.77 -25.19
CA HIS C 121 -17.02 -1.94 -25.63
C HIS C 121 -16.41 -1.14 -24.50
N GLN C 122 -17.24 -0.66 -23.59
CA GLN C 122 -16.75 0.20 -22.46
C GLN C 122 -17.29 -0.30 -21.11
N PRO C 123 -16.57 0.00 -19.99
CA PRO C 123 -17.01 -0.42 -18.65
C PRO C 123 -18.06 0.53 -18.05
N TYR C 124 -19.00 1.02 -18.87
CA TYR C 124 -19.96 2.01 -18.41
C TYR C 124 -21.35 1.52 -18.67
N GLY C 125 -22.30 2.01 -17.87
CA GLY C 125 -23.69 1.63 -18.07
C GLY C 125 -24.07 0.37 -17.31
N ASP C 126 -25.20 -0.21 -17.68
CA ASP C 126 -25.76 -1.33 -16.92
C ASP C 126 -25.13 -2.61 -17.47
N VAL C 127 -23.90 -2.84 -17.04
CA VAL C 127 -23.07 -3.88 -17.63
C VAL C 127 -23.64 -5.24 -17.30
N HIS C 128 -24.14 -5.43 -16.08
CA HIS C 128 -24.69 -6.74 -15.74
C HIS C 128 -25.95 -7.06 -16.55
N GLY C 129 -26.82 -6.07 -16.70
CA GLY C 129 -28.01 -6.26 -17.55
C GLY C 129 -27.64 -6.60 -19.00
N ALA C 130 -26.70 -5.86 -19.55
CA ALA C 130 -26.22 -6.15 -20.92
C ALA C 130 -25.61 -7.56 -20.99
N TRP C 131 -24.83 -7.95 -19.99
CA TRP C 131 -24.23 -9.29 -19.99
C TRP C 131 -25.30 -10.42 -19.97
N ARG C 132 -26.35 -10.25 -19.17
CA ARG C 132 -27.44 -11.26 -19.13
C ARG C 132 -28.02 -11.45 -20.51
N ALA C 133 -28.18 -10.32 -21.21
CA ALA C 133 -28.71 -10.39 -22.58
C ALA C 133 -27.73 -11.10 -23.50
N GLU C 135 -25.41 -13.29 -22.69
CA GLU C 135 -25.45 -14.72 -22.38
C GLU C 135 -26.62 -15.37 -23.12
N GLU C 136 -27.79 -14.74 -23.11
CA GLU C 136 -28.93 -15.35 -23.82
C GLU C 136 -28.70 -15.42 -25.33
N LEU C 137 -28.10 -14.38 -25.88
CA LEU C 137 -27.86 -14.33 -27.32
C LEU C 137 -26.87 -15.40 -27.72
N HIS C 138 -25.87 -15.64 -26.86
CA HIS C 138 -24.92 -16.75 -27.06
C HIS C 138 -25.67 -18.09 -27.00
N GLN C 139 -26.54 -18.25 -26.00
CA GLN C 139 -27.29 -19.52 -25.87
C GLN C 139 -28.30 -19.73 -26.99
N ALA C 140 -28.61 -18.65 -27.74
CA ALA C 140 -29.53 -18.73 -28.87
C ALA C 140 -28.78 -19.01 -30.17
N GLY C 141 -27.46 -19.17 -30.09
CA GLY C 141 -26.67 -19.57 -31.24
C GLY C 141 -26.23 -18.37 -32.10
N LYS C 142 -26.38 -17.15 -31.58
CA LYS C 142 -26.09 -15.97 -32.42
C LYS C 142 -24.69 -15.42 -32.22
N ILE C 143 -24.01 -15.85 -31.17
CA ILE C 143 -22.68 -15.35 -30.84
C ILE C 143 -21.86 -16.51 -30.34
N ARG C 144 -20.69 -16.76 -30.96
CA ARG C 144 -19.90 -17.90 -30.52
C ARG C 144 -19.18 -17.71 -29.18
N ALA C 145 -18.82 -16.46 -28.85
CA ALA C 145 -18.14 -16.20 -27.58
C ALA C 145 -18.48 -14.75 -27.20
N ILE C 146 -18.67 -14.51 -25.91
CA ILE C 146 -18.92 -13.16 -25.42
C ILE C 146 -17.76 -12.67 -24.53
N GLY C 147 -17.49 -11.36 -24.58
CA GLY C 147 -16.42 -10.79 -23.79
C GLY C 147 -16.60 -9.30 -23.55
N VAL C 148 -15.51 -8.65 -23.14
CA VAL C 148 -15.60 -7.23 -22.80
C VAL C 148 -14.36 -6.51 -23.33
N SER C 149 -14.27 -5.19 -23.11
CA SER C 149 -13.14 -4.41 -23.59
C SER C 149 -12.93 -3.30 -22.56
N ASN C 150 -11.67 -2.97 -22.27
CA ASN C 150 -11.36 -1.87 -21.33
C ASN C 150 -11.83 -2.11 -19.90
N PHE C 151 -11.88 -3.38 -19.49
CA PHE C 151 -12.25 -3.71 -18.08
C PHE C 151 -10.97 -3.97 -17.29
N HIS C 152 -10.75 -3.22 -16.21
CA HIS C 152 -9.69 -3.57 -15.25
C HIS C 152 -10.03 -4.87 -14.51
N PRO C 153 -9.01 -5.53 -13.90
CA PRO C 153 -9.28 -6.77 -13.17
C PRO C 153 -10.40 -6.67 -12.14
N ASP C 154 -10.54 -5.56 -11.41
CA ASP C 154 -11.65 -5.48 -10.46
C ASP C 154 -12.99 -5.63 -11.16
N ARG C 155 -13.13 -5.01 -12.34
CA ARG C 155 -14.41 -5.10 -13.06
C ARG C 155 -14.64 -6.47 -13.64
N LEU C 156 -13.57 -7.10 -14.11
CA LEU C 156 -13.70 -8.51 -14.56
C LEU C 156 -14.14 -9.44 -13.41
N ALA C 157 -13.49 -9.29 -12.25
CA ALA C 157 -13.85 -10.12 -11.09
C ALA C 157 -15.32 -9.90 -10.66
N ASP C 158 -15.75 -8.65 -10.70
CA ASP C 158 -17.13 -8.33 -10.38
C ASP C 158 -18.10 -9.00 -11.37
N LEU C 159 -17.85 -8.87 -12.66
CA LEU C 159 -18.73 -9.49 -13.67
C LEU C 159 -18.79 -11.01 -13.50
N ALA C 161 -18.25 -12.67 -10.72
CA ALA C 161 -18.79 -13.13 -9.44
C ALA C 161 -20.30 -13.33 -9.52
N PHE C 162 -20.97 -12.54 -10.36
CA PHE C 162 -22.42 -12.52 -10.30
C PHE C 162 -23.09 -13.18 -11.49
N ASN C 163 -22.31 -13.66 -12.45
CA ASN C 163 -22.92 -14.17 -13.69
C ASN C 163 -22.51 -15.57 -14.08
N LYS C 164 -23.18 -16.13 -15.09
CA LYS C 164 -22.95 -17.50 -15.45
C LYS C 164 -21.75 -17.76 -16.34
N ILE C 165 -21.55 -16.91 -17.34
CA ILE C 165 -20.46 -17.13 -18.26
C ILE C 165 -19.31 -16.18 -17.97
N ILE C 166 -18.09 -16.72 -17.88
CA ILE C 166 -16.91 -15.87 -17.68
C ILE C 166 -16.49 -15.28 -19.05
N PRO C 167 -16.15 -13.98 -19.09
CA PRO C 167 -15.85 -13.41 -20.41
C PRO C 167 -14.72 -14.16 -21.07
N ALA C 168 -14.88 -14.42 -22.36
CA ALA C 168 -13.90 -15.18 -23.11
C ALA C 168 -12.67 -14.35 -23.44
N VAL C 169 -12.88 -13.04 -23.64
CA VAL C 169 -11.84 -12.14 -24.13
C VAL C 169 -12.03 -10.82 -23.38
N ASN C 170 -10.94 -10.13 -23.07
CA ASN C 170 -10.98 -8.73 -22.65
C ASN C 170 -10.01 -7.98 -23.55
N GLN C 171 -10.52 -7.04 -24.35
CA GLN C 171 -9.64 -6.37 -25.31
C GLN C 171 -9.18 -5.05 -24.68
N ILE C 172 -7.88 -4.89 -24.47
CA ILE C 172 -7.36 -3.75 -23.74
C ILE C 172 -6.14 -3.20 -24.47
N GLU C 173 -5.80 -1.95 -24.16
CA GLU C 173 -4.62 -1.35 -24.74
C GLU C 173 -3.39 -2.10 -24.24
N VAL C 174 -2.56 -2.56 -25.17
CA VAL C 174 -1.25 -3.15 -24.78
C VAL C 174 -0.22 -2.65 -25.77
N ASN C 175 0.79 -1.90 -25.27
CA ASN C 175 1.90 -1.47 -26.11
C ASN C 175 3.13 -1.30 -25.23
N PRO C 176 4.29 -0.98 -25.82
CA PRO C 176 5.48 -0.96 -24.95
C PRO C 176 5.51 0.06 -23.81
N PHE C 177 4.66 1.07 -23.84
CA PHE C 177 4.59 2.01 -22.70
C PHE C 177 3.43 1.75 -21.75
N ASN C 178 2.50 0.87 -22.15
CA ASN C 178 1.41 0.50 -21.29
C ASN C 178 1.26 -1.01 -21.40
N GLN C 179 2.09 -1.75 -20.65
CA GLN C 179 2.27 -3.18 -20.96
C GLN C 179 1.33 -4.11 -20.27
N GLN C 180 0.50 -3.61 -19.35
CA GLN C 180 -0.39 -4.48 -18.58
C GLN C 180 0.37 -5.64 -17.90
N LEU C 181 1.50 -5.31 -17.23
CA LEU C 181 2.38 -6.34 -16.69
C LEU C 181 1.70 -7.26 -15.67
N HIS C 182 0.82 -6.69 -14.85
CA HIS C 182 -0.03 -7.48 -13.95
C HIS C 182 -1.40 -7.91 -14.55
N ALA C 183 -2.10 -7.01 -15.24
CA ALA C 183 -3.45 -7.34 -15.69
C ALA C 183 -3.49 -8.51 -16.68
N VAL C 184 -2.50 -8.62 -17.55
CA VAL C 184 -2.44 -9.76 -18.48
C VAL C 184 -2.31 -11.12 -17.76
N PRO C 185 -1.29 -11.30 -16.90
CA PRO C 185 -1.27 -12.55 -16.13
C PRO C 185 -2.53 -12.77 -15.27
N TRP C 186 -3.07 -11.71 -14.70
CA TRP C 186 -4.33 -11.84 -13.90
C TRP C 186 -5.41 -12.44 -14.80
N GLN C 188 -5.12 -14.07 -17.66
CA GLN C 188 -4.79 -15.44 -18.09
C GLN C 188 -4.98 -16.44 -16.95
N SER C 189 -4.67 -16.02 -15.74
CA SER C 189 -4.80 -16.95 -14.61
C SER C 189 -6.26 -17.29 -14.31
N ARG C 190 -7.19 -16.47 -14.83
CA ARG C 190 -8.64 -16.68 -14.68
C ARG C 190 -9.28 -17.28 -15.95
N GLY C 191 -8.46 -17.54 -16.97
CA GLY C 191 -8.93 -18.17 -18.19
C GLY C 191 -9.54 -17.15 -19.15
N ILE C 192 -9.27 -15.88 -18.93
CA ILE C 192 -9.73 -14.84 -19.84
C ILE C 192 -8.62 -14.51 -20.85
N GLN C 193 -8.92 -14.49 -22.15
CA GLN C 193 -7.88 -14.26 -23.17
C GLN C 193 -7.66 -12.76 -23.41
N PRO C 194 -6.42 -12.26 -23.16
CA PRO C 194 -6.20 -10.83 -23.47
C PRO C 194 -6.06 -10.58 -24.97
N GLU C 195 -6.54 -9.42 -25.40
CA GLU C 195 -6.42 -9.08 -26.80
C GLU C 195 -5.98 -7.62 -26.84
N ALA C 196 -4.94 -7.32 -27.60
CA ALA C 196 -4.34 -5.97 -27.56
C ALA C 196 -4.93 -5.05 -28.61
N TRP C 197 -5.36 -3.86 -28.19
CA TRP C 197 -5.54 -2.76 -29.14
C TRP C 197 -4.46 -1.67 -28.97
N ALA C 198 -4.30 -0.84 -30.01
CA ALA C 198 -3.21 0.16 -30.10
C ALA C 198 -1.82 -0.41 -29.74
N PRO C 199 -1.37 -1.47 -30.44
CA PRO C 199 -0.07 -2.06 -30.05
C PRO C 199 1.08 -1.11 -30.31
N PHE C 200 0.90 -0.14 -31.22
CA PHE C 200 1.98 0.81 -31.49
C PHE C 200 1.75 2.17 -30.77
N ALA C 201 0.79 2.24 -29.85
CA ALA C 201 0.39 3.48 -29.19
C ALA C 201 0.06 4.58 -30.21
N GLU C 202 -0.48 4.17 -31.34
CA GLU C 202 -0.73 5.07 -32.49
C GLU C 202 0.45 5.99 -32.76
N GLY C 203 1.66 5.46 -32.54
CA GLY C 203 2.89 6.13 -32.92
C GLY C 203 3.27 7.17 -31.89
N ARG C 204 2.43 7.32 -30.85
CA ARG C 204 2.68 8.33 -29.84
C ARG C 204 4.01 8.10 -29.13
N ASN C 205 4.53 9.17 -28.53
CA ASN C 205 5.70 9.09 -27.68
C ASN C 205 6.96 8.59 -28.37
N GLY C 206 7.04 8.83 -29.67
CA GLY C 206 8.21 8.44 -30.47
C GLY C 206 8.45 6.93 -30.65
N LEU C 207 7.40 6.13 -30.46
CA LEU C 207 7.50 4.67 -30.51
C LEU C 207 8.24 4.12 -31.71
N PHE C 208 7.91 4.60 -32.91
CA PHE C 208 8.53 4.03 -34.11
C PHE C 208 10.02 4.33 -34.29
N GLN C 209 10.55 5.29 -33.55
CA GLN C 209 11.99 5.55 -33.56
C GLN C 209 12.69 5.15 -32.23
N ASN C 210 11.95 4.51 -31.33
CA ASN C 210 12.57 4.01 -30.07
C ASN C 210 13.87 3.24 -30.31
N PRO C 211 14.98 3.71 -29.71
CA PRO C 211 16.28 3.09 -30.00
C PRO C 211 16.37 1.60 -29.58
N VAL C 212 15.70 1.20 -28.50
CA VAL C 212 15.75 -0.18 -28.04
C VAL C 212 15.02 -1.10 -29.03
N LEU C 213 13.83 -0.69 -29.43
CA LEU C 213 13.04 -1.47 -30.38
C LEU C 213 13.70 -1.54 -31.75
N THR C 214 14.30 -0.43 -32.16
CA THR C 214 14.99 -0.36 -33.44
C THR C 214 16.18 -1.28 -33.46
N ALA C 215 16.96 -1.29 -32.37
CA ALA C 215 18.13 -2.16 -32.28
C ALA C 215 17.72 -3.63 -32.30
N ILE C 216 16.62 -3.98 -31.62
CA ILE C 216 16.17 -5.37 -31.65
C ILE C 216 15.74 -5.76 -33.06
N GLY C 217 15.01 -4.87 -33.72
CA GLY C 217 14.56 -5.15 -35.06
C GLY C 217 15.73 -5.37 -36.02
N GLU C 218 16.73 -4.51 -35.90
CA GLU C 218 17.90 -4.63 -36.79
C GLU C 218 18.55 -6.01 -36.66
N LYS C 219 18.50 -6.61 -35.47
CA LYS C 219 19.03 -7.96 -35.28
C LYS C 219 18.43 -9.00 -36.20
N TYR C 220 17.16 -8.83 -36.55
CA TYR C 220 16.43 -9.87 -37.27
C TYR C 220 15.97 -9.42 -38.65
N GLY C 221 16.31 -8.19 -39.03
CA GLY C 221 15.81 -7.64 -40.27
C GLY C 221 14.31 -7.41 -40.25
N LYS C 222 13.81 -7.00 -39.09
CA LYS C 222 12.38 -6.73 -38.93
C LYS C 222 12.20 -5.29 -38.48
N SER C 223 11.02 -4.74 -38.74
CA SER C 223 10.71 -3.37 -38.35
C SER C 223 10.37 -3.30 -36.87
N VAL C 224 10.36 -2.08 -36.34
CA VAL C 224 9.87 -1.86 -34.96
C VAL C 224 8.49 -2.43 -34.78
N GLY C 225 7.60 -2.16 -35.73
CA GLY C 225 6.25 -2.68 -35.63
C GLY C 225 6.21 -4.21 -35.53
N GLN C 226 7.00 -4.89 -36.37
CA GLN C 226 7.08 -6.36 -36.29
C GLN C 226 7.62 -6.84 -34.95
N VAL C 227 8.64 -6.15 -34.43
CA VAL C 227 9.16 -6.49 -33.11
C VAL C 227 8.05 -6.37 -32.04
N VAL C 228 7.30 -5.28 -32.06
CA VAL C 228 6.25 -5.09 -31.04
C VAL C 228 5.17 -6.17 -31.19
N LEU C 229 4.75 -6.49 -32.42
CA LEU C 229 3.70 -7.50 -32.57
C LEU C 229 4.21 -8.88 -32.14
N ARG C 230 5.49 -9.16 -32.40
CA ARG C 230 6.07 -10.45 -31.99
C ARG C 230 6.16 -10.54 -30.47
N TRP C 231 6.43 -9.40 -29.84
CA TRP C 231 6.52 -9.33 -28.36
C TRP C 231 5.15 -9.66 -27.75
N ILE C 232 4.10 -9.06 -28.32
CA ILE C 232 2.72 -9.33 -27.88
C ILE C 232 2.35 -10.80 -28.07
N PHE C 233 2.73 -11.33 -29.21
CA PHE C 233 2.45 -12.73 -29.55
C PHE C 233 3.15 -13.68 -28.54
N GLN C 234 4.41 -13.38 -28.23
CA GLN C 234 5.14 -14.25 -27.29
C GLN C 234 4.62 -14.19 -25.85
N ARG C 235 3.87 -13.13 -25.53
CA ARG C 235 3.19 -13.08 -24.23
C ARG C 235 1.83 -13.81 -24.24
N GLY C 236 1.45 -14.37 -25.38
CA GLY C 236 0.23 -15.16 -25.42
C GLY C 236 -0.99 -14.26 -25.55
N ILE C 237 -0.77 -13.08 -26.14
CA ILE C 237 -1.82 -12.06 -26.28
C ILE C 237 -2.23 -11.96 -27.75
N VAL C 238 -3.53 -11.95 -28.04
CA VAL C 238 -4.01 -11.76 -29.44
C VAL C 238 -3.78 -10.27 -29.81
N SER C 239 -3.39 -9.95 -31.06
CA SER C 239 -3.13 -8.53 -31.36
C SER C 239 -4.02 -8.05 -32.48
N LEU C 240 -4.37 -6.76 -32.45
CA LEU C 240 -5.05 -6.16 -33.59
C LEU C 240 -4.17 -5.05 -34.15
N ALA C 241 -3.85 -5.12 -35.43
CA ALA C 241 -2.99 -4.10 -36.02
C ALA C 241 -3.78 -3.46 -37.14
N LYS C 242 -3.80 -2.14 -37.19
CA LYS C 242 -4.56 -1.41 -38.24
C LYS C 242 -3.62 -0.77 -39.26
N SER C 243 -3.99 -0.85 -40.53
CA SER C 243 -3.36 -0.06 -41.57
C SER C 243 -4.32 0.05 -42.75
N VAL C 244 -4.14 1.08 -43.56
CA VAL C 244 -4.87 1.13 -44.82
C VAL C 244 -3.97 0.89 -46.02
N ARG C 245 -2.71 0.56 -45.75
CA ARG C 245 -1.76 0.27 -46.80
C ARG C 245 -1.45 -1.22 -46.79
N LYS C 246 -1.66 -1.87 -47.93
CA LYS C 246 -1.55 -3.31 -48.02
C LYS C 246 -0.15 -3.80 -47.70
N GLY C 247 0.84 -3.04 -48.13
CA GLY C 247 2.23 -3.36 -47.86
C GLY C 247 2.56 -3.42 -46.39
N ARG C 248 1.98 -2.51 -45.61
CA ARG C 248 2.19 -2.56 -44.15
C ARG C 248 1.46 -3.76 -43.56
N GLU C 250 1.06 -6.60 -44.94
CA GLU C 250 1.91 -7.74 -45.30
C GLU C 250 3.07 -7.83 -44.29
N GLU C 251 3.66 -6.70 -43.99
CA GLU C 251 4.67 -6.59 -42.93
C GLU C 251 4.14 -7.04 -41.55
N ASN C 252 3.00 -6.52 -41.15
CA ASN C 252 2.47 -6.77 -39.80
C ASN C 252 2.18 -8.25 -39.57
N ILE C 253 1.68 -8.93 -40.59
CA ILE C 253 1.32 -10.33 -40.42
C ILE C 253 2.53 -11.26 -40.52
N ASN C 254 3.61 -10.78 -41.13
CA ASN C 254 4.82 -11.58 -41.34
C ASN C 254 5.74 -11.58 -40.11
N ILE C 255 5.27 -12.20 -39.04
CA ILE C 255 6.04 -12.23 -37.81
C ILE C 255 6.19 -13.65 -37.27
N LEU C 256 5.80 -14.64 -38.08
CA LEU C 256 5.90 -16.02 -37.61
C LEU C 256 7.22 -16.67 -38.07
N ASP C 257 8.12 -15.86 -38.62
CA ASP C 257 9.40 -16.36 -39.14
C ASP C 257 10.63 -15.98 -38.30
N PHE C 258 10.41 -15.46 -37.10
CA PHE C 258 11.51 -15.10 -36.24
C PHE C 258 11.03 -15.17 -34.81
N GLU C 259 11.95 -15.09 -33.87
CA GLU C 259 11.54 -14.99 -32.46
C GLU C 259 12.44 -14.07 -31.68
N LEU C 260 11.86 -13.46 -30.65
CA LEU C 260 12.61 -12.60 -29.74
C LEU C 260 13.24 -13.43 -28.64
N SER C 261 14.48 -13.16 -28.28
CA SER C 261 15.09 -13.87 -27.16
C SER C 261 14.61 -13.43 -25.77
N ALA C 262 15.02 -14.19 -24.73
CA ALA C 262 14.73 -13.80 -23.34
C ALA C 262 15.28 -12.40 -23.08
N GLU C 263 16.48 -12.16 -23.61
CA GLU C 263 17.13 -10.87 -23.42
C GLU C 263 16.33 -9.77 -24.13
N ASP C 264 15.86 -10.06 -25.34
CA ASP C 264 15.02 -9.09 -26.05
C ASP C 264 13.77 -8.76 -25.23
N LEU C 266 13.25 -8.99 -22.09
CA LEU C 266 13.72 -8.19 -20.97
C LEU C 266 13.88 -6.70 -21.29
N GLN C 267 14.60 -6.42 -22.36
CA GLN C 267 14.79 -5.03 -22.79
C GLN C 267 13.47 -4.37 -23.08
N ILE C 268 12.54 -5.11 -23.66
CA ILE C 268 11.24 -4.50 -23.97
C ILE C 268 10.44 -4.25 -22.68
N ALA C 269 10.46 -5.20 -21.73
CA ALA C 269 9.68 -4.99 -20.49
C ALA C 269 10.14 -3.74 -19.77
N ALA C 270 11.44 -3.43 -19.88
CA ALA C 270 11.98 -2.27 -19.21
C ALA C 270 11.42 -0.92 -19.70
N LEU C 271 10.82 -0.91 -20.89
CA LEU C 271 10.21 0.32 -21.41
C LEU C 271 8.87 0.69 -20.75
N ASP C 272 8.26 -0.23 -20.00
CA ASP C 272 6.90 0.02 -19.48
C ASP C 272 6.79 1.23 -18.53
N THR C 273 5.76 2.06 -18.74
CA THR C 273 5.43 3.10 -17.74
C THR C 273 4.02 2.94 -17.16
N ALA C 274 3.30 1.91 -17.60
CA ALA C 274 1.94 1.64 -17.11
C ALA C 274 1.05 2.86 -17.30
N THR C 275 1.29 3.54 -18.41
CA THR C 275 0.56 4.75 -18.76
C THR C 275 -0.12 4.66 -20.12
N SER C 276 -1.44 4.75 -20.13
CA SER C 276 -2.15 4.79 -21.42
C SER C 276 -1.63 5.87 -22.30
N ALA C 277 -1.59 5.58 -23.60
CA ALA C 277 -1.31 6.60 -24.59
C ALA C 277 -2.50 7.54 -24.82
N PHE C 278 -3.66 7.23 -24.23
CA PHE C 278 -4.90 7.90 -24.60
C PHE C 278 -5.52 8.58 -23.40
N PHE C 279 -6.01 7.78 -22.48
CA PHE C 279 -6.63 8.33 -21.23
C PHE C 279 -6.96 7.17 -20.27
N SER C 280 -7.39 7.48 -19.04
CA SER C 280 -7.79 6.44 -18.09
C SER C 280 -9.33 6.28 -18.08
N HIS C 281 -9.76 5.02 -18.14
CA HIS C 281 -11.18 4.77 -18.03
C HIS C 281 -11.71 4.99 -16.61
N ARG C 282 -10.82 5.23 -15.65
CA ARG C 282 -11.21 5.53 -14.25
C ARG C 282 -11.25 7.04 -14.01
N ASP C 283 -11.00 7.83 -15.06
CA ASP C 283 -11.05 9.31 -14.93
C ASP C 283 -12.49 9.72 -15.11
N PRO C 284 -13.11 10.37 -14.09
CA PRO C 284 -14.53 10.66 -14.26
C PRO C 284 -14.81 11.66 -15.40
N ALA C 285 -13.83 12.50 -15.76
CA ALA C 285 -14.06 13.40 -16.90
C ALA C 285 -14.21 12.55 -18.20
N VAL C 287 -15.41 9.34 -18.21
CA VAL C 287 -16.72 8.72 -18.12
C VAL C 287 -17.78 9.73 -18.61
N GLU C 288 -17.67 10.96 -18.17
CA GLU C 288 -18.67 11.97 -18.51
C GLU C 288 -18.61 12.20 -20.03
N TRP C 289 -17.40 12.25 -20.59
CA TRP C 289 -17.27 12.52 -22.03
C TRP C 289 -17.86 11.36 -22.87
N LEU C 290 -17.43 10.13 -22.59
CA LEU C 290 -17.87 9.00 -23.41
C LEU C 290 -19.36 8.70 -23.23
N THR C 291 -19.84 8.71 -21.98
CA THR C 291 -21.26 8.42 -21.76
C THR C 291 -22.17 9.53 -22.32
N GLY C 292 -21.62 10.70 -22.65
CA GLY C 292 -22.40 11.77 -23.26
C GLY C 292 -22.50 11.73 -24.79
N ARG C 293 -21.77 10.81 -25.42
CA ARG C 293 -21.79 10.80 -26.90
C ARG C 293 -23.07 10.17 -27.43
N LYS C 294 -23.62 10.77 -28.50
CA LYS C 294 -24.85 10.28 -29.15
C LYS C 294 -24.53 9.83 -30.60
N LEU C 295 -24.66 8.51 -30.85
CA LEU C 295 -24.35 7.92 -32.14
C LEU C 295 -25.59 7.25 -32.69
N ASP C 296 -25.81 7.34 -33.98
CA ASP C 296 -26.95 6.65 -34.56
C ASP C 296 -26.50 5.26 -35.01
N VAL C 297 -26.39 4.35 -34.05
CA VAL C 297 -26.04 2.97 -34.34
C VAL C 297 -26.90 2.00 -33.51
N GLN D 16 -0.14 -41.19 1.33
CA GLN D 16 -0.24 -40.71 -0.02
C GLN D 16 -1.60 -40.05 -0.19
N THR D 17 -1.64 -38.92 -0.90
CA THR D 17 -2.94 -38.30 -1.14
C THR D 17 -3.04 -37.99 -2.60
N VAL D 18 -4.26 -37.70 -3.04
CA VAL D 18 -4.47 -37.14 -4.34
C VAL D 18 -5.09 -35.76 -4.18
N LYS D 19 -4.78 -34.81 -5.06
CA LYS D 19 -5.45 -33.52 -4.99
C LYS D 19 -6.72 -33.47 -5.86
N LEU D 20 -7.83 -33.09 -5.27
CA LEU D 20 -9.09 -33.04 -6.02
C LEU D 20 -9.13 -31.82 -6.93
N ASN D 21 -10.16 -31.76 -7.78
CA ASN D 21 -10.25 -30.69 -8.77
C ASN D 21 -10.43 -29.29 -8.13
N ASN D 22 -10.79 -29.24 -6.85
CA ASN D 22 -10.91 -27.96 -6.19
C ASN D 22 -9.78 -27.69 -5.22
N GLY D 23 -8.75 -28.51 -5.31
CA GLY D 23 -7.52 -28.24 -4.59
C GLY D 23 -7.41 -28.97 -3.25
N ILE D 24 -8.47 -29.58 -2.75
CA ILE D 24 -8.28 -30.21 -1.42
C ILE D 24 -7.63 -31.60 -1.55
N ALA D 25 -6.97 -32.03 -0.48
CA ALA D 25 -6.22 -33.28 -0.50
C ALA D 25 -7.09 -34.38 0.08
N PRO D 27 -6.94 -38.63 1.14
CA PRO D 27 -6.09 -39.82 1.25
C PRO D 27 -6.43 -40.87 0.18
N LEU D 28 -5.39 -41.58 -0.31
CA LEU D 28 -5.60 -42.62 -1.32
C LEU D 28 -6.14 -43.93 -0.72
N LEU D 29 -5.90 -44.13 0.60
CA LEU D 29 -6.35 -45.36 1.24
C LEU D 29 -7.38 -45.00 2.30
N GLY D 30 -8.58 -45.55 2.16
CA GLY D 30 -9.63 -45.29 3.12
C GLY D 30 -10.31 -46.51 3.68
N PHE D 31 -11.05 -46.27 4.78
CA PHE D 31 -11.77 -47.31 5.46
C PHE D 31 -13.27 -47.04 5.30
N GLY D 32 -14.01 -48.07 4.95
CA GLY D 32 -15.42 -47.94 4.79
C GLY D 32 -16.21 -48.75 5.79
N VAL D 33 -17.26 -48.14 6.31
CA VAL D 33 -18.28 -48.84 7.07
C VAL D 33 -19.40 -49.02 6.05
N PHE D 34 -19.82 -50.26 5.87
CA PHE D 34 -20.88 -50.56 4.92
C PHE D 34 -22.02 -51.30 5.62
N THR D 37 -24.32 -53.62 11.02
CA THR D 37 -25.51 -53.34 11.84
C THR D 37 -25.28 -53.21 13.35
N ASN D 38 -24.43 -54.07 13.92
CA ASN D 38 -24.13 -54.08 15.35
C ASN D 38 -23.49 -52.78 15.80
N THR D 39 -24.07 -52.08 16.76
CA THR D 39 -23.56 -50.72 17.01
C THR D 39 -22.20 -50.68 17.69
N ALA D 40 -21.99 -51.54 18.68
CA ALA D 40 -20.69 -51.62 19.33
C ALA D 40 -19.62 -52.02 18.34
N GLU D 41 -19.93 -53.00 17.50
CA GLU D 41 -18.97 -53.47 16.51
C GLU D 41 -18.60 -52.36 15.51
N CYS D 42 -19.60 -51.59 15.09
CA CYS D 42 -19.36 -50.44 14.19
C CYS D 42 -18.46 -49.39 14.83
N GLU D 43 -18.79 -48.97 16.05
CA GLU D 43 -17.99 -47.92 16.68
C GLU D 43 -16.56 -48.41 16.90
N ARG D 44 -16.42 -49.62 17.43
CA ARG D 44 -15.07 -50.12 17.69
C ARG D 44 -14.26 -50.29 16.41
N ALA D 45 -14.92 -50.66 15.33
CA ALA D 45 -14.20 -50.84 14.08
C ALA D 45 -13.64 -49.49 13.57
N VAL D 46 -14.42 -48.43 13.69
CA VAL D 46 -13.91 -47.13 13.26
C VAL D 46 -12.74 -46.69 14.19
N ILE D 47 -12.89 -46.89 15.51
CA ILE D 47 -11.76 -46.61 16.38
C ILE D 47 -10.48 -47.40 15.96
N ASP D 48 -10.64 -48.70 15.72
CA ASP D 48 -9.51 -49.54 15.33
C ASP D 48 -8.92 -49.07 13.99
N ALA D 49 -9.78 -48.66 13.06
CA ALA D 49 -9.30 -48.21 11.74
C ALA D 49 -8.45 -46.95 11.91
N ILE D 50 -8.91 -46.00 12.71
CA ILE D 50 -8.15 -44.76 12.88
C ILE D 50 -6.83 -45.04 13.62
N GLU D 51 -6.89 -45.90 14.63
CA GLU D 51 -5.68 -46.28 15.37
C GLU D 51 -4.66 -46.93 14.41
N THR D 52 -5.18 -47.66 13.42
CA THR D 52 -4.39 -48.39 12.43
C THR D 52 -3.70 -47.43 11.46
N GLY D 53 -4.25 -46.23 11.33
CA GLY D 53 -3.66 -45.17 10.53
C GLY D 53 -4.62 -44.56 9.47
N TYR D 54 -5.81 -45.11 9.29
CA TYR D 54 -6.73 -44.50 8.32
C TYR D 54 -7.17 -43.10 8.76
N ARG D 55 -7.25 -42.18 7.82
CA ARG D 55 -7.77 -40.84 8.10
C ARG D 55 -8.99 -40.51 7.19
N LEU D 56 -9.08 -41.21 6.08
CA LEU D 56 -10.29 -41.20 5.25
C LEU D 56 -11.27 -42.28 5.77
N ILE D 57 -12.43 -41.84 6.27
CA ILE D 57 -13.47 -42.70 6.82
C ILE D 57 -14.76 -42.45 6.02
N ASP D 58 -15.35 -43.53 5.51
CA ASP D 58 -16.48 -43.37 4.60
C ASP D 58 -17.74 -44.00 5.19
N THR D 59 -18.82 -43.23 5.22
CA THR D 59 -20.12 -43.78 5.59
C THR D 59 -21.21 -43.23 4.62
N ALA D 60 -22.49 -43.40 4.98
CA ALA D 60 -23.60 -42.91 4.13
C ALA D 60 -24.82 -42.85 4.98
N ALA D 61 -25.74 -41.92 4.69
CA ALA D 61 -26.95 -41.87 5.52
C ALA D 61 -27.66 -43.23 5.47
N SER D 62 -27.68 -43.85 4.30
CA SER D 62 -28.44 -45.10 4.18
C SER D 62 -27.85 -46.29 4.94
N TYR D 63 -26.60 -46.21 5.39
CA TYR D 63 -26.03 -47.31 6.22
C TYR D 63 -26.60 -47.30 7.65
N GLN D 64 -27.29 -46.21 8.02
CA GLN D 64 -27.96 -46.10 9.32
C GLN D 64 -27.00 -46.23 10.50
N ASN D 65 -25.76 -45.82 10.29
CA ASN D 65 -24.78 -45.90 11.37
C ASN D 65 -23.98 -44.60 11.54
N GLU D 66 -24.46 -43.48 10.98
CA GLU D 66 -23.72 -42.21 11.16
C GLU D 66 -23.50 -41.84 12.64
N THR D 67 -24.47 -42.14 13.50
CA THR D 67 -24.34 -41.82 14.93
C THR D 67 -23.15 -42.57 15.52
N GLN D 68 -23.02 -43.84 15.16
CA GLN D 68 -21.91 -44.66 15.66
C GLN D 68 -20.57 -44.17 15.11
N VAL D 69 -20.56 -43.78 13.84
CA VAL D 69 -19.33 -43.21 13.28
C VAL D 69 -18.95 -41.93 14.02
N GLY D 70 -19.92 -41.07 14.29
CA GLY D 70 -19.66 -39.81 14.96
C GLY D 70 -19.13 -40.10 16.37
N ASN D 71 -19.72 -41.08 17.04
CA ASN D 71 -19.23 -41.43 18.39
C ASN D 71 -17.76 -41.88 18.33
N ALA D 72 -17.43 -42.73 17.36
CA ALA D 72 -16.06 -43.18 17.20
C ALA D 72 -15.06 -42.06 16.89
N LEU D 73 -15.45 -41.07 16.08
CA LEU D 73 -14.53 -39.96 15.83
C LEU D 73 -14.20 -39.20 17.14
N LYS D 74 -15.20 -38.99 17.98
CA LYS D 74 -14.97 -38.34 19.29
C LYS D 74 -13.99 -39.17 20.13
N LEU D 75 -14.10 -40.51 20.05
CA LEU D 75 -13.28 -41.44 20.87
C LEU D 75 -11.90 -41.67 20.30
N SER D 76 -11.66 -41.21 19.06
CA SER D 76 -10.39 -41.45 18.37
C SER D 76 -9.23 -40.65 18.93
N GLY D 77 -9.50 -39.48 19.49
CA GLY D 77 -8.45 -38.57 19.95
C GLY D 77 -7.67 -37.89 18.83
N ILE D 78 -8.17 -37.94 17.60
CA ILE D 78 -7.48 -37.30 16.47
C ILE D 78 -8.17 -35.99 16.18
N ALA D 79 -7.40 -34.94 15.94
CA ALA D 79 -7.95 -33.62 15.62
C ALA D 79 -8.86 -33.66 14.37
N ARG D 80 -9.90 -32.85 14.39
CA ARG D 80 -10.85 -32.80 13.27
C ARG D 80 -10.20 -32.49 11.93
N ASP D 81 -9.24 -31.56 11.93
CA ASP D 81 -8.61 -31.15 10.67
C ASP D 81 -7.65 -32.22 10.09
N GLU D 82 -7.45 -33.29 10.84
CA GLU D 82 -6.66 -34.43 10.36
C GLU D 82 -7.53 -35.60 9.81
N LEU D 83 -8.84 -35.50 9.96
CA LEU D 83 -9.73 -36.54 9.45
C LEU D 83 -10.39 -36.07 8.17
N PHE D 84 -10.61 -37.01 7.25
CA PHE D 84 -11.34 -36.75 6.04
C PHE D 84 -12.61 -37.61 6.06
N ILE D 85 -13.75 -37.00 6.38
CA ILE D 85 -14.99 -37.74 6.59
C ILE D 85 -15.87 -37.59 5.34
N THR D 86 -16.38 -38.72 4.82
CA THR D 86 -17.32 -38.70 3.69
C THR D 86 -18.65 -39.28 4.17
N THR D 87 -19.75 -38.65 3.77
CA THR D 87 -21.06 -39.30 3.88
C THR D 87 -21.84 -39.01 2.61
N LYS D 88 -23.06 -39.53 2.52
CA LYS D 88 -23.79 -39.62 1.23
C LYS D 88 -25.30 -39.43 1.42
N LEU D 89 -25.88 -38.64 0.51
CA LEU D 89 -27.32 -38.32 0.49
C LEU D 89 -28.12 -39.54 0.02
N TRP D 90 -29.04 -40.01 0.85
CA TRP D 90 -29.95 -41.12 0.52
C TRP D 90 -31.15 -40.61 -0.27
N LEU D 91 -31.55 -41.40 -1.31
CA LEU D 91 -32.41 -40.91 -2.40
C LEU D 91 -33.80 -40.42 -2.01
N GLN D 92 -34.32 -40.80 -0.83
CA GLN D 92 -35.63 -40.28 -0.47
C GLN D 92 -35.61 -38.76 -0.31
N ASP D 93 -34.41 -38.19 -0.23
CA ASP D 93 -34.24 -36.76 -0.10
C ASP D 93 -33.44 -36.12 -1.24
N THR D 94 -33.35 -36.84 -2.37
CA THR D 94 -32.65 -36.29 -3.54
C THR D 94 -33.55 -35.32 -4.28
N TYR D 95 -33.55 -34.09 -3.76
CA TYR D 95 -34.18 -32.92 -4.35
C TYR D 95 -33.66 -31.69 -3.57
N TYR D 96 -34.01 -30.48 -3.97
CA TYR D 96 -33.36 -29.28 -3.43
C TYR D 96 -33.57 -29.17 -1.90
N GLU D 97 -34.83 -29.06 -1.48
CA GLU D 97 -35.13 -28.88 -0.05
C GLU D 97 -34.72 -30.08 0.79
N GLY D 98 -34.97 -31.27 0.25
CA GLY D 98 -34.63 -32.54 0.89
C GLY D 98 -33.15 -32.69 1.14
N ALA D 99 -32.32 -32.29 0.19
CA ALA D 99 -30.87 -32.45 0.36
C ALA D 99 -30.36 -31.63 1.54
N LYS D 100 -30.83 -30.37 1.66
CA LYS D 100 -30.42 -29.53 2.79
C LYS D 100 -30.89 -30.16 4.09
N ALA D 101 -32.13 -30.65 4.13
CA ALA D 101 -32.63 -31.24 5.37
C ALA D 101 -31.87 -32.50 5.78
N GLN D 102 -31.66 -33.42 4.83
CA GLN D 102 -31.01 -34.66 5.23
C GLN D 102 -29.54 -34.41 5.57
N PHE D 103 -28.91 -33.52 4.81
CA PHE D 103 -27.53 -33.17 5.12
C PHE D 103 -27.41 -32.68 6.57
N GLU D 104 -28.31 -31.80 7.00
CA GLU D 104 -28.25 -31.30 8.41
C GLU D 104 -28.49 -32.41 9.41
N ARG D 105 -29.37 -33.36 9.07
CA ARG D 105 -29.56 -34.52 9.95
C ARG D 105 -28.29 -35.36 10.02
N SER D 106 -27.62 -35.53 8.89
CA SER D 106 -26.33 -36.22 8.84
C SER D 106 -25.26 -35.53 9.71
N LEU D 107 -25.15 -34.22 9.58
CA LEU D 107 -24.19 -33.49 10.44
C LEU D 107 -24.48 -33.71 11.90
N ASN D 108 -25.76 -33.66 12.27
CA ASN D 108 -26.12 -33.78 13.69
C ASN D 108 -25.78 -35.21 14.21
N ARG D 109 -26.04 -36.23 13.40
CA ARG D 109 -25.72 -37.61 13.80
C ARG D 109 -24.20 -37.81 13.89
N LEU D 110 -23.47 -37.25 12.94
CA LEU D 110 -22.01 -37.37 12.90
C LEU D 110 -21.32 -36.50 13.96
N GLN D 111 -22.09 -35.58 14.55
CA GLN D 111 -21.57 -34.58 15.52
C GLN D 111 -20.45 -33.74 14.92
N LEU D 112 -20.64 -33.29 13.68
CA LEU D 112 -19.64 -32.50 12.95
C LEU D 112 -20.23 -31.16 12.52
N ASP D 113 -19.35 -30.19 12.32
CA ASP D 113 -19.75 -28.88 11.81
C ASP D 113 -19.68 -28.82 10.30
N TYR D 114 -18.91 -29.72 9.71
CA TYR D 114 -18.76 -29.78 8.25
C TYR D 114 -18.32 -31.18 7.91
N VAL D 115 -18.58 -31.60 6.67
CA VAL D 115 -17.97 -32.83 6.16
C VAL D 115 -16.95 -32.54 5.07
N ASP D 116 -15.99 -33.42 4.89
CA ASP D 116 -14.97 -33.19 3.87
C ASP D 116 -15.50 -33.50 2.48
N LEU D 117 -16.35 -34.52 2.39
CA LEU D 117 -16.86 -34.93 1.08
C LEU D 117 -18.32 -35.40 1.26
N TYR D 118 -19.21 -34.92 0.42
CA TYR D 118 -20.62 -35.32 0.47
C TYR D 118 -21.00 -35.77 -0.93
N LEU D 119 -21.55 -36.98 -1.02
CA LEU D 119 -21.88 -37.54 -2.34
C LEU D 119 -23.37 -37.77 -2.50
N ILE D 120 -23.88 -37.58 -3.72
CA ILE D 120 -25.19 -38.18 -4.02
C ILE D 120 -24.97 -39.69 -4.13
N HIS D 121 -25.64 -40.48 -3.31
CA HIS D 121 -25.32 -41.89 -3.22
C HIS D 121 -25.72 -42.71 -4.47
N GLN D 122 -26.87 -42.38 -5.04
CA GLN D 122 -27.42 -43.12 -6.19
C GLN D 122 -27.84 -42.16 -7.31
N PRO D 123 -27.82 -42.65 -8.57
CA PRO D 123 -28.20 -41.83 -9.71
C PRO D 123 -29.71 -41.77 -9.91
N TYR D 124 -30.47 -41.58 -8.84
CA TYR D 124 -31.92 -41.62 -8.93
C TYR D 124 -32.50 -40.39 -8.24
N GLY D 125 -33.70 -40.02 -8.66
CA GLY D 125 -34.36 -38.84 -8.13
C GLY D 125 -33.93 -37.54 -8.77
N ASP D 126 -34.28 -36.45 -8.10
CA ASP D 126 -34.01 -35.10 -8.60
C ASP D 126 -32.56 -34.66 -8.32
N VAL D 127 -31.65 -35.24 -9.10
CA VAL D 127 -30.23 -35.10 -8.92
C VAL D 127 -29.82 -33.68 -9.17
N HIS D 128 -30.40 -33.03 -10.20
CA HIS D 128 -29.99 -31.63 -10.42
C HIS D 128 -30.46 -30.71 -9.29
N GLY D 129 -31.66 -30.91 -8.76
CA GLY D 129 -32.08 -30.09 -7.59
C GLY D 129 -31.22 -30.30 -6.35
N ALA D 130 -30.91 -31.57 -6.07
CA ALA D 130 -30.01 -31.87 -4.93
C ALA D 130 -28.64 -31.24 -5.14
N TRP D 131 -28.14 -31.30 -6.39
CA TRP D 131 -26.82 -30.77 -6.69
C TRP D 131 -26.80 -29.25 -6.47
N ARG D 132 -27.87 -28.56 -6.89
CA ARG D 132 -27.91 -27.12 -6.61
C ARG D 132 -27.79 -26.81 -5.10
N ALA D 133 -28.51 -27.57 -4.28
CA ALA D 133 -28.43 -27.37 -2.83
C ALA D 133 -27.01 -27.65 -2.33
N GLU D 135 -24.18 -27.49 -4.01
CA GLU D 135 -23.27 -26.40 -4.39
C GLU D 135 -23.35 -25.25 -3.40
N GLU D 136 -24.56 -24.96 -2.95
CA GLU D 136 -24.75 -23.85 -1.95
C GLU D 136 -24.12 -24.18 -0.61
N LEU D 137 -24.30 -25.43 -0.16
CA LEU D 137 -23.77 -25.85 1.13
C LEU D 137 -22.25 -25.82 1.10
N HIS D 138 -21.70 -26.25 -0.04
CA HIS D 138 -20.26 -26.19 -0.34
C HIS D 138 -19.72 -24.75 -0.31
N GLN D 139 -20.38 -23.84 -1.03
CA GLN D 139 -19.98 -22.41 -1.02
C GLN D 139 -20.09 -21.79 0.37
N ALA D 140 -21.02 -22.26 1.20
CA ALA D 140 -21.17 -21.75 2.56
C ALA D 140 -20.13 -22.35 3.51
N GLY D 141 -19.33 -23.29 3.04
CA GLY D 141 -18.29 -23.88 3.87
C GLY D 141 -18.68 -25.06 4.74
N LYS D 142 -19.86 -25.64 4.53
CA LYS D 142 -20.29 -26.81 5.31
C LYS D 142 -19.78 -28.12 4.71
N ILE D 143 -19.33 -28.05 3.46
CA ILE D 143 -18.85 -29.24 2.74
C ILE D 143 -17.58 -28.85 1.98
N ARG D 144 -16.48 -29.57 2.19
CA ARG D 144 -15.25 -29.21 1.51
C ARG D 144 -15.18 -29.59 0.04
N ALA D 145 -15.84 -30.70 -0.32
CA ALA D 145 -15.93 -31.15 -1.72
C ALA D 145 -17.24 -31.90 -1.92
N ILE D 146 -17.86 -31.71 -3.09
CA ILE D 146 -19.08 -32.40 -3.43
C ILE D 146 -18.86 -33.35 -4.58
N GLY D 147 -19.61 -34.46 -4.58
CA GLY D 147 -19.42 -35.52 -5.57
C GLY D 147 -20.62 -36.42 -5.70
N VAL D 148 -20.45 -37.54 -6.40
CA VAL D 148 -21.54 -38.46 -6.62
C VAL D 148 -21.06 -39.92 -6.47
N SER D 149 -21.97 -40.87 -6.62
CA SER D 149 -21.57 -42.26 -6.54
C SER D 149 -22.46 -43.06 -7.52
N ASN D 150 -21.88 -44.09 -8.16
CA ASN D 150 -22.63 -44.96 -9.05
C ASN D 150 -23.18 -44.22 -10.29
N PHE D 151 -22.50 -43.14 -10.70
CA PHE D 151 -22.88 -42.42 -11.92
C PHE D 151 -22.03 -42.95 -13.08
N HIS D 152 -22.67 -43.44 -14.15
CA HIS D 152 -21.92 -43.73 -15.38
C HIS D 152 -21.47 -42.42 -16.06
N PRO D 153 -20.52 -42.50 -17.01
CA PRO D 153 -20.08 -41.28 -17.68
C PRO D 153 -21.19 -40.45 -18.31
N ASP D 154 -22.22 -41.08 -18.86
CA ASP D 154 -23.32 -40.27 -19.45
C ASP D 154 -23.94 -39.36 -18.38
N ARG D 155 -24.13 -39.93 -17.17
CA ARG D 155 -24.77 -39.17 -16.11
C ARG D 155 -23.85 -38.09 -15.54
N LEU D 156 -22.54 -38.35 -15.52
CA LEU D 156 -21.57 -37.32 -15.12
C LEU D 156 -21.57 -36.16 -16.13
N ALA D 157 -21.51 -36.50 -17.41
CA ALA D 157 -21.48 -35.48 -18.47
C ALA D 157 -22.75 -34.58 -18.38
N ASP D 158 -23.87 -35.22 -18.09
CA ASP D 158 -25.17 -34.51 -18.01
C ASP D 158 -25.14 -33.58 -16.79
N LEU D 159 -24.69 -34.10 -15.66
CA LEU D 159 -24.59 -33.22 -14.46
C LEU D 159 -23.69 -32.01 -14.72
N ALA D 161 -22.93 -30.60 -17.60
CA ALA D 161 -23.38 -29.71 -18.70
C ALA D 161 -24.27 -28.55 -18.16
N PHE D 162 -24.98 -28.82 -17.07
CA PHE D 162 -26.02 -27.92 -16.60
C PHE D 162 -25.69 -27.18 -15.30
N ASN D 163 -24.58 -27.54 -14.65
CA ASN D 163 -24.32 -26.98 -13.32
C ASN D 163 -22.97 -26.31 -13.21
N LYS D 164 -22.72 -25.67 -12.06
CA LYS D 164 -21.54 -24.82 -11.91
C LYS D 164 -20.31 -25.62 -11.44
N ILE D 165 -20.51 -26.49 -10.48
CA ILE D 165 -19.40 -27.25 -9.93
C ILE D 165 -19.32 -28.67 -10.49
N ILE D 166 -18.15 -29.04 -11.00
CA ILE D 166 -17.92 -30.39 -11.52
C ILE D 166 -17.70 -31.31 -10.30
N PRO D 167 -18.32 -32.49 -10.30
CA PRO D 167 -18.13 -33.38 -9.12
C PRO D 167 -16.67 -33.69 -8.88
N ALA D 168 -16.26 -33.60 -7.60
CA ALA D 168 -14.85 -33.81 -7.27
C ALA D 168 -14.51 -35.31 -7.26
N VAL D 169 -15.48 -36.14 -6.91
CA VAL D 169 -15.29 -37.57 -6.78
C VAL D 169 -16.54 -38.29 -7.35
N ASN D 170 -16.32 -39.47 -7.93
CA ASN D 170 -17.40 -40.39 -8.24
C ASN D 170 -16.97 -41.75 -7.70
N GLN D 171 -17.73 -42.22 -6.71
CA GLN D 171 -17.43 -43.46 -6.03
C GLN D 171 -18.18 -44.60 -6.73
N ILE D 172 -17.42 -45.51 -7.35
CA ILE D 172 -18.01 -46.61 -8.11
C ILE D 172 -17.39 -47.95 -7.77
N GLU D 173 -18.09 -49.03 -8.09
CA GLU D 173 -17.49 -50.34 -7.90
C GLU D 173 -16.23 -50.50 -8.78
N VAL D 174 -15.09 -50.87 -8.16
CA VAL D 174 -13.89 -51.22 -8.95
C VAL D 174 -13.30 -52.46 -8.35
N ASN D 175 -13.27 -53.57 -9.10
CA ASN D 175 -12.58 -54.78 -8.61
C ASN D 175 -12.07 -55.57 -9.84
N PRO D 176 -11.39 -56.68 -9.62
CA PRO D 176 -10.76 -57.28 -10.81
C PRO D 176 -11.74 -57.84 -11.85
N PHE D 177 -13.01 -58.03 -11.50
CA PHE D 177 -13.99 -58.47 -12.50
C PHE D 177 -14.81 -57.36 -13.10
N ASN D 178 -14.73 -56.18 -12.49
CA ASN D 178 -15.49 -55.02 -12.94
C ASN D 178 -14.54 -53.84 -12.84
N GLN D 179 -13.67 -53.68 -13.86
CA GLN D 179 -12.51 -52.81 -13.71
C GLN D 179 -12.70 -51.35 -14.11
N GLN D 180 -13.82 -51.00 -14.74
CA GLN D 180 -14.03 -49.65 -15.19
C GLN D 180 -12.89 -49.22 -16.14
N LEU D 181 -12.57 -50.05 -17.12
CA LEU D 181 -11.42 -49.75 -17.96
C LEU D 181 -11.58 -48.45 -18.74
N HIS D 182 -12.73 -48.25 -19.35
CA HIS D 182 -13.08 -46.95 -19.93
C HIS D 182 -13.42 -45.84 -18.93
N ALA D 183 -14.22 -46.19 -17.93
CA ALA D 183 -14.82 -45.19 -17.04
C ALA D 183 -13.83 -44.40 -16.19
N VAL D 184 -12.84 -45.08 -15.64
CA VAL D 184 -11.85 -44.39 -14.82
C VAL D 184 -11.06 -43.39 -15.65
N PRO D 185 -10.64 -43.79 -16.84
CA PRO D 185 -9.91 -42.87 -17.71
C PRO D 185 -10.78 -41.67 -18.10
N TRP D 186 -12.05 -41.91 -18.36
CA TRP D 186 -12.96 -40.84 -18.74
C TRP D 186 -13.15 -39.86 -17.59
N GLN D 188 -11.12 -39.37 -15.09
CA GLN D 188 -9.85 -38.70 -14.86
C GLN D 188 -9.61 -37.60 -15.89
N SER D 189 -9.97 -37.88 -17.14
CA SER D 189 -9.79 -36.92 -18.24
C SER D 189 -10.65 -35.65 -18.05
N ARG D 190 -11.68 -35.76 -17.21
CA ARG D 190 -12.57 -34.63 -16.92
C ARG D 190 -12.26 -34.00 -15.54
N GLY D 191 -11.22 -34.47 -14.86
CA GLY D 191 -10.86 -33.91 -13.57
C GLY D 191 -11.65 -34.49 -12.40
N ILE D 192 -12.36 -35.58 -12.64
CA ILE D 192 -13.17 -36.20 -11.57
C ILE D 192 -12.39 -37.37 -10.95
N GLN D 193 -12.22 -37.40 -9.62
CA GLN D 193 -11.43 -38.45 -9.03
C GLN D 193 -12.24 -39.71 -8.79
N PRO D 194 -11.78 -40.85 -9.32
CA PRO D 194 -12.49 -42.09 -9.04
C PRO D 194 -12.18 -42.62 -7.68
N GLU D 195 -13.18 -43.22 -7.04
CA GLU D 195 -12.97 -43.86 -5.72
C GLU D 195 -13.67 -45.21 -5.76
N ALA D 196 -12.93 -46.27 -5.40
CA ALA D 196 -13.42 -47.63 -5.51
C ALA D 196 -14.19 -48.09 -4.28
N TRP D 197 -15.39 -48.62 -4.51
CA TRP D 197 -15.99 -49.46 -3.49
C TRP D 197 -16.02 -50.94 -3.93
N ALA D 198 -16.17 -51.83 -2.95
CA ALA D 198 -16.09 -53.29 -3.16
C ALA D 198 -14.87 -53.76 -3.97
N PRO D 199 -13.66 -53.37 -3.53
CA PRO D 199 -12.45 -53.73 -4.29
C PRO D 199 -12.28 -55.25 -4.36
N PHE D 200 -12.85 -56.00 -3.41
CA PHE D 200 -12.68 -57.44 -3.43
C PHE D 200 -13.93 -58.16 -3.94
N ALA D 201 -14.88 -57.40 -4.50
CA ALA D 201 -16.17 -57.97 -4.95
C ALA D 201 -16.90 -58.75 -3.82
N GLU D 202 -16.71 -58.28 -2.59
CA GLU D 202 -17.22 -58.92 -1.36
C GLU D 202 -16.91 -60.41 -1.34
N GLY D 203 -15.79 -60.76 -1.97
CA GLY D 203 -15.31 -62.12 -2.04
C GLY D 203 -16.06 -62.99 -3.03
N ARG D 204 -16.93 -62.37 -3.82
CA ARG D 204 -17.70 -63.13 -4.80
C ARG D 204 -16.84 -63.70 -5.96
N ASN D 205 -17.40 -64.66 -6.68
CA ASN D 205 -16.76 -65.26 -7.84
C ASN D 205 -15.35 -65.79 -7.55
N GLY D 206 -15.13 -66.25 -6.31
CA GLY D 206 -13.86 -66.84 -5.92
C GLY D 206 -12.65 -65.89 -5.92
N LEU D 207 -12.91 -64.59 -5.79
CA LEU D 207 -11.84 -63.60 -5.82
C LEU D 207 -10.65 -63.94 -4.92
N PHE D 208 -10.89 -64.26 -3.66
CA PHE D 208 -9.75 -64.47 -2.77
C PHE D 208 -8.92 -65.72 -3.04
N GLN D 209 -9.43 -66.62 -3.88
CA GLN D 209 -8.68 -67.79 -4.32
C GLN D 209 -8.20 -67.71 -5.78
N ASN D 210 -8.37 -66.56 -6.40
CA ASN D 210 -8.01 -66.43 -7.82
C ASN D 210 -6.51 -66.72 -8.06
N PRO D 211 -6.22 -67.66 -8.96
CA PRO D 211 -4.86 -68.15 -9.18
C PRO D 211 -3.88 -67.05 -9.62
N VAL D 212 -4.32 -66.15 -10.52
CA VAL D 212 -3.46 -65.09 -10.98
C VAL D 212 -3.10 -64.12 -9.84
N LEU D 213 -4.10 -63.69 -9.07
CA LEU D 213 -3.87 -62.77 -7.95
C LEU D 213 -3.04 -63.40 -6.85
N THR D 214 -3.28 -64.68 -6.59
CA THR D 214 -2.54 -65.36 -5.51
C THR D 214 -1.07 -65.50 -5.91
N ALA D 215 -0.80 -65.87 -7.16
CA ALA D 215 0.59 -65.97 -7.66
C ALA D 215 1.29 -64.61 -7.61
N ILE D 216 0.62 -63.54 -8.02
CA ILE D 216 1.24 -62.22 -7.93
C ILE D 216 1.59 -61.85 -6.46
N GLY D 217 0.67 -62.12 -5.54
CA GLY D 217 0.89 -61.82 -4.13
C GLY D 217 2.11 -62.55 -3.61
N GLU D 218 2.20 -63.81 -4.00
CA GLU D 218 3.28 -64.66 -3.52
C GLU D 218 4.67 -64.19 -3.92
N LYS D 219 4.76 -63.47 -5.03
CA LYS D 219 6.02 -62.82 -5.43
C LYS D 219 6.52 -61.81 -4.41
N TYR D 220 5.60 -61.17 -3.69
CA TYR D 220 5.96 -60.04 -2.84
C TYR D 220 5.69 -60.31 -1.38
N GLY D 221 5.24 -61.54 -1.09
CA GLY D 221 4.82 -61.87 0.27
C GLY D 221 3.60 -61.05 0.71
N LYS D 222 2.69 -60.83 -0.22
CA LYS D 222 1.50 -60.04 0.04
C LYS D 222 0.28 -60.90 -0.26
N SER D 223 -0.83 -60.56 0.39
CA SER D 223 -2.09 -61.26 0.21
C SER D 223 -2.77 -60.83 -1.07
N VAL D 224 -3.75 -61.61 -1.49
CA VAL D 224 -4.60 -61.23 -2.62
C VAL D 224 -5.22 -59.84 -2.41
N GLY D 225 -5.75 -59.61 -1.21
CA GLY D 225 -6.34 -58.32 -0.90
C GLY D 225 -5.34 -57.19 -1.09
N GLN D 226 -4.12 -57.35 -0.56
CA GLN D 226 -3.12 -56.30 -0.71
C GLN D 226 -2.77 -56.08 -2.19
N VAL D 227 -2.66 -57.14 -2.97
CA VAL D 227 -2.40 -57.03 -4.42
C VAL D 227 -3.51 -56.19 -5.11
N VAL D 228 -4.75 -56.54 -4.84
CA VAL D 228 -5.86 -55.79 -5.41
C VAL D 228 -5.81 -54.32 -5.01
N LEU D 229 -5.58 -54.04 -3.71
CA LEU D 229 -5.53 -52.62 -3.35
C LEU D 229 -4.37 -51.90 -4.02
N ARG D 230 -3.25 -52.58 -4.18
CA ARG D 230 -2.07 -51.91 -4.76
C ARG D 230 -2.36 -51.65 -6.28
N TRP D 231 -3.08 -52.57 -6.91
CA TRP D 231 -3.50 -52.39 -8.32
C TRP D 231 -4.38 -51.15 -8.46
N ILE D 232 -5.39 -51.02 -7.59
CA ILE D 232 -6.24 -49.82 -7.61
C ILE D 232 -5.43 -48.55 -7.37
N PHE D 233 -4.53 -48.61 -6.38
CA PHE D 233 -3.63 -47.48 -6.09
C PHE D 233 -2.81 -47.06 -7.33
N GLN D 234 -2.23 -48.03 -8.02
CA GLN D 234 -1.38 -47.70 -9.17
C GLN D 234 -2.15 -47.15 -10.35
N ARG D 235 -3.48 -47.32 -10.34
CA ARG D 235 -4.33 -46.71 -11.39
C ARG D 235 -4.77 -45.31 -11.01
N GLY D 236 -4.29 -44.85 -9.86
CA GLY D 236 -4.62 -43.51 -9.35
C GLY D 236 -6.07 -43.38 -8.88
N ILE D 237 -6.58 -44.46 -8.28
CA ILE D 237 -7.95 -44.51 -7.78
C ILE D 237 -7.89 -44.62 -6.26
N VAL D 238 -8.69 -43.79 -5.56
CA VAL D 238 -8.80 -43.91 -4.07
C VAL D 238 -9.56 -45.18 -3.76
N SER D 239 -9.18 -45.92 -2.69
CA SER D 239 -9.89 -47.15 -2.40
C SER D 239 -10.54 -47.12 -1.02
N LEU D 240 -11.66 -47.82 -0.89
CA LEU D 240 -12.23 -48.09 0.46
C LEU D 240 -12.19 -49.57 0.73
N ALA D 241 -11.61 -49.97 1.85
CA ALA D 241 -11.59 -51.37 2.21
C ALA D 241 -12.22 -51.51 3.59
N LYS D 242 -13.03 -52.53 3.76
CA LYS D 242 -13.69 -52.80 5.07
C LYS D 242 -13.22 -54.08 5.73
N SER D 243 -12.98 -54.00 7.04
CA SER D 243 -12.91 -55.18 7.87
C SER D 243 -13.38 -54.81 9.28
N VAL D 244 -13.75 -55.81 10.08
CA VAL D 244 -13.97 -55.58 11.50
C VAL D 244 -12.83 -56.13 12.34
N ARG D 245 -11.86 -56.74 11.66
CA ARG D 245 -10.71 -57.31 12.32
C ARG D 245 -9.49 -56.39 12.18
N LYS D 246 -8.92 -55.98 13.30
CA LYS D 246 -7.85 -55.01 13.30
C LYS D 246 -6.64 -55.51 12.54
N GLY D 247 -6.34 -56.79 12.71
CA GLY D 247 -5.26 -57.42 11.96
C GLY D 247 -5.43 -57.29 10.45
N ARG D 248 -6.65 -57.48 9.96
CA ARG D 248 -6.95 -57.30 8.55
C ARG D 248 -6.78 -55.86 8.08
N GLU D 250 -4.72 -53.70 9.34
CA GLU D 250 -3.27 -53.49 9.31
C GLU D 250 -2.68 -54.04 8.00
N GLU D 251 -3.18 -55.20 7.56
CA GLU D 251 -2.79 -55.75 6.27
C GLU D 251 -3.22 -54.84 5.09
N ASN D 252 -4.48 -54.43 5.11
CA ASN D 252 -5.05 -53.62 4.02
C ASN D 252 -4.31 -52.31 3.81
N ILE D 253 -3.87 -51.68 4.91
CA ILE D 253 -3.25 -50.36 4.79
C ILE D 253 -1.76 -50.50 4.43
N ASN D 254 -1.23 -51.69 4.64
CA ASN D 254 0.23 -51.93 4.48
C ASN D 254 0.54 -52.34 3.02
N ILE D 255 0.33 -51.40 2.11
CA ILE D 255 0.59 -51.65 0.69
C ILE D 255 1.52 -50.60 0.07
N LEU D 256 2.16 -49.79 0.93
CA LEU D 256 3.02 -48.72 0.40
C LEU D 256 4.48 -49.15 0.38
N ASP D 257 4.72 -50.43 0.67
CA ASP D 257 6.07 -51.00 0.76
C ASP D 257 6.41 -51.95 -0.42
N PHE D 258 5.59 -51.95 -1.49
CA PHE D 258 5.86 -52.81 -2.63
C PHE D 258 5.21 -52.19 -3.82
N GLU D 259 5.54 -52.69 -5.01
CA GLU D 259 4.90 -52.21 -6.24
C GLU D 259 4.65 -53.37 -7.19
N LEU D 260 3.58 -53.24 -7.97
CA LEU D 260 3.28 -54.24 -8.99
C LEU D 260 3.99 -53.84 -10.28
N SER D 261 4.57 -54.81 -10.98
CA SER D 261 5.22 -54.53 -12.26
C SER D 261 4.24 -54.34 -13.43
N ALA D 262 4.74 -53.87 -14.57
CA ALA D 262 3.88 -53.71 -15.74
C ALA D 262 3.29 -55.06 -16.12
N GLU D 263 4.10 -56.13 -16.01
CA GLU D 263 3.63 -57.49 -16.31
C GLU D 263 2.49 -57.91 -15.36
N ASP D 264 2.66 -57.62 -14.07
CA ASP D 264 1.60 -57.85 -13.07
C ASP D 264 0.32 -57.13 -13.46
N LEU D 266 -0.70 -56.02 -16.33
CA LEU D 266 -1.31 -56.61 -17.51
C LEU D 266 -2.07 -57.90 -17.19
N GLN D 267 -1.47 -58.76 -16.36
CA GLN D 267 -2.16 -60.00 -15.99
C GLN D 267 -3.45 -59.69 -15.25
N ILE D 268 -3.43 -58.67 -14.41
CA ILE D 268 -4.68 -58.29 -13.75
C ILE D 268 -5.72 -57.72 -14.71
N ALA D 269 -5.28 -56.87 -15.62
CA ALA D 269 -6.24 -56.30 -16.57
C ALA D 269 -6.99 -57.39 -17.37
N ALA D 270 -6.29 -58.46 -17.68
CA ALA D 270 -6.88 -59.59 -18.39
C ALA D 270 -8.06 -60.24 -17.68
N LEU D 271 -8.15 -60.04 -16.35
CA LEU D 271 -9.29 -60.61 -15.61
C LEU D 271 -10.63 -59.94 -15.82
N ASP D 272 -10.64 -58.71 -16.34
CA ASP D 272 -11.89 -57.97 -16.41
C ASP D 272 -13.02 -58.64 -17.20
N THR D 273 -14.22 -58.57 -16.64
CA THR D 273 -15.45 -58.90 -17.40
C THR D 273 -16.44 -57.72 -17.51
N ALA D 274 -16.10 -56.58 -16.93
CA ALA D 274 -16.95 -55.39 -16.99
C ALA D 274 -18.35 -55.70 -16.49
N THR D 275 -18.42 -56.57 -15.51
CA THR D 275 -19.71 -56.98 -14.91
C THR D 275 -19.70 -56.78 -13.41
N SER D 276 -20.67 -56.03 -12.90
CA SER D 276 -20.79 -55.86 -11.46
C SER D 276 -20.93 -57.18 -10.72
N ALA D 277 -20.36 -57.23 -9.52
CA ALA D 277 -20.60 -58.36 -8.64
C ALA D 277 -21.98 -58.32 -8.02
N PHE D 278 -22.74 -57.24 -8.26
CA PHE D 278 -23.93 -56.99 -7.50
C PHE D 278 -25.12 -56.86 -8.43
N PHE D 279 -25.13 -55.79 -9.20
CA PHE D 279 -26.24 -55.50 -10.12
C PHE D 279 -25.94 -54.24 -10.95
N SER D 280 -26.76 -54.01 -11.97
CA SER D 280 -26.60 -52.82 -12.81
C SER D 280 -27.53 -51.72 -12.37
N HIS D 281 -27.00 -50.50 -12.24
CA HIS D 281 -27.85 -49.37 -11.86
C HIS D 281 -28.74 -48.96 -13.06
N ARG D 282 -28.51 -49.56 -14.22
CA ARG D 282 -29.38 -49.30 -15.39
C ARG D 282 -30.47 -50.37 -15.56
N ASP D 283 -30.49 -51.37 -14.66
CA ASP D 283 -31.57 -52.36 -14.66
C ASP D 283 -32.84 -51.76 -14.02
N PRO D 284 -33.96 -51.68 -14.76
CA PRO D 284 -35.10 -50.95 -14.17
C PRO D 284 -35.67 -51.66 -12.91
N ALA D 285 -35.45 -52.97 -12.79
CA ALA D 285 -35.91 -53.68 -11.60
C ALA D 285 -35.11 -53.21 -10.38
N VAL D 287 -33.68 -50.13 -10.23
CA VAL D 287 -34.25 -48.80 -9.94
C VAL D 287 -35.52 -48.91 -9.08
N GLU D 288 -36.48 -49.76 -9.48
CA GLU D 288 -37.70 -49.92 -8.72
C GLU D 288 -37.41 -50.41 -7.29
N TRP D 289 -36.46 -51.32 -7.13
CA TRP D 289 -36.15 -51.84 -5.78
C TRP D 289 -35.53 -50.77 -4.90
N LEU D 290 -34.47 -50.13 -5.39
CA LEU D 290 -33.79 -49.15 -4.56
C LEU D 290 -34.67 -47.94 -4.28
N THR D 291 -35.39 -47.45 -5.29
CA THR D 291 -36.19 -46.25 -5.04
C THR D 291 -37.40 -46.52 -4.13
N GLY D 292 -37.74 -47.80 -3.90
CA GLY D 292 -38.85 -48.17 -3.05
C GLY D 292 -38.44 -48.37 -1.58
N ARG D 293 -37.16 -48.29 -1.28
CA ARG D 293 -36.71 -48.57 0.12
C ARG D 293 -37.10 -47.40 1.03
N LYS D 294 -37.51 -47.72 2.27
CA LYS D 294 -37.98 -46.69 3.18
C LYS D 294 -37.11 -46.69 4.42
N LEU D 295 -36.30 -45.63 4.60
CA LEU D 295 -35.28 -45.60 5.65
C LEU D 295 -35.50 -44.39 6.54
N ASP D 296 -35.34 -44.60 7.83
CA ASP D 296 -35.55 -43.52 8.79
C ASP D 296 -34.22 -42.76 8.98
N VAL D 297 -33.84 -41.96 7.98
CA VAL D 297 -32.58 -41.22 8.02
C VAL D 297 -32.80 -39.81 7.47
N GLN E 16 24.13 -22.63 -6.79
CA GLN E 16 23.86 -21.82 -7.95
C GLN E 16 24.40 -20.41 -7.69
N THR E 17 25.07 -19.82 -8.69
CA THR E 17 25.54 -18.45 -8.54
C THR E 17 25.15 -17.66 -9.76
N VAL E 18 25.27 -16.35 -9.63
CA VAL E 18 25.09 -15.47 -10.73
C VAL E 18 26.37 -14.65 -10.86
N LYS E 19 26.76 -14.33 -12.08
CA LYS E 19 27.91 -13.45 -12.30
C LYS E 19 27.46 -11.97 -12.32
N LEU E 20 28.08 -11.15 -11.48
CA LEU E 20 27.71 -9.74 -11.40
C LEU E 20 28.33 -8.98 -12.57
N ASN E 21 27.92 -7.72 -12.77
CA ASN E 21 28.45 -6.95 -13.91
C ASN E 21 29.98 -6.73 -13.89
N ASN E 22 30.64 -6.97 -12.77
CA ASN E 22 32.11 -6.86 -12.75
C ASN E 22 32.78 -8.22 -12.71
N GLY E 23 31.99 -9.26 -12.95
CA GLY E 23 32.55 -10.59 -13.19
C GLY E 23 32.63 -11.45 -11.95
N ILE E 24 32.39 -10.89 -10.77
CA ILE E 24 32.45 -11.77 -9.58
C ILE E 24 31.20 -12.62 -9.40
N ALA E 25 31.34 -13.76 -8.74
CA ALA E 25 30.25 -14.72 -8.56
C ALA E 25 29.55 -14.49 -7.22
N PRO E 27 26.34 -16.05 -4.69
CA PRO E 27 25.35 -17.14 -4.55
C PRO E 27 23.92 -16.65 -4.79
N LEU E 28 23.05 -17.49 -5.37
CA LEU E 28 21.66 -17.11 -5.55
C LEU E 28 20.79 -17.24 -4.29
N LEU E 29 21.25 -18.03 -3.31
CA LEU E 29 20.47 -18.21 -2.08
C LEU E 29 21.31 -17.70 -0.92
N GLY E 30 20.78 -16.76 -0.19
CA GLY E 30 21.50 -16.21 0.95
C GLY E 30 20.70 -16.17 2.24
N PHE E 31 21.41 -15.95 3.34
CA PHE E 31 20.82 -15.85 4.66
C PHE E 31 20.97 -14.43 5.18
N GLY E 32 19.89 -13.89 5.71
CA GLY E 32 19.94 -12.53 6.22
C GLY E 32 19.69 -12.47 7.71
N VAL E 33 20.46 -11.64 8.39
CA VAL E 33 20.27 -11.39 9.80
C VAL E 33 19.53 -10.07 9.87
N PHE E 34 18.42 -10.04 10.59
CA PHE E 34 17.57 -8.85 10.60
C PHE E 34 17.19 -8.43 12.01
N THR E 37 18.00 -8.83 17.77
CA THR E 37 18.60 -8.11 18.88
C THR E 37 19.46 -8.97 19.79
N ASN E 38 19.03 -10.20 20.07
CA ASN E 38 19.72 -11.08 21.00
C ASN E 38 21.12 -11.44 20.53
N THR E 39 22.10 -11.29 21.43
CA THR E 39 23.50 -11.47 21.08
C THR E 39 23.80 -12.92 20.71
N ALA E 40 23.63 -13.80 21.68
CA ALA E 40 23.86 -15.23 21.48
C ALA E 40 23.00 -15.79 20.37
N GLU E 41 21.74 -15.36 20.29
CA GLU E 41 20.82 -15.91 19.30
C GLU E 41 21.29 -15.55 17.87
N CYS E 42 21.77 -14.31 17.71
CA CYS E 42 22.30 -13.85 16.42
C CYS E 42 23.55 -14.64 16.00
N GLU E 43 24.53 -14.79 16.90
CA GLU E 43 25.74 -15.50 16.52
C GLU E 43 25.45 -16.95 16.19
N ARG E 44 24.64 -17.60 17.01
CA ARG E 44 24.35 -19.00 16.76
C ARG E 44 23.57 -19.19 15.47
N ALA E 45 22.72 -18.23 15.10
CA ALA E 45 21.94 -18.39 13.88
C ALA E 45 22.87 -18.31 12.66
N VAL E 46 23.84 -17.41 12.71
CA VAL E 46 24.80 -17.34 11.60
C VAL E 46 25.64 -18.65 11.52
N ILE E 47 26.13 -19.14 12.66
CA ILE E 47 26.78 -20.46 12.65
C ILE E 47 25.89 -21.56 12.02
N ASP E 48 24.64 -21.63 12.44
CA ASP E 48 23.72 -22.65 11.94
C ASP E 48 23.50 -22.47 10.44
N ALA E 49 23.41 -21.22 10.00
CA ALA E 49 23.15 -20.98 8.57
C ALA E 49 24.31 -21.48 7.72
N ILE E 50 25.53 -21.18 8.13
CA ILE E 50 26.70 -21.63 7.37
C ILE E 50 26.80 -23.16 7.41
N GLU E 51 26.60 -23.75 8.59
CA GLU E 51 26.54 -25.22 8.70
C GLU E 51 25.50 -25.80 7.72
N THR E 52 24.37 -25.12 7.58
CA THR E 52 23.27 -25.53 6.68
C THR E 52 23.67 -25.46 5.21
N GLY E 53 24.66 -24.61 4.90
CA GLY E 53 25.26 -24.52 3.57
C GLY E 53 25.26 -23.11 2.95
N TYR E 54 24.72 -22.12 3.67
CA TYR E 54 24.67 -20.76 3.12
C TYR E 54 26.07 -20.21 3.11
N ARG E 55 26.43 -19.50 2.04
CA ARG E 55 27.75 -18.88 1.98
C ARG E 55 27.60 -17.36 1.76
N LEU E 56 26.44 -16.96 1.26
CA LEU E 56 26.04 -15.54 1.23
C LEU E 56 25.37 -15.17 2.54
N ILE E 57 25.99 -14.27 3.30
CA ILE E 57 25.50 -13.84 4.61
C ILE E 57 25.31 -12.33 4.54
N ASP E 58 24.14 -11.84 4.90
CA ASP E 58 23.83 -10.45 4.68
C ASP E 58 23.58 -9.76 6.04
N THR E 59 24.25 -8.64 6.28
CA THR E 59 23.93 -7.81 7.44
C THR E 59 23.96 -6.35 7.02
N ALA E 60 23.94 -5.43 7.97
CA ALA E 60 23.94 -3.98 7.70
C ALA E 60 24.43 -3.25 8.92
N ALA E 61 25.04 -2.08 8.74
CA ALA E 61 25.53 -1.39 9.95
C ALA E 61 24.31 -1.10 10.85
N SER E 62 23.20 -0.72 10.24
CA SER E 62 22.04 -0.28 11.03
C SER E 62 21.40 -1.44 11.82
N TYR E 63 21.73 -2.69 11.49
CA TYR E 63 21.17 -3.81 12.29
C TYR E 63 21.87 -3.93 13.65
N GLN E 64 23.01 -3.24 13.82
CA GLN E 64 23.73 -3.24 15.13
C GLN E 64 24.18 -4.62 15.60
N ASN E 65 24.48 -5.49 14.66
CA ASN E 65 24.89 -6.84 15.03
C ASN E 65 26.09 -7.31 14.21
N GLU E 66 26.79 -6.35 13.56
CA GLU E 66 28.03 -6.74 12.83
C GLU E 66 29.05 -7.47 13.65
N THR E 67 29.24 -7.04 14.91
CA THR E 67 30.21 -7.72 15.77
C THR E 67 29.86 -9.21 15.92
N GLN E 68 28.57 -9.49 16.16
CA GLN E 68 28.11 -10.89 16.30
C GLN E 68 28.27 -11.69 15.03
N VAL E 69 27.97 -11.05 13.91
CA VAL E 69 28.18 -11.72 12.64
C VAL E 69 29.66 -12.06 12.44
N GLY E 70 30.54 -11.11 12.72
CA GLY E 70 31.98 -11.34 12.59
C GLY E 70 32.44 -12.48 13.53
N ASN E 71 31.91 -12.53 14.73
CA ASN E 71 32.27 -13.61 15.68
C ASN E 71 31.85 -14.98 15.07
N ALA E 72 30.63 -15.03 14.57
CA ALA E 72 30.15 -16.26 13.96
C ALA E 72 30.97 -16.70 12.76
N LEU E 73 31.41 -15.75 11.91
CA LEU E 73 32.26 -16.14 10.80
C LEU E 73 33.55 -16.82 11.31
N LYS E 74 34.18 -16.24 12.33
CA LYS E 74 35.39 -16.83 12.92
C LYS E 74 35.10 -18.25 13.43
N LEU E 75 33.89 -18.45 13.96
CA LEU E 75 33.48 -19.75 14.55
C LEU E 75 33.00 -20.79 13.55
N SER E 76 32.75 -20.36 12.31
CA SER E 76 32.19 -21.24 11.28
C SER E 76 33.17 -22.29 10.79
N GLY E 77 34.46 -21.97 10.89
CA GLY E 77 35.50 -22.80 10.33
C GLY E 77 35.59 -22.85 8.83
N ILE E 78 34.92 -21.91 8.14
CA ILE E 78 34.92 -21.88 6.68
C ILE E 78 35.91 -20.83 6.21
N ALA E 79 36.70 -21.16 5.19
CA ALA E 79 37.72 -20.23 4.73
C ALA E 79 37.10 -18.92 4.20
N ARG E 80 37.82 -17.80 4.37
CA ARG E 80 37.31 -16.48 3.97
C ARG E 80 36.95 -16.41 2.49
N ASP E 81 37.71 -17.09 1.62
CA ASP E 81 37.44 -16.96 0.20
C ASP E 81 36.21 -17.77 -0.24
N GLU E 82 35.66 -18.54 0.68
CA GLU E 82 34.42 -19.27 0.37
C GLU E 82 33.18 -18.58 0.91
N LEU E 83 33.34 -17.48 1.63
CA LEU E 83 32.20 -16.72 2.14
C LEU E 83 31.97 -15.46 1.30
N PHE E 84 30.70 -15.10 1.08
CA PHE E 84 30.33 -13.86 0.41
C PHE E 84 29.60 -13.03 1.44
N ILE E 85 30.30 -12.04 1.99
CA ILE E 85 29.73 -11.20 3.04
C ILE E 85 29.24 -9.87 2.51
N THR E 86 28.01 -9.49 2.86
CA THR E 86 27.46 -8.17 2.48
C THR E 86 27.20 -7.35 3.74
N THR E 87 27.55 -6.07 3.70
CA THR E 87 27.01 -5.17 4.72
C THR E 87 26.65 -3.87 4.03
N LYS E 88 26.11 -2.90 4.79
CA LYS E 88 25.47 -1.73 4.19
C LYS E 88 25.71 -0.45 5.00
N LEU E 89 25.93 0.63 4.27
CA LEU E 89 26.17 1.96 4.84
C LEU E 89 24.87 2.55 5.37
N TRP E 90 24.88 2.93 6.64
CA TRP E 90 23.74 3.56 7.31
C TRP E 90 23.80 5.08 7.11
N LEU E 91 22.63 5.68 6.88
CA LEU E 91 22.50 7.00 6.27
C LEU E 91 23.10 8.15 7.05
N GLN E 92 23.36 7.98 8.34
CA GLN E 92 23.96 9.09 9.07
C GLN E 92 25.36 9.40 8.54
N ASP E 93 25.93 8.44 7.80
CA ASP E 93 27.24 8.63 7.21
C ASP E 93 27.24 8.60 5.69
N THR E 94 26.07 8.83 5.07
CA THR E 94 26.00 8.87 3.60
C THR E 94 26.49 10.21 3.09
N TYR E 95 27.81 10.30 2.94
CA TYR E 95 28.52 11.41 2.31
C TYR E 95 29.95 10.90 2.17
N TYR E 96 30.82 11.69 1.54
CA TYR E 96 32.14 11.16 1.14
C TYR E 96 32.99 10.71 2.35
N GLU E 97 33.26 11.61 3.29
CA GLU E 97 34.17 11.23 4.40
C GLU E 97 33.47 10.24 5.34
N GLY E 98 32.17 10.42 5.53
CA GLY E 98 31.42 9.55 6.42
C GLY E 98 31.40 8.12 5.92
N ALA E 99 31.31 7.93 4.61
CA ALA E 99 31.25 6.55 4.09
C ALA E 99 32.54 5.82 4.38
N LYS E 100 33.68 6.48 4.13
CA LYS E 100 34.96 5.83 4.45
C LYS E 100 35.05 5.51 5.95
N ALA E 101 34.65 6.45 6.80
CA ALA E 101 34.72 6.22 8.25
C ALA E 101 33.83 5.08 8.72
N GLN E 102 32.57 5.06 8.29
CA GLN E 102 31.69 4.02 8.73
C GLN E 102 32.08 2.67 8.18
N PHE E 103 32.49 2.65 6.92
CA PHE E 103 32.97 1.42 6.31
C PHE E 103 34.09 0.82 7.12
N GLU E 104 35.05 1.64 7.54
CA GLU E 104 36.14 1.10 8.38
C GLU E 104 35.66 0.59 9.75
N ARG E 105 34.69 1.26 10.35
CA ARG E 105 34.07 0.73 11.58
C ARG E 105 33.38 -0.61 11.34
N SER E 106 32.67 -0.72 10.22
CA SER E 106 32.08 -2.02 9.85
C SER E 106 33.11 -3.14 9.67
N LEU E 107 34.18 -2.85 8.94
CA LEU E 107 35.23 -3.89 8.77
C LEU E 107 35.79 -4.33 10.14
N ASN E 108 35.98 -3.34 11.03
CA ASN E 108 36.53 -3.66 12.36
C ASN E 108 35.57 -4.52 13.16
N ARG E 109 34.27 -4.19 13.12
CA ARG E 109 33.28 -5.00 13.82
C ARG E 109 33.17 -6.40 13.25
N LEU E 110 33.19 -6.50 11.92
CA LEU E 110 33.08 -7.80 11.24
C LEU E 110 34.36 -8.61 11.34
N GLN E 111 35.44 -7.97 11.77
CA GLN E 111 36.80 -8.60 11.84
C GLN E 111 37.25 -9.13 10.48
N LEU E 112 37.05 -8.30 9.45
CA LEU E 112 37.38 -8.65 8.07
C LEU E 112 38.34 -7.63 7.46
N ASP E 113 39.12 -8.08 6.47
CA ASP E 113 40.00 -7.21 5.69
C ASP E 113 39.29 -6.58 4.48
N TYR E 114 38.19 -7.20 4.05
CA TYR E 114 37.44 -6.72 2.88
C TYR E 114 36.05 -7.28 3.01
N VAL E 115 35.08 -6.65 2.34
CA VAL E 115 33.77 -7.30 2.21
C VAL E 115 33.48 -7.58 0.74
N ASP E 116 32.65 -8.57 0.47
CA ASP E 116 32.35 -8.92 -0.91
C ASP E 116 31.40 -7.96 -1.57
N LEU E 117 30.45 -7.46 -0.78
CA LEU E 117 29.46 -6.53 -1.33
C LEU E 117 29.14 -5.47 -0.27
N TYR E 118 29.15 -4.20 -0.66
CA TYR E 118 28.82 -3.09 0.24
C TYR E 118 27.78 -2.25 -0.45
N LEU E 119 26.66 -2.06 0.24
CA LEU E 119 25.54 -1.31 -0.34
C LEU E 119 25.26 -0.03 0.39
N ILE E 120 24.83 0.99 -0.34
CA ILE E 120 24.16 2.11 0.32
C ILE E 120 22.78 1.61 0.75
N HIS E 121 22.47 1.67 2.04
CA HIS E 121 21.28 1.01 2.54
C HIS E 121 19.96 1.68 2.14
N GLN E 122 19.97 3.01 2.14
CA GLN E 122 18.78 3.80 1.85
C GLN E 122 19.05 4.90 0.82
N PRO E 123 18.03 5.30 0.06
CA PRO E 123 18.21 6.30 -0.99
C PRO E 123 18.14 7.72 -0.42
N TYR E 124 18.82 7.95 0.71
CA TYR E 124 18.75 9.23 1.40
C TYR E 124 20.16 9.75 1.66
N GLY E 125 20.29 11.06 1.78
CA GLY E 125 21.58 11.67 2.05
C GLY E 125 22.40 11.92 0.80
N ASP E 126 23.69 12.22 0.99
CA ASP E 126 24.58 12.54 -0.10
C ASP E 126 25.09 11.25 -0.77
N VAL E 127 24.20 10.63 -1.54
CA VAL E 127 24.48 9.34 -2.15
C VAL E 127 25.59 9.42 -3.19
N HIS E 128 25.68 10.54 -3.92
CA HIS E 128 26.76 10.62 -4.91
C HIS E 128 28.14 10.75 -4.23
N GLY E 129 28.18 11.52 -3.14
CA GLY E 129 29.41 11.60 -2.36
C GLY E 129 29.83 10.27 -1.74
N ALA E 130 28.87 9.57 -1.12
CA ALA E 130 29.16 8.24 -0.60
C ALA E 130 29.62 7.31 -1.71
N TRP E 131 28.98 7.40 -2.88
CA TRP E 131 29.33 6.54 -4.01
C TRP E 131 30.76 6.78 -4.48
N ARG E 132 31.20 8.05 -4.53
CA ARG E 132 32.58 8.31 -4.93
C ARG E 132 33.55 7.61 -3.97
N ALA E 133 33.26 7.70 -2.68
CA ALA E 133 34.15 7.10 -1.69
C ALA E 133 34.16 5.58 -1.88
N GLU E 135 33.56 3.90 -4.63
CA GLU E 135 34.30 3.53 -5.84
C GLU E 135 35.79 3.46 -5.51
N GLU E 136 36.24 4.36 -4.63
CA GLU E 136 37.65 4.37 -4.26
C GLU E 136 38.05 3.14 -3.41
N LEU E 137 37.18 2.78 -2.47
CA LEU E 137 37.39 1.64 -1.59
C LEU E 137 37.41 0.36 -2.41
N HIS E 138 36.53 0.33 -3.41
CA HIS E 138 36.41 -0.76 -4.36
C HIS E 138 37.70 -0.88 -5.17
N GLN E 139 38.16 0.21 -5.78
CA GLN E 139 39.45 0.17 -6.49
C GLN E 139 40.66 -0.19 -5.62
N ALA E 140 40.60 0.15 -4.33
CA ALA E 140 41.65 -0.16 -3.37
C ALA E 140 41.60 -1.62 -2.92
N GLY E 141 40.62 -2.37 -3.42
CA GLY E 141 40.50 -3.77 -3.07
C GLY E 141 39.85 -4.10 -1.73
N LYS E 142 39.23 -3.13 -1.05
CA LYS E 142 38.57 -3.43 0.22
C LYS E 142 37.13 -3.94 0.07
N ILE E 143 36.58 -3.76 -1.13
CA ILE E 143 35.22 -4.15 -1.46
C ILE E 143 35.24 -4.79 -2.83
N ARG E 144 34.71 -6.01 -2.92
CA ARG E 144 34.72 -6.70 -4.21
C ARG E 144 33.67 -6.22 -5.21
N ALA E 145 32.52 -5.74 -4.71
CA ALA E 145 31.46 -5.18 -5.56
C ALA E 145 30.71 -4.12 -4.75
N ILE E 146 30.32 -3.01 -5.39
CA ILE E 146 29.52 -2.00 -4.71
C ILE E 146 28.12 -1.93 -5.29
N GLY E 147 27.15 -1.59 -4.44
CA GLY E 147 25.76 -1.57 -4.89
C GLY E 147 24.89 -0.71 -4.00
N VAL E 148 23.58 -0.84 -4.16
CA VAL E 148 22.67 0.01 -3.40
C VAL E 148 21.49 -0.82 -2.91
N SER E 149 20.58 -0.18 -2.17
CA SER E 149 19.40 -0.89 -1.69
C SER E 149 18.21 0.07 -1.65
N ASN E 150 17.01 -0.43 -2.00
CA ASN E 150 15.81 0.42 -1.94
C ASN E 150 15.85 1.60 -2.91
N PHE E 151 16.59 1.47 -4.01
CA PHE E 151 16.63 2.53 -5.06
C PHE E 151 15.58 2.18 -6.13
N HIS E 152 14.62 3.08 -6.40
CA HIS E 152 13.80 2.92 -7.59
C HIS E 152 14.62 3.13 -8.87
N PRO E 153 14.08 2.68 -10.03
CA PRO E 153 14.84 2.86 -11.27
C PRO E 153 15.23 4.32 -11.56
N ASP E 154 14.41 5.30 -11.20
CA ASP E 154 14.86 6.70 -11.43
C ASP E 154 16.17 7.01 -10.69
N ARG E 155 16.28 6.53 -9.45
CA ARG E 155 17.46 6.78 -8.65
C ARG E 155 18.67 5.97 -9.12
N LEU E 156 18.44 4.75 -9.64
CA LEU E 156 19.52 4.02 -10.27
C LEU E 156 20.06 4.77 -11.49
N ALA E 157 19.13 5.20 -12.35
CA ALA E 157 19.53 5.86 -13.61
C ALA E 157 20.34 7.13 -13.29
N ASP E 158 19.91 7.83 -12.25
CA ASP E 158 20.58 9.07 -11.84
C ASP E 158 21.96 8.73 -11.32
N LEU E 159 22.08 7.70 -10.49
CA LEU E 159 23.40 7.38 -9.96
C LEU E 159 24.33 6.99 -11.08
N ALA E 161 24.17 7.93 -14.25
CA ALA E 161 24.42 9.02 -15.23
C ALA E 161 25.66 9.83 -14.83
N PHE E 162 25.93 9.93 -13.54
CA PHE E 162 26.97 10.83 -13.05
C PHE E 162 28.25 10.17 -12.56
N ASN E 163 28.27 8.82 -12.51
CA ASN E 163 29.40 8.13 -11.91
C ASN E 163 30.02 7.07 -12.80
N LYS E 164 31.13 6.51 -12.33
CA LYS E 164 31.93 5.59 -13.14
C LYS E 164 31.46 4.16 -13.03
N ILE E 165 31.17 3.74 -11.83
CA ILE E 165 30.78 2.35 -11.62
C ILE E 165 29.28 2.22 -11.51
N ILE E 166 28.71 1.33 -12.32
CA ILE E 166 27.30 0.97 -12.26
C ILE E 166 27.12 0.00 -11.06
N PRO E 167 26.09 0.22 -10.25
CA PRO E 167 25.90 -0.62 -9.05
C PRO E 167 25.77 -2.07 -9.48
N ALA E 168 26.50 -2.96 -8.80
CA ALA E 168 26.43 -4.40 -9.12
C ALA E 168 25.10 -5.05 -8.67
N VAL E 169 24.52 -4.55 -7.59
CA VAL E 169 23.34 -5.16 -6.99
C VAL E 169 22.43 -4.05 -6.51
N ASN E 170 21.11 -4.25 -6.55
CA ASN E 170 20.20 -3.34 -5.86
C ASN E 170 19.29 -4.25 -5.04
N GLN E 171 19.31 -4.10 -3.73
CA GLN E 171 18.57 -4.99 -2.85
C GLN E 171 17.24 -4.34 -2.51
N ILE E 172 16.16 -4.98 -2.95
CA ILE E 172 14.82 -4.38 -2.81
C ILE E 172 13.81 -5.40 -2.32
N GLU E 173 12.71 -4.91 -1.76
CA GLU E 173 11.63 -5.82 -1.34
C GLU E 173 11.04 -6.55 -2.56
N VAL E 174 11.03 -7.89 -2.52
CA VAL E 174 10.34 -8.64 -3.57
C VAL E 174 9.57 -9.75 -2.87
N ASN E 175 8.24 -9.71 -2.95
CA ASN E 175 7.43 -10.79 -2.37
C ASN E 175 6.14 -10.89 -3.22
N PRO E 176 5.26 -11.85 -2.93
CA PRO E 176 4.13 -11.99 -3.88
C PRO E 176 3.16 -10.83 -3.94
N PHE E 177 3.19 -9.92 -2.97
CA PHE E 177 2.33 -8.73 -3.05
C PHE E 177 3.03 -7.49 -3.60
N ASN E 178 4.35 -7.53 -3.66
CA ASN E 178 5.10 -6.40 -4.17
C ASN E 178 6.17 -7.02 -5.06
N GLN E 179 5.81 -7.30 -6.32
CA GLN E 179 6.64 -8.16 -7.16
C GLN E 179 7.71 -7.50 -8.00
N GLN E 180 7.70 -6.16 -8.02
CA GLN E 180 8.67 -5.40 -8.83
C GLN E 180 8.58 -5.89 -10.28
N LEU E 181 7.37 -5.94 -10.85
CA LEU E 181 7.22 -6.54 -12.19
C LEU E 181 7.97 -5.76 -13.25
N HIS E 182 8.05 -4.45 -13.07
CA HIS E 182 8.82 -3.60 -14.01
C HIS E 182 10.24 -3.36 -13.52
N ALA E 183 10.38 -3.07 -12.23
CA ALA E 183 11.71 -2.70 -11.74
C ALA E 183 12.76 -3.80 -11.90
N VAL E 184 12.38 -5.06 -11.70
CA VAL E 184 13.33 -6.18 -11.87
C VAL E 184 13.86 -6.27 -13.32
N PRO E 185 12.98 -6.35 -14.33
CA PRO E 185 13.49 -6.31 -15.71
C PRO E 185 14.32 -5.04 -16.02
N TRP E 186 13.90 -3.89 -15.47
CA TRP E 186 14.64 -2.65 -15.73
C TRP E 186 16.07 -2.83 -15.21
N GLN E 188 17.73 -5.59 -14.60
CA GLN E 188 18.43 -6.64 -15.31
C GLN E 188 18.89 -6.16 -16.69
N SER E 189 18.08 -5.31 -17.29
CA SER E 189 18.40 -4.76 -18.61
C SER E 189 19.58 -3.80 -18.58
N ARG E 190 19.93 -3.29 -17.39
CA ARG E 190 21.06 -2.37 -17.24
C ARG E 190 22.25 -3.07 -16.63
N GLY E 191 22.12 -4.37 -16.38
CA GLY E 191 23.23 -5.17 -15.88
C GLY E 191 23.32 -5.14 -14.36
N ILE E 192 22.27 -4.62 -13.69
CA ILE E 192 22.23 -4.55 -12.21
C ILE E 192 21.49 -5.80 -11.68
N GLN E 193 22.11 -6.53 -10.74
CA GLN E 193 21.52 -7.75 -10.23
C GLN E 193 20.54 -7.44 -9.11
N PRO E 194 19.29 -7.90 -9.26
CA PRO E 194 18.33 -7.66 -8.18
C PRO E 194 18.52 -8.64 -7.06
N GLU E 195 18.28 -8.22 -5.82
CA GLU E 195 18.38 -9.14 -4.69
C GLU E 195 17.17 -8.85 -3.80
N ALA E 196 16.43 -9.88 -3.39
CA ALA E 196 15.16 -9.74 -2.69
C ALA E 196 15.35 -9.71 -1.19
N TRP E 197 14.79 -8.69 -0.55
CA TRP E 197 14.56 -8.79 0.89
C TRP E 197 13.05 -8.91 1.23
N ALA E 198 12.75 -9.44 2.41
CA ALA E 198 11.38 -9.80 2.86
C ALA E 198 10.58 -10.60 1.82
N PRO E 199 11.15 -11.73 1.37
CA PRO E 199 10.45 -12.53 0.34
C PRO E 199 9.10 -13.01 0.87
N PHE E 200 8.95 -13.12 2.20
CA PHE E 200 7.70 -13.62 2.70
C PHE E 200 6.83 -12.48 3.27
N ALA E 201 7.22 -11.24 2.98
CA ALA E 201 6.51 -10.06 3.53
C ALA E 201 6.38 -10.12 5.06
N GLU E 202 7.37 -10.74 5.70
CA GLU E 202 7.37 -10.97 7.14
C GLU E 202 6.07 -11.61 7.62
N GLY E 203 5.45 -12.39 6.74
CA GLY E 203 4.22 -13.09 7.03
C GLY E 203 2.98 -12.21 7.04
N ARG E 204 3.14 -10.96 6.63
CA ARG E 204 2.02 -10.04 6.66
C ARG E 204 1.00 -10.42 5.58
N ASN E 205 -0.19 -9.83 5.67
CA ASN E 205 -1.25 -10.01 4.69
C ASN E 205 -1.60 -11.47 4.44
N GLY E 206 -1.44 -12.29 5.47
CA GLY E 206 -1.75 -13.71 5.39
C GLY E 206 -0.93 -14.52 4.40
N LEU E 207 0.28 -14.06 4.08
CA LEU E 207 1.13 -14.77 3.12
C LEU E 207 1.27 -16.28 3.35
N PHE E 208 1.55 -16.70 4.58
CA PHE E 208 1.80 -18.11 4.79
C PHE E 208 0.58 -19.02 4.65
N GLN E 209 -0.62 -18.44 4.64
CA GLN E 209 -1.84 -19.21 4.42
C GLN E 209 -2.49 -18.92 3.06
N ASN E 210 -1.78 -18.19 2.20
CA ASN E 210 -2.36 -17.84 0.91
C ASN E 210 -2.74 -19.11 0.13
N PRO E 211 -3.99 -19.21 -0.30
CA PRO E 211 -4.50 -20.44 -0.90
C PRO E 211 -3.77 -20.82 -2.21
N VAL E 212 -3.43 -19.83 -3.03
CA VAL E 212 -2.73 -20.12 -4.28
C VAL E 212 -1.33 -20.70 -4.05
N LEU E 213 -0.59 -20.11 -3.12
CA LEU E 213 0.77 -20.53 -2.79
C LEU E 213 0.72 -21.88 -2.10
N THR E 214 -0.28 -22.08 -1.28
CA THR E 214 -0.42 -23.35 -0.54
C THR E 214 -0.65 -24.48 -1.53
N ALA E 215 -1.57 -24.28 -2.47
CA ALA E 215 -1.87 -25.28 -3.49
C ALA E 215 -0.66 -25.61 -4.37
N ILE E 216 0.04 -24.59 -4.83
CA ILE E 216 1.26 -24.85 -5.61
C ILE E 216 2.28 -25.69 -4.81
N GLY E 217 2.50 -25.29 -3.56
CA GLY E 217 3.37 -26.07 -2.67
C GLY E 217 2.95 -27.52 -2.57
N GLU E 218 1.65 -27.73 -2.42
CA GLU E 218 1.19 -29.09 -2.21
C GLU E 218 1.48 -30.01 -3.40
N LYS E 219 1.55 -29.46 -4.60
CA LYS E 219 1.95 -30.26 -5.79
C LYS E 219 3.34 -30.84 -5.71
N TYR E 220 4.24 -30.18 -5.00
CA TYR E 220 5.62 -30.62 -5.00
C TYR E 220 6.09 -31.09 -3.63
N GLY E 221 5.16 -31.09 -2.66
CA GLY E 221 5.49 -31.41 -1.29
C GLY E 221 6.43 -30.35 -0.71
N LYS E 222 6.20 -29.10 -1.10
CA LYS E 222 7.03 -27.99 -0.64
C LYS E 222 6.18 -27.01 0.12
N SER E 223 6.80 -26.31 1.07
CA SER E 223 6.09 -25.27 1.84
C SER E 223 5.80 -24.01 1.01
N VAL E 224 4.96 -23.13 1.56
CA VAL E 224 4.73 -21.83 0.94
C VAL E 224 6.03 -21.03 0.82
N GLY E 225 6.82 -21.02 1.90
CA GLY E 225 8.13 -20.39 1.87
C GLY E 225 9.02 -20.90 0.73
N GLN E 226 9.15 -22.22 0.61
CA GLN E 226 9.93 -22.80 -0.50
C GLN E 226 9.40 -22.40 -1.89
N VAL E 227 8.09 -22.34 -2.05
CA VAL E 227 7.50 -21.96 -3.35
C VAL E 227 7.89 -20.53 -3.67
N VAL E 228 7.76 -19.67 -2.67
CA VAL E 228 8.13 -18.27 -2.88
C VAL E 228 9.61 -18.10 -3.25
N LEU E 229 10.49 -18.80 -2.52
CA LEU E 229 11.92 -18.65 -2.83
C LEU E 229 12.21 -19.20 -4.24
N ARG E 230 11.53 -20.29 -4.60
CA ARG E 230 11.75 -20.87 -5.92
C ARG E 230 11.26 -19.89 -7.03
N TRP E 231 10.17 -19.17 -6.77
CA TRP E 231 9.66 -18.20 -7.73
C TRP E 231 10.66 -17.06 -7.93
N ILE E 232 11.20 -16.51 -6.84
CA ILE E 232 12.27 -15.51 -6.91
C ILE E 232 13.50 -16.04 -7.72
N PHE E 233 13.93 -17.25 -7.39
CA PHE E 233 15.03 -17.90 -8.09
C PHE E 233 14.79 -17.96 -9.60
N GLN E 234 13.60 -18.42 -9.98
CA GLN E 234 13.31 -18.57 -11.42
C GLN E 234 13.21 -17.24 -12.15
N ARG E 235 13.07 -16.14 -11.41
CA ARG E 235 13.06 -14.83 -12.04
C ARG E 235 14.49 -14.25 -12.14
N GLY E 236 15.47 -15.05 -11.71
CA GLY E 236 16.87 -14.66 -11.74
C GLY E 236 17.21 -13.57 -10.71
N ILE E 237 16.55 -13.67 -9.56
CA ILE E 237 16.79 -12.75 -8.46
C ILE E 237 17.44 -13.50 -7.29
N VAL E 238 18.51 -12.91 -6.70
CA VAL E 238 19.13 -13.48 -5.49
C VAL E 238 18.20 -13.24 -4.33
N SER E 239 18.06 -14.20 -3.42
CA SER E 239 17.13 -14.05 -2.29
C SER E 239 17.85 -14.09 -0.94
N LEU E 240 17.31 -13.34 0.02
CA LEU E 240 17.73 -13.46 1.42
C LEU E 240 16.56 -13.99 2.26
N ALA E 241 16.76 -15.06 2.99
CA ALA E 241 15.69 -15.60 3.81
C ALA E 241 16.23 -15.68 5.23
N LYS E 242 15.40 -15.28 6.19
CA LYS E 242 15.81 -15.33 7.60
C LYS E 242 15.03 -16.34 8.44
N SER E 243 15.75 -17.11 9.26
CA SER E 243 15.14 -17.83 10.37
C SER E 243 16.15 -17.94 11.50
N VAL E 244 15.68 -18.20 12.72
CA VAL E 244 16.61 -18.55 13.78
C VAL E 244 16.51 -20.04 14.07
N ARG E 245 15.63 -20.71 13.34
CA ARG E 245 15.45 -22.15 13.51
C ARG E 245 16.20 -22.93 12.45
N LYS E 246 17.11 -23.82 12.88
CA LYS E 246 17.93 -24.54 11.90
C LYS E 246 17.08 -25.37 10.93
N GLY E 247 16.02 -25.99 11.45
CA GLY E 247 15.14 -26.79 10.62
C GLY E 247 14.52 -25.93 9.51
N ARG E 248 14.16 -24.69 9.82
CA ARG E 248 13.57 -23.80 8.82
CA ARG E 248 13.58 -23.78 8.83
C ARG E 248 14.61 -23.38 7.79
N GLU E 250 17.19 -25.21 6.80
CA GLU E 250 17.36 -26.36 5.92
C GLU E 250 16.21 -26.42 4.88
N GLU E 251 14.99 -26.10 5.31
CA GLU E 251 13.87 -26.05 4.36
C GLU E 251 14.07 -24.91 3.33
N ASN E 252 14.38 -23.70 3.83
CA ASN E 252 14.59 -22.55 2.92
C ASN E 252 15.65 -22.80 1.86
N ILE E 253 16.72 -23.50 2.22
CA ILE E 253 17.81 -23.68 1.24
C ILE E 253 17.51 -24.82 0.26
N ASN E 254 16.55 -25.66 0.64
CA ASN E 254 16.26 -26.90 -0.12
C ASN E 254 15.19 -26.66 -1.20
N ILE E 255 15.57 -25.85 -2.19
CA ILE E 255 14.65 -25.50 -3.27
C ILE E 255 15.28 -25.77 -4.63
N LEU E 256 16.38 -26.51 -4.66
CA LEU E 256 17.04 -26.78 -5.94
C LEU E 256 16.62 -28.15 -6.50
N ASP E 257 15.67 -28.80 -5.84
CA ASP E 257 15.21 -30.14 -6.24
C ASP E 257 13.80 -30.14 -6.84
N PHE E 258 13.26 -28.97 -7.14
CA PHE E 258 11.99 -28.92 -7.85
C PHE E 258 11.95 -27.68 -8.71
N GLU E 259 10.93 -27.58 -9.54
CA GLU E 259 10.73 -26.37 -10.32
C GLU E 259 9.26 -26.01 -10.46
N LEU E 260 8.98 -24.71 -10.62
CA LEU E 260 7.64 -24.22 -10.81
C LEU E 260 7.38 -24.19 -12.31
N SER E 261 6.17 -24.57 -12.71
CA SER E 261 5.78 -24.56 -14.11
C SER E 261 5.36 -23.18 -14.57
N ALA E 262 5.21 -23.02 -15.88
CA ALA E 262 4.77 -21.73 -16.43
C ALA E 262 3.41 -21.33 -15.85
N GLU E 263 2.53 -22.32 -15.71
CA GLU E 263 1.22 -22.12 -15.11
C GLU E 263 1.33 -21.67 -13.64
N ASP E 264 2.21 -22.30 -12.87
CA ASP E 264 2.49 -21.85 -11.50
C ASP E 264 2.96 -20.40 -11.46
N LEU E 266 2.46 -17.98 -13.57
CA LEU E 266 1.37 -17.09 -13.91
C LEU E 266 0.39 -16.89 -12.75
N GLN E 267 0.04 -17.96 -12.06
CA GLN E 267 -0.84 -17.83 -10.88
C GLN E 267 -0.18 -16.94 -9.82
N ILE E 268 1.12 -17.11 -9.62
CA ILE E 268 1.81 -16.21 -8.67
C ILE E 268 1.84 -14.76 -9.12
N ALA E 269 2.12 -14.54 -10.40
CA ALA E 269 2.16 -13.18 -10.88
C ALA E 269 0.83 -12.42 -10.65
N ALA E 270 -0.28 -13.15 -10.77
CA ALA E 270 -1.61 -12.57 -10.56
C ALA E 270 -1.85 -12.02 -9.14
N LEU E 271 -1.03 -12.46 -8.18
CA LEU E 271 -1.15 -11.95 -6.81
C LEU E 271 -0.64 -10.53 -6.59
N ASP E 272 0.16 -10.01 -7.52
CA ASP E 272 0.82 -8.74 -7.29
C ASP E 272 -0.14 -7.59 -7.05
N THR E 273 0.20 -6.76 -6.07
CA THR E 273 -0.45 -5.46 -5.93
C THR E 273 0.51 -4.27 -5.99
N ALA E 274 1.79 -4.54 -6.23
CA ALA E 274 2.82 -3.50 -6.31
C ALA E 274 2.80 -2.56 -5.08
N THR E 275 2.51 -3.14 -3.93
CA THR E 275 2.43 -2.42 -2.68
C THR E 275 3.34 -3.03 -1.62
N SER E 276 4.25 -2.23 -1.07
CA SER E 276 5.11 -2.73 0.01
C SER E 276 4.30 -3.23 1.19
N ALA E 277 4.78 -4.30 1.81
CA ALA E 277 4.22 -4.76 3.07
C ALA E 277 4.59 -3.82 4.21
N PHE E 278 5.39 -2.78 3.93
CA PHE E 278 5.99 -2.02 5.02
C PHE E 278 5.66 -0.54 4.86
N PHE E 279 6.22 0.08 3.83
CA PHE E 279 6.02 1.51 3.59
C PHE E 279 6.68 1.93 2.28
N SER E 280 6.35 3.11 1.76
CA SER E 280 7.00 3.59 0.53
C SER E 280 8.20 4.47 0.85
N HIS E 281 9.33 4.24 0.17
CA HIS E 281 10.49 5.10 0.37
C HIS E 281 10.30 6.50 -0.24
N ARG E 282 9.20 6.68 -0.98
CA ARG E 282 8.89 8.01 -1.55
C ARG E 282 7.85 8.76 -0.70
N ASP E 283 7.44 8.17 0.43
CA ASP E 283 6.53 8.86 1.37
C ASP E 283 7.37 9.80 2.24
N PRO E 284 7.09 11.13 2.22
CA PRO E 284 8.00 12.04 2.92
C PRO E 284 7.98 11.81 4.46
N ALA E 285 6.88 11.28 5.01
CA ALA E 285 6.84 10.97 6.44
C ALA E 285 7.86 9.88 6.75
N VAL E 287 10.61 9.29 4.84
CA VAL E 287 11.94 9.95 4.76
C VAL E 287 12.26 10.67 6.10
N GLU E 288 11.32 11.45 6.62
CA GLU E 288 11.51 12.15 7.92
C GLU E 288 11.81 11.16 9.07
N TRP E 289 11.09 10.04 9.09
CA TRP E 289 11.27 9.04 10.18
C TRP E 289 12.63 8.41 10.08
N LEU E 290 12.97 7.86 8.91
CA LEU E 290 14.25 7.16 8.79
C LEU E 290 15.43 8.08 8.94
N THR E 291 15.38 9.27 8.34
CA THR E 291 16.57 10.14 8.41
C THR E 291 16.76 10.73 9.80
N GLY E 292 15.73 10.62 10.67
CA GLY E 292 15.83 11.08 12.04
C GLY E 292 16.34 10.02 13.03
N ARG E 293 16.55 8.77 12.62
CA ARG E 293 16.98 7.72 13.58
C ARG E 293 18.43 7.94 13.97
N LYS E 294 18.75 7.68 15.24
CA LYS E 294 20.10 7.98 15.75
C LYS E 294 20.74 6.71 16.24
N LEU E 295 21.74 6.19 15.52
CA LEU E 295 22.28 4.86 15.81
C LEU E 295 23.78 4.97 16.09
N ASP E 296 24.24 4.20 17.06
CA ASP E 296 25.65 4.24 17.43
C ASP E 296 26.43 3.20 16.59
N VAL E 297 26.62 3.49 15.31
CA VAL E 297 27.30 2.55 14.41
C VAL E 297 28.24 3.29 13.51
N GLN F 16 1.08 42.28 -5.00
CA GLN F 16 1.03 41.33 -3.90
C GLN F 16 2.36 40.57 -3.84
N THR F 17 2.90 40.39 -2.64
CA THR F 17 4.10 39.56 -2.50
C THR F 17 3.80 38.48 -1.48
N VAL F 18 4.66 37.47 -1.43
CA VAL F 18 4.68 36.55 -0.30
C VAL F 18 6.04 36.66 0.35
N LYS F 19 6.10 36.45 1.66
CA LYS F 19 7.38 36.48 2.38
C LYS F 19 7.95 35.04 2.43
N LEU F 20 9.19 34.87 1.98
CA LEU F 20 9.79 33.55 1.98
C LEU F 20 10.27 33.19 3.38
N ASN F 21 10.71 31.95 3.58
CA ASN F 21 11.11 31.50 4.91
C ASN F 21 12.32 32.23 5.50
N ASN F 22 13.07 32.95 4.66
CA ASN F 22 14.20 33.70 5.19
C ASN F 22 13.89 35.20 5.23
N GLY F 23 12.63 35.55 5.01
CA GLY F 23 12.21 36.91 5.22
C GLY F 23 12.12 37.74 3.94
N ILE F 24 12.71 37.30 2.84
CA ILE F 24 12.67 38.22 1.68
C ILE F 24 11.31 38.15 0.99
N ALA F 25 10.95 39.22 0.29
CA ALA F 25 9.64 39.27 -0.34
C ALA F 25 9.76 38.90 -1.81
N PRO F 27 7.40 38.60 -5.47
CA PRO F 27 6.11 38.88 -6.12
C PRO F 27 5.31 37.61 -6.38
N LEU F 28 3.98 37.69 -6.28
CA LEU F 28 3.12 36.54 -6.49
C LEU F 28 2.86 36.28 -7.97
N LEU F 29 3.02 37.31 -8.81
CA LEU F 29 2.82 37.16 -10.24
C LEU F 29 4.15 37.40 -10.98
N GLY F 30 4.59 36.41 -11.75
CA GLY F 30 5.83 36.51 -12.48
C GLY F 30 5.73 36.20 -13.94
N PHE F 31 6.78 36.62 -14.67
CA PHE F 31 6.91 36.38 -16.10
C PHE F 31 8.05 35.41 -16.30
N GLY F 32 7.78 34.33 -17.02
CA GLY F 32 8.79 33.32 -17.30
C GLY F 32 9.21 33.39 -18.75
N VAL F 33 10.51 33.40 -18.98
CA VAL F 33 11.05 33.22 -20.30
C VAL F 33 11.49 31.78 -20.26
N PHE F 34 10.97 30.99 -21.17
CA PHE F 34 11.33 29.60 -21.18
C PHE F 34 12.15 29.38 -22.42
N THR F 37 13.88 30.79 -29.00
CA THR F 37 14.99 30.76 -29.93
C THR F 37 15.49 32.14 -30.37
N ASN F 38 14.54 33.03 -30.66
CA ASN F 38 14.88 34.29 -31.30
C ASN F 38 15.38 35.30 -30.30
N THR F 39 16.60 35.78 -30.51
CA THR F 39 17.24 36.65 -29.56
C THR F 39 16.44 37.93 -29.39
N ALA F 40 16.02 38.51 -30.50
CA ALA F 40 15.28 39.76 -30.48
C ALA F 40 13.95 39.59 -29.78
N GLU F 41 13.30 38.47 -30.07
CA GLU F 41 11.98 38.21 -29.51
C GLU F 41 12.08 38.06 -27.98
N CYS F 42 13.12 37.38 -27.52
CA CYS F 42 13.36 37.19 -26.10
C CYS F 42 13.57 38.52 -25.40
N GLU F 43 14.48 39.34 -25.91
CA GLU F 43 14.79 40.61 -25.25
C GLU F 43 13.56 41.50 -25.17
N ARG F 44 12.87 41.63 -26.29
CA ARG F 44 11.72 42.50 -26.34
C ARG F 44 10.61 42.01 -25.41
N ALA F 45 10.46 40.69 -25.30
CA ALA F 45 9.40 40.19 -24.44
C ALA F 45 9.68 40.55 -22.99
N VAL F 46 10.93 40.43 -22.54
CA VAL F 46 11.26 40.80 -21.17
C VAL F 46 11.06 42.32 -20.99
N ILE F 47 11.50 43.13 -21.95
CA ILE F 47 11.20 44.55 -21.88
C ILE F 47 9.69 44.81 -21.78
N ASP F 48 8.89 44.13 -22.60
CA ASP F 48 7.45 44.32 -22.59
C ASP F 48 6.87 43.86 -21.25
N ALA F 49 7.44 42.80 -20.70
CA ALA F 49 6.87 42.24 -19.46
C ALA F 49 7.10 43.24 -18.33
N ILE F 50 8.29 43.83 -18.28
CA ILE F 50 8.57 44.75 -17.17
C ILE F 50 7.76 46.04 -17.33
N GLU F 51 7.58 46.47 -18.58
CA GLU F 51 6.75 47.63 -18.84
C GLU F 51 5.30 47.41 -18.36
N THR F 52 4.84 46.17 -18.50
CA THR F 52 3.48 45.76 -18.21
C THR F 52 3.30 45.76 -16.69
N GLY F 53 4.41 45.61 -15.96
CA GLY F 53 4.39 45.70 -14.51
C GLY F 53 5.04 44.51 -13.81
N TYR F 54 5.51 43.51 -14.55
CA TYR F 54 6.16 42.36 -13.87
C TYR F 54 7.48 42.80 -13.27
N ARG F 55 7.74 42.32 -12.05
CA ARG F 55 9.02 42.57 -11.40
C ARG F 55 9.73 41.23 -11.04
N LEU F 56 8.98 40.14 -11.09
CA LEU F 56 9.58 38.80 -10.97
C LEU F 56 9.78 38.25 -12.40
N ILE F 57 11.04 37.99 -12.77
CA ILE F 57 11.42 37.53 -14.09
C ILE F 57 12.19 36.23 -13.89
N ASP F 58 11.78 35.17 -14.58
CA ASP F 58 12.37 33.84 -14.35
C ASP F 58 13.05 33.32 -15.60
N THR F 59 14.30 32.87 -15.47
CA THR F 59 14.96 32.20 -16.56
C THR F 59 15.74 30.98 -15.98
N ALA F 60 16.64 30.40 -16.77
CA ALA F 60 17.41 29.22 -16.32
C ALA F 60 18.60 29.11 -17.21
N ALA F 61 19.71 28.57 -16.69
CA ALA F 61 20.92 28.49 -17.51
C ALA F 61 20.55 27.64 -18.73
N SER F 62 19.78 26.57 -18.51
CA SER F 62 19.49 25.67 -19.59
C SER F 62 18.63 26.26 -20.72
N TYR F 63 17.95 27.39 -20.47
CA TYR F 63 17.19 28.01 -21.58
C TYR F 63 18.10 28.71 -22.62
N GLN F 64 19.38 28.88 -22.28
CA GLN F 64 20.38 29.48 -23.18
C GLN F 64 20.03 30.89 -23.63
N ASN F 65 19.35 31.63 -22.77
CA ASN F 65 18.97 33.01 -23.08
C ASN F 65 19.26 33.98 -21.92
N GLU F 66 20.10 33.59 -20.95
CA GLU F 66 20.45 34.52 -19.86
C GLU F 66 21.04 35.84 -20.38
N THR F 67 21.85 35.80 -21.43
CA THR F 67 22.47 37.05 -21.94
C THR F 67 21.36 37.99 -22.44
N GLN F 68 20.38 37.44 -23.12
CA GLN F 68 19.27 38.26 -23.63
C GLN F 68 18.44 38.79 -22.49
N VAL F 69 18.21 37.97 -21.47
CA VAL F 69 17.48 38.48 -20.30
C VAL F 69 18.28 39.62 -19.64
N GLY F 70 19.57 39.44 -19.49
CA GLY F 70 20.41 40.48 -18.89
C GLY F 70 20.37 41.77 -19.74
N ASN F 71 20.41 41.63 -21.05
CA ASN F 71 20.34 42.83 -21.92
C ASN F 71 19.03 43.58 -21.67
N ALA F 72 17.91 42.84 -21.64
CA ALA F 72 16.60 43.45 -21.34
C ALA F 72 16.52 44.13 -19.98
N LEU F 73 17.09 43.54 -18.92
CA LEU F 73 17.08 44.24 -17.64
C LEU F 73 17.72 45.64 -17.75
N LYS F 74 18.87 45.72 -18.43
CA LYS F 74 19.57 46.97 -18.64
C LYS F 74 18.67 47.96 -19.41
N LEU F 75 17.89 47.46 -20.36
CA LEU F 75 17.06 48.33 -21.23
C LEU F 75 15.75 48.72 -20.55
N SER F 76 15.43 48.07 -19.43
CA SER F 76 14.11 48.25 -18.82
C SER F 76 14.03 49.60 -18.12
N GLY F 77 15.17 50.12 -17.70
CA GLY F 77 15.20 51.35 -16.92
C GLY F 77 14.67 51.24 -15.49
N ILE F 78 14.52 50.03 -14.99
CA ILE F 78 14.04 49.83 -13.62
C ILE F 78 15.23 49.59 -12.70
N ALA F 79 15.20 50.17 -11.51
CA ALA F 79 16.28 50.00 -10.55
C ALA F 79 16.47 48.52 -10.18
N ARG F 80 17.72 48.10 -10.03
CA ARG F 80 18.03 46.70 -9.71
C ARG F 80 17.31 46.22 -8.46
N ASP F 81 17.22 47.06 -7.43
CA ASP F 81 16.56 46.63 -6.17
C ASP F 81 15.04 46.54 -6.25
N GLU F 82 14.45 46.86 -7.41
CA GLU F 82 13.01 46.65 -7.65
C GLU F 82 12.72 45.38 -8.51
N LEU F 83 13.76 44.73 -8.99
CA LEU F 83 13.60 43.51 -9.78
C LEU F 83 13.91 42.31 -8.92
N PHE F 84 13.14 41.24 -9.15
CA PHE F 84 13.38 39.93 -8.50
C PHE F 84 13.73 38.95 -9.62
N ILE F 85 15.02 38.66 -9.77
CA ILE F 85 15.52 37.81 -10.85
C ILE F 85 15.76 36.38 -10.36
N THR F 86 15.20 35.39 -11.06
CA THR F 86 15.46 33.99 -10.73
C THR F 86 16.24 33.35 -11.89
N THR F 87 17.26 32.56 -11.56
CA THR F 87 17.80 31.65 -12.58
C THR F 87 18.06 30.30 -11.96
N LYS F 88 18.57 29.35 -12.72
CA LYS F 88 18.59 27.96 -12.26
C LYS F 88 19.80 27.19 -12.75
N LEU F 89 20.37 26.39 -11.84
CA LEU F 89 21.53 25.53 -12.10
C LEU F 89 21.18 24.37 -13.02
N TRP F 90 21.87 24.27 -14.15
CA TRP F 90 21.70 23.18 -15.09
C TRP F 90 22.59 21.98 -14.70
N LEU F 91 22.05 20.77 -14.86
CA LEU F 91 22.56 19.56 -14.17
C LEU F 91 23.96 19.10 -14.55
N GLN F 92 24.51 19.59 -15.66
CA GLN F 92 25.91 19.24 -15.94
C GLN F 92 26.83 19.78 -14.85
N ASP F 93 26.34 20.74 -14.08
CA ASP F 93 27.14 21.29 -12.98
C ASP F 93 26.52 21.12 -11.60
N THR F 94 25.62 20.16 -11.45
CA THR F 94 25.06 19.88 -10.14
C THR F 94 26.04 19.05 -9.33
N TYR F 95 27.00 19.76 -8.75
CA TYR F 95 27.92 19.24 -7.75
C TYR F 95 28.62 20.44 -7.13
N TYR F 96 29.44 20.24 -6.10
CA TYR F 96 29.94 21.40 -5.34
C TYR F 96 30.74 22.43 -6.17
N GLU F 97 31.85 22.01 -6.78
CA GLU F 97 32.67 22.94 -7.56
C GLU F 97 31.97 23.48 -8.80
N GLY F 98 31.20 22.63 -9.46
CA GLY F 98 30.52 23.04 -10.67
C GLY F 98 29.43 24.06 -10.40
N ALA F 99 28.74 23.93 -9.27
CA ALA F 99 27.67 24.89 -8.96
C ALA F 99 28.24 26.28 -8.84
N LYS F 100 29.37 26.41 -8.14
CA LYS F 100 30.02 27.73 -8.05
C LYS F 100 30.41 28.25 -9.42
N ALA F 101 30.98 27.38 -10.26
CA ALA F 101 31.43 27.83 -11.57
C ALA F 101 30.29 28.24 -12.47
N GLN F 102 29.23 27.44 -12.52
CA GLN F 102 28.16 27.78 -13.46
C GLN F 102 27.39 28.98 -12.94
N PHE F 103 27.27 29.09 -11.61
CA PHE F 103 26.59 30.26 -11.07
C PHE F 103 27.30 31.53 -11.52
N GLU F 104 28.63 31.55 -11.44
CA GLU F 104 29.38 32.73 -11.89
C GLU F 104 29.20 33.00 -13.38
N ARG F 105 29.10 31.95 -14.18
CA ARG F 105 28.85 32.16 -15.63
C ARG F 105 27.46 32.76 -15.86
N SER F 106 26.50 32.36 -15.04
CA SER F 106 25.12 32.89 -15.09
C SER F 106 25.08 34.37 -14.69
N LEU F 107 25.78 34.72 -13.62
CA LEU F 107 25.85 36.13 -13.18
C LEU F 107 26.48 36.98 -14.25
N ASN F 108 27.55 36.47 -14.87
CA ASN F 108 28.21 37.25 -15.90
C ASN F 108 27.31 37.41 -17.14
N ARG F 109 26.64 36.33 -17.55
CA ARG F 109 25.67 36.47 -18.68
C ARG F 109 24.53 37.42 -18.36
N LEU F 110 24.00 37.36 -17.15
CA LEU F 110 22.88 38.22 -16.74
C LEU F 110 23.31 39.65 -16.42
N GLN F 111 24.63 39.87 -16.40
CA GLN F 111 25.26 41.13 -16.01
C GLN F 111 24.75 41.62 -14.66
N LEU F 112 24.71 40.73 -13.67
CA LEU F 112 24.24 41.10 -12.33
C LEU F 112 25.32 40.82 -11.28
N ASP F 113 25.20 41.44 -10.12
CA ASP F 113 26.15 41.19 -9.03
C ASP F 113 25.59 40.17 -8.07
N TYR F 114 24.27 39.97 -8.13
CA TYR F 114 23.65 38.95 -7.29
C TYR F 114 22.36 38.53 -7.98
N VAL F 115 21.85 37.36 -7.63
CA VAL F 115 20.48 37.01 -8.08
C VAL F 115 19.57 36.92 -6.86
N ASP F 116 18.29 37.15 -7.07
CA ASP F 116 17.36 37.09 -5.95
C ASP F 116 17.02 35.65 -5.58
N LEU F 117 16.95 34.78 -6.57
CA LEU F 117 16.60 33.38 -6.29
C LEU F 117 17.36 32.47 -7.24
N TYR F 118 17.99 31.42 -6.72
CA TYR F 118 18.74 30.49 -7.55
C TYR F 118 18.25 29.12 -7.22
N LEU F 119 17.83 28.39 -8.25
CA LEU F 119 17.23 27.07 -8.02
C LEU F 119 18.06 25.95 -8.62
N ILE F 120 18.13 24.80 -7.95
CA ILE F 120 18.55 23.59 -8.65
C ILE F 120 17.42 23.23 -9.63
N HIS F 121 17.70 23.28 -10.94
CA HIS F 121 16.64 23.10 -11.92
C HIS F 121 15.97 21.71 -11.92
N GLN F 122 16.78 20.66 -11.71
CA GLN F 122 16.30 19.27 -11.77
C GLN F 122 16.74 18.45 -10.58
N PRO F 123 15.96 17.43 -10.24
CA PRO F 123 16.35 16.58 -9.11
C PRO F 123 17.37 15.49 -9.46
N TYR F 124 18.40 15.84 -10.22
CA TYR F 124 19.35 14.83 -10.70
C TYR F 124 20.71 15.32 -10.38
N GLY F 125 21.65 14.38 -10.24
CA GLY F 125 23.03 14.75 -9.93
C GLY F 125 23.30 14.87 -8.45
N ASP F 126 24.47 15.42 -8.16
CA ASP F 126 24.98 15.59 -6.80
C ASP F 126 24.30 16.82 -6.18
N VAL F 127 23.04 16.62 -5.83
CA VAL F 127 22.19 17.72 -5.37
C VAL F 127 22.72 18.22 -4.02
N HIS F 128 23.19 17.31 -3.16
CA HIS F 128 23.70 17.73 -1.84
C HIS F 128 24.98 18.56 -1.93
N GLY F 129 25.89 18.14 -2.79
CA GLY F 129 27.09 18.94 -3.02
C GLY F 129 26.79 20.31 -3.60
N ALA F 130 25.88 20.37 -4.57
CA ALA F 130 25.48 21.66 -5.15
C ALA F 130 24.82 22.54 -4.09
N TRP F 131 23.94 21.94 -3.28
CA TRP F 131 23.29 22.68 -2.22
C TRP F 131 24.32 23.27 -1.22
N ARG F 132 25.35 22.53 -0.87
CA ARG F 132 26.36 23.09 0.03
C ARG F 132 27.00 24.34 -0.56
N ALA F 133 27.30 24.28 -1.86
CA ALA F 133 27.91 25.43 -2.50
C ALA F 133 26.94 26.62 -2.51
N GLU F 135 24.48 27.20 -0.46
CA GLU F 135 24.38 27.78 0.88
C GLU F 135 25.50 28.78 1.11
N GLU F 136 26.70 28.47 0.63
CA GLU F 136 27.83 29.36 0.87
C GLU F 136 27.67 30.64 0.09
N LEU F 137 27.20 30.52 -1.15
CA LEU F 137 27.04 31.68 -2.01
C LEU F 137 25.96 32.60 -1.43
N HIS F 138 24.94 31.98 -0.87
CA HIS F 138 23.83 32.65 -0.19
C HIS F 138 24.35 33.41 1.05
N GLN F 139 25.09 32.74 1.93
CA GLN F 139 25.71 33.44 3.08
C GLN F 139 26.67 34.56 2.69
N ALA F 140 27.35 34.45 1.54
CA ALA F 140 28.24 35.50 1.10
C ALA F 140 27.49 36.67 0.46
N GLY F 141 26.18 36.56 0.33
CA GLY F 141 25.37 37.64 -0.21
C GLY F 141 25.23 37.72 -1.73
N LYS F 142 25.63 36.68 -2.45
CA LYS F 142 25.50 36.64 -3.91
C LYS F 142 24.13 36.14 -4.36
N ILE F 143 23.39 35.56 -3.41
CA ILE F 143 22.07 35.00 -3.72
C ILE F 143 21.15 35.31 -2.56
N ARG F 144 20.02 35.98 -2.83
CA ARG F 144 19.11 36.36 -1.75
C ARG F 144 18.30 35.20 -1.16
N ALA F 145 17.99 34.20 -1.99
CA ALA F 145 17.24 33.02 -1.54
C ALA F 145 17.63 31.84 -2.43
N ILE F 146 17.75 30.65 -1.83
CA ILE F 146 18.06 29.45 -2.57
C ILE F 146 16.90 28.44 -2.52
N GLY F 147 16.75 27.69 -3.60
CA GLY F 147 15.62 26.78 -3.75
C GLY F 147 15.84 25.70 -4.79
N VAL F 148 14.78 25.00 -5.16
CA VAL F 148 14.90 23.87 -6.07
C VAL F 148 13.72 23.87 -7.03
N SER F 149 13.67 22.91 -7.93
CA SER F 149 12.58 22.85 -8.90
C SER F 149 12.37 21.39 -9.27
N ASN F 150 11.09 21.01 -9.44
CA ASN F 150 10.72 19.65 -9.83
C ASN F 150 11.12 18.63 -8.76
N PHE F 151 11.17 19.05 -7.50
CA PHE F 151 11.45 18.09 -6.40
C PHE F 151 10.12 17.62 -5.80
N HIS F 152 9.87 16.31 -5.76
CA HIS F 152 8.72 15.79 -5.01
C HIS F 152 8.98 15.95 -3.49
N PRO F 153 7.93 15.82 -2.65
CA PRO F 153 8.15 15.97 -1.21
C PRO F 153 9.21 15.05 -0.61
N ASP F 154 9.32 13.82 -1.11
CA ASP F 154 10.36 12.92 -0.57
C ASP F 154 11.75 13.54 -0.76
N ARG F 155 11.96 14.14 -1.92
CA ARG F 155 13.29 14.71 -2.21
C ARG F 155 13.52 16.00 -1.43
N LEU F 156 12.46 16.75 -1.16
CA LEU F 156 12.54 17.94 -0.29
C LEU F 156 12.91 17.56 1.12
N ALA F 157 12.20 16.55 1.65
CA ALA F 157 12.48 16.08 3.01
C ALA F 157 13.92 15.61 3.15
N ASP F 158 14.40 14.92 2.12
CA ASP F 158 15.75 14.40 2.14
C ASP F 158 16.75 15.55 2.15
N LEU F 159 16.53 16.55 1.28
CA LEU F 159 17.44 17.71 1.27
C LEU F 159 17.45 18.42 2.65
N ALA F 161 16.77 17.15 5.59
CA ALA F 161 17.26 16.34 6.73
C ALA F 161 18.76 16.48 6.91
N PHE F 162 19.46 16.75 5.81
CA PHE F 162 20.94 16.74 5.87
C PHE F 162 21.61 18.08 5.77
N ASN F 163 20.87 19.16 5.54
CA ASN F 163 21.52 20.44 5.28
C ASN F 163 21.04 21.52 6.19
N LYS F 164 21.69 22.67 6.12
CA LYS F 164 21.43 23.80 7.00
C LYS F 164 20.24 24.68 6.58
N ILE F 165 20.18 25.03 5.30
CA ILE F 165 19.12 25.94 4.85
C ILE F 165 17.97 25.18 4.16
N ILE F 166 16.74 25.43 4.62
CA ILE F 166 15.57 24.83 3.99
C ILE F 166 15.28 25.60 2.69
N PRO F 167 15.02 24.88 1.59
CA PRO F 167 14.77 25.56 0.29
C PRO F 167 13.66 26.59 0.45
N ALA F 168 13.88 27.81 -0.07
CA ALA F 168 12.88 28.87 0.08
C ALA F 168 11.72 28.67 -0.89
N VAL F 169 12.00 28.04 -2.04
CA VAL F 169 11.02 27.90 -3.13
C VAL F 169 11.23 26.51 -3.75
N ASN F 170 10.12 25.89 -4.18
CA ASN F 170 10.20 24.74 -5.05
C ASN F 170 9.26 25.04 -6.21
N GLN F 171 9.84 25.13 -7.39
CA GLN F 171 9.10 25.52 -8.58
C GLN F 171 8.67 24.25 -9.30
N ILE F 172 7.35 24.02 -9.38
CA ILE F 172 6.82 22.77 -9.90
C ILE F 172 5.68 23.07 -10.84
N GLU F 173 5.31 22.09 -11.67
CA GLU F 173 4.16 22.22 -12.54
C GLU F 173 2.87 22.31 -11.70
N VAL F 174 2.08 23.37 -11.92
CA VAL F 174 0.74 23.46 -11.28
C VAL F 174 -0.21 23.93 -12.33
N ASN F 175 -1.20 23.11 -12.69
CA ASN F 175 -2.23 23.58 -13.61
C ASN F 175 -3.53 22.79 -13.29
N PRO F 176 -4.65 23.12 -13.93
CA PRO F 176 -5.89 22.48 -13.46
C PRO F 176 -5.96 20.95 -13.61
N PHE F 177 -5.11 20.35 -14.45
CA PHE F 177 -5.11 18.89 -14.56
C PHE F 177 -4.05 18.22 -13.71
N ASN F 178 -3.17 19.03 -13.12
CA ASN F 178 -2.07 18.53 -12.30
C ASN F 178 -1.90 19.51 -11.15
N GLN F 179 -2.75 19.37 -10.13
CA GLN F 179 -2.94 20.47 -9.19
C GLN F 179 -2.05 20.43 -7.96
N GLN F 180 -1.31 19.33 -7.76
CA GLN F 180 -0.48 19.21 -6.60
C GLN F 180 -1.30 19.33 -5.31
N LEU F 181 -2.42 18.60 -5.21
CA LEU F 181 -3.32 18.81 -4.09
C LEU F 181 -2.68 18.49 -2.75
N HIS F 182 -1.81 17.49 -2.72
CA HIS F 182 -1.05 17.21 -1.50
C HIS F 182 0.30 17.92 -1.40
N ALA F 183 1.04 17.92 -2.49
CA ALA F 183 2.38 18.50 -2.43
C ALA F 183 2.42 20.00 -2.09
N VAL F 184 1.45 20.78 -2.55
CA VAL F 184 1.42 22.22 -2.21
C VAL F 184 1.29 22.44 -0.68
N PRO F 185 0.24 21.86 -0.07
CA PRO F 185 0.11 21.96 1.40
C PRO F 185 1.31 21.35 2.09
N TRP F 186 1.89 20.27 1.54
CA TRP F 186 3.07 19.68 2.23
C TRP F 186 4.21 20.73 2.28
N GLN F 188 4.00 23.96 1.96
CA GLN F 188 3.60 25.12 2.76
C GLN F 188 3.72 24.82 4.27
N SER F 189 3.35 23.61 4.66
CA SER F 189 3.49 23.19 6.06
C SER F 189 4.95 23.13 6.52
N ARG F 190 5.89 23.05 5.59
CA ARG F 190 7.31 23.01 5.92
C ARG F 190 7.99 24.35 5.68
N GLY F 191 7.22 25.38 5.31
CA GLY F 191 7.81 26.70 5.11
C GLY F 191 8.39 26.92 3.71
N ILE F 192 8.13 25.99 2.81
CA ILE F 192 8.66 26.07 1.44
C ILE F 192 7.60 26.70 0.53
N GLN F 193 7.96 27.74 -0.24
CA GLN F 193 6.98 28.41 -1.06
C GLN F 193 6.84 27.74 -2.43
N PRO F 194 5.66 27.26 -2.76
CA PRO F 194 5.41 26.71 -4.09
C PRO F 194 5.40 27.79 -5.16
N GLU F 195 5.99 27.50 -6.32
CA GLU F 195 5.89 28.37 -7.47
C GLU F 195 5.48 27.55 -8.67
N ALA F 196 4.47 28.01 -9.40
CA ALA F 196 3.92 27.25 -10.50
C ALA F 196 4.56 27.50 -11.85
N TRP F 197 4.91 26.43 -12.55
CA TRP F 197 5.23 26.54 -13.96
C TRP F 197 4.19 25.81 -14.81
N ALA F 198 4.07 26.22 -16.07
CA ALA F 198 2.99 25.75 -16.99
C ALA F 198 1.60 25.78 -16.37
N PRO F 199 1.15 26.97 -15.94
CA PRO F 199 -0.17 27.08 -15.29
C PRO F 199 -1.29 26.72 -16.28
N PHE F 200 -1.04 26.85 -17.58
CA PHE F 200 -2.09 26.58 -18.58
C PHE F 200 -1.88 25.21 -19.22
N ALA F 201 -0.94 24.43 -18.67
CA ALA F 201 -0.59 23.14 -19.28
C ALA F 201 -0.19 23.28 -20.77
N GLU F 202 0.44 24.41 -21.07
CA GLU F 202 0.77 24.79 -22.45
C GLU F 202 -0.40 24.60 -23.43
N GLY F 203 -1.63 24.77 -22.92
CA GLY F 203 -2.83 24.62 -23.69
C GLY F 203 -3.28 23.18 -23.96
N ARG F 204 -2.61 22.21 -23.36
CA ARG F 204 -2.84 20.80 -23.70
C ARG F 204 -4.21 20.36 -23.17
N ASN F 205 -4.70 19.23 -23.68
CA ASN F 205 -5.98 18.66 -23.22
C ASN F 205 -7.14 19.66 -23.27
N GLY F 206 -7.14 20.54 -24.26
CA GLY F 206 -8.21 21.51 -24.45
C GLY F 206 -8.45 22.47 -23.30
N LEU F 207 -7.41 22.74 -22.52
CA LEU F 207 -7.52 23.65 -21.37
C LEU F 207 -8.24 24.96 -21.71
N PHE F 208 -7.83 25.65 -22.78
CA PHE F 208 -8.42 26.96 -23.06
C PHE F 208 -9.90 26.97 -23.49
N GLN F 209 -10.41 25.79 -23.85
CA GLN F 209 -11.83 25.65 -24.16
C GLN F 209 -12.57 24.86 -23.06
N ASN F 210 -11.93 24.63 -21.93
CA ASN F 210 -12.60 23.89 -20.84
C ASN F 210 -13.94 24.51 -20.41
N PRO F 211 -15.03 23.74 -20.51
CA PRO F 211 -16.35 24.33 -20.21
C PRO F 211 -16.54 24.87 -18.77
N VAL F 212 -15.97 24.18 -17.79
CA VAL F 212 -16.04 24.67 -16.42
C VAL F 212 -15.29 26.01 -16.25
N LEU F 213 -14.07 26.08 -16.75
CA LEU F 213 -13.26 27.29 -16.62
C LEU F 213 -13.82 28.45 -17.42
N THR F 214 -14.36 28.14 -18.59
CA THR F 214 -15.03 29.14 -19.41
C THR F 214 -16.23 29.73 -18.68
N ALA F 215 -17.07 28.90 -18.06
CA ALA F 215 -18.27 29.41 -17.37
C ALA F 215 -17.85 30.29 -16.18
N ILE F 216 -16.83 29.86 -15.45
CA ILE F 216 -16.36 30.70 -14.34
C ILE F 216 -15.89 32.07 -14.85
N GLY F 217 -15.11 32.08 -15.93
CA GLY F 217 -14.62 33.32 -16.52
C GLY F 217 -15.77 34.26 -16.87
N GLU F 218 -16.80 33.68 -17.48
CA GLU F 218 -17.95 34.47 -17.95
C GLU F 218 -18.61 35.24 -16.81
N LYS F 219 -18.65 34.65 -15.63
CA LYS F 219 -19.17 35.32 -14.44
C LYS F 219 -18.52 36.65 -14.13
N TYR F 220 -17.24 36.79 -14.48
CA TYR F 220 -16.47 37.94 -14.05
C TYR F 220 -15.94 38.78 -15.20
N GLY F 221 -16.26 38.38 -16.44
CA GLY F 221 -15.67 39.03 -17.60
C GLY F 221 -14.17 38.79 -17.69
N LYS F 222 -13.74 37.61 -17.26
CA LYS F 222 -12.32 37.26 -17.28
C LYS F 222 -12.11 36.05 -18.19
N SER F 223 -10.91 35.94 -18.77
CA SER F 223 -10.59 34.81 -19.64
C SER F 223 -10.30 33.56 -18.83
N VAL F 224 -10.29 32.41 -19.50
CA VAL F 224 -9.91 31.17 -18.86
C VAL F 224 -8.52 31.32 -18.23
N GLY F 225 -7.60 31.94 -18.96
CA GLY F 225 -6.27 32.13 -18.45
C GLY F 225 -6.27 32.91 -17.14
N GLN F 226 -7.06 33.99 -17.10
CA GLN F 226 -7.10 34.82 -15.89
C GLN F 226 -7.72 34.04 -14.73
N VAL F 227 -8.77 33.25 -14.98
CA VAL F 227 -9.35 32.36 -13.94
C VAL F 227 -8.30 31.42 -13.37
N VAL F 228 -7.56 30.76 -14.26
CA VAL F 228 -6.54 29.84 -13.80
C VAL F 228 -5.48 30.55 -12.95
N LEU F 229 -5.00 31.71 -13.39
CA LEU F 229 -3.96 32.39 -12.58
C LEU F 229 -4.55 32.81 -11.25
N ARG F 230 -5.82 33.21 -11.25
CA ARG F 230 -6.44 33.69 -10.01
C ARG F 230 -6.63 32.52 -9.05
N TRP F 231 -6.93 31.34 -9.59
CA TRP F 231 -6.99 30.12 -8.78
C TRP F 231 -5.64 29.81 -8.10
N ILE F 232 -4.56 29.85 -8.88
CA ILE F 232 -3.21 29.61 -8.35
C ILE F 232 -2.89 30.61 -7.26
N PHE F 233 -3.21 31.88 -7.52
CA PHE F 233 -3.03 32.97 -6.55
C PHE F 233 -3.76 32.72 -5.21
N GLN F 234 -5.03 32.38 -5.27
CA GLN F 234 -5.82 32.11 -4.05
C GLN F 234 -5.36 30.87 -3.28
N ARG F 235 -4.58 29.98 -3.90
CA ARG F 235 -4.00 28.86 -3.15
C ARG F 235 -2.67 29.26 -2.50
N GLY F 236 -2.29 30.52 -2.66
CA GLY F 236 -1.03 31.01 -2.08
C GLY F 236 0.22 30.54 -2.80
N ILE F 237 0.09 30.36 -4.12
CA ILE F 237 1.19 29.86 -4.97
C ILE F 237 1.63 30.99 -5.90
N VAL F 238 2.96 31.19 -6.01
CA VAL F 238 3.49 32.20 -6.99
C VAL F 238 3.31 31.61 -8.39
N SER F 239 2.95 32.41 -9.40
CA SER F 239 2.82 31.84 -10.74
C SER F 239 3.78 32.45 -11.76
N LEU F 240 4.19 31.63 -12.73
CA LEU F 240 4.90 32.14 -13.91
C LEU F 240 4.07 32.00 -15.15
N ALA F 241 3.80 33.10 -15.85
CA ALA F 241 3.05 33.00 -17.07
C ALA F 241 3.89 33.57 -18.20
N LYS F 242 3.91 32.88 -19.33
CA LYS F 242 4.67 33.38 -20.48
C LYS F 242 3.80 33.78 -21.67
N SER F 243 4.19 34.88 -22.31
CA SER F 243 3.63 35.20 -23.61
C SER F 243 4.64 36.07 -24.32
N VAL F 244 4.57 36.15 -25.65
CA VAL F 244 5.41 37.12 -26.34
C VAL F 244 4.54 38.25 -26.86
N ARG F 245 3.26 38.17 -26.53
CA ARG F 245 2.31 39.19 -26.97
C ARG F 245 1.99 40.14 -25.81
N LYS F 246 2.29 41.44 -25.98
CA LYS F 246 2.14 42.40 -24.88
C LYS F 246 0.70 42.48 -24.39
N GLY F 247 -0.26 42.39 -25.30
CA GLY F 247 -1.67 42.37 -24.94
C GLY F 247 -2.04 41.21 -24.01
N ARG F 248 -1.44 40.05 -24.25
CA ARG F 248 -1.66 38.90 -23.38
C ARG F 248 -0.98 39.06 -22.03
N GLU F 250 -0.69 41.84 -20.45
CA GLU F 250 -1.57 42.77 -19.76
C GLU F 250 -2.78 42.03 -19.20
N GLU F 251 -3.31 41.09 -19.98
CA GLU F 251 -4.38 40.24 -19.47
C GLU F 251 -3.88 39.38 -18.28
N ASN F 252 -2.74 38.71 -18.45
CA ASN F 252 -2.26 37.77 -17.42
C ASN F 252 -2.04 38.43 -16.08
N ILE F 253 -1.60 39.68 -16.10
CA ILE F 253 -1.21 40.33 -14.88
C ILE F 253 -2.45 40.99 -14.22
N ASN F 254 -3.50 41.15 -15.01
CA ASN F 254 -4.70 41.87 -14.54
C ASN F 254 -5.68 40.91 -13.85
N ILE F 255 -5.26 40.35 -12.72
CA ILE F 255 -6.14 39.44 -11.99
C ILE F 255 -6.35 39.88 -10.54
N LEU F 256 -5.94 41.11 -10.21
CA LEU F 256 -6.05 41.53 -8.82
C LEU F 256 -7.32 42.32 -8.58
N ASP F 257 -8.18 42.36 -9.60
CA ASP F 257 -9.45 43.10 -9.55
C ASP F 257 -10.70 42.22 -9.41
N PHE F 258 -10.55 40.91 -9.20
CA PHE F 258 -11.69 40.03 -8.98
C PHE F 258 -11.30 38.91 -8.05
N GLU F 259 -12.28 38.13 -7.60
CA GLU F 259 -11.95 36.93 -6.83
C GLU F 259 -12.87 35.77 -7.16
N LEU F 260 -12.33 34.56 -7.02
CA LEU F 260 -13.13 33.37 -7.22
C LEU F 260 -13.78 32.99 -5.91
N SER F 261 -15.04 32.55 -5.97
CA SER F 261 -15.76 32.08 -4.78
C SER F 261 -15.36 30.68 -4.32
N ALA F 262 -15.76 30.29 -3.11
CA ALA F 262 -15.55 28.92 -2.64
C ALA F 262 -16.14 27.93 -3.63
N GLU F 263 -17.31 28.24 -4.18
CA GLU F 263 -17.94 27.36 -5.15
C GLU F 263 -17.09 27.22 -6.44
N ASP F 264 -16.54 28.34 -6.91
CA ASP F 264 -15.63 28.36 -8.07
C ASP F 264 -14.40 27.47 -7.80
N LEU F 266 -14.11 25.02 -5.72
CA LEU F 266 -14.46 23.63 -5.63
C LEU F 266 -14.62 23.03 -7.03
N GLN F 267 -15.25 23.79 -7.93
CA GLN F 267 -15.42 23.27 -9.28
C GLN F 267 -14.07 23.07 -9.96
N ILE F 268 -13.13 23.98 -9.70
CA ILE F 268 -11.81 23.84 -10.28
C ILE F 268 -11.06 22.61 -9.69
N ALA F 269 -11.13 22.46 -8.38
CA ALA F 269 -10.48 21.31 -7.74
C ALA F 269 -10.93 19.99 -8.34
N ALA F 270 -12.20 19.90 -8.71
CA ALA F 270 -12.72 18.67 -9.29
C ALA F 270 -12.06 18.32 -10.61
N LEU F 271 -11.39 19.30 -11.24
CA LEU F 271 -10.79 19.03 -12.54
C LEU F 271 -9.50 18.20 -12.44
N ASP F 272 -8.90 18.12 -11.26
CA ASP F 272 -7.58 17.48 -11.14
C ASP F 272 -7.51 16.01 -11.60
N THR F 273 -6.47 15.66 -12.36
CA THR F 273 -6.12 14.23 -12.59
C THR F 273 -4.75 13.85 -12.01
N ALA F 274 -4.07 14.81 -11.40
CA ALA F 274 -2.76 14.58 -10.81
C ALA F 274 -1.79 13.98 -11.84
N THR F 275 -1.95 14.41 -13.07
CA THR F 275 -1.13 13.95 -14.18
C THR F 275 -0.42 15.11 -14.88
N SER F 276 0.93 15.08 -14.90
CA SER F 276 1.68 16.07 -15.66
C SER F 276 1.27 16.10 -17.12
N ALA F 277 1.25 17.31 -17.67
CA ALA F 277 1.02 17.45 -19.09
C ALA F 277 2.29 17.14 -19.91
N PHE F 278 3.38 16.80 -19.24
CA PHE F 278 4.68 16.70 -19.88
C PHE F 278 5.28 15.31 -19.68
N PHE F 279 5.70 15.01 -18.47
CA PHE F 279 6.29 13.70 -18.13
C PHE F 279 6.54 13.65 -16.63
N SER F 280 6.92 12.46 -16.12
CA SER F 280 7.27 12.30 -14.73
C SER F 280 8.78 12.35 -14.56
N HIS F 281 9.22 13.10 -13.56
CA HIS F 281 10.65 13.14 -13.25
C HIS F 281 11.09 11.83 -12.58
N ARG F 282 10.13 10.95 -12.27
CA ARG F 282 10.47 9.62 -11.72
C ARG F 282 10.52 8.52 -12.80
N ASP F 283 10.26 8.90 -14.05
CA ASP F 283 10.37 7.94 -15.18
C ASP F 283 11.88 7.81 -15.52
N PRO F 284 12.49 6.60 -15.42
CA PRO F 284 13.95 6.50 -15.63
C PRO F 284 14.34 6.88 -17.06
N ALA F 285 13.41 6.79 -18.01
CA ALA F 285 13.71 7.16 -19.38
C ALA F 285 13.87 8.67 -19.46
N VAL F 287 14.91 10.48 -16.85
CA VAL F 287 16.20 10.69 -16.19
C VAL F 287 17.33 10.50 -17.20
N GLU F 288 17.28 9.41 -17.96
CA GLU F 288 18.33 9.15 -18.94
C GLU F 288 18.38 10.23 -20.03
N TRP F 289 17.22 10.68 -20.50
CA TRP F 289 17.15 11.71 -21.52
C TRP F 289 17.68 13.06 -21.03
N LEU F 290 17.20 13.55 -19.90
CA LEU F 290 17.63 14.86 -19.40
C LEU F 290 19.11 14.83 -18.98
N THR F 291 19.54 13.78 -18.28
CA THR F 291 20.92 13.77 -17.84
C THR F 291 21.92 13.56 -18.99
N GLY F 292 21.44 13.19 -20.18
CA GLY F 292 22.34 13.02 -21.30
C GLY F 292 22.49 14.30 -22.12
N ARG F 293 21.70 15.32 -21.81
CA ARG F 293 21.73 16.56 -22.65
C ARG F 293 23.04 17.32 -22.44
N LYS F 294 23.63 17.83 -23.53
CA LYS F 294 24.87 18.59 -23.43
C LYS F 294 24.62 20.05 -23.86
N LEU F 295 24.84 20.98 -22.93
CA LEU F 295 24.55 22.40 -23.20
C LEU F 295 25.80 23.22 -22.94
N ASP F 296 26.06 24.19 -23.81
CA ASP F 296 27.18 25.09 -23.60
C ASP F 296 26.74 26.25 -22.72
N VAL F 297 26.53 25.96 -21.43
CA VAL F 297 26.12 26.99 -20.46
C VAL F 297 26.95 26.85 -19.18
#